data_9CXB
#
_entry.id   9CXB
#
_cell.length_a   1.00
_cell.length_b   1.00
_cell.length_c   1.00
_cell.angle_alpha   90.00
_cell.angle_beta   90.00
_cell.angle_gamma   90.00
#
_symmetry.space_group_name_H-M   'P 1'
#
loop_
_entity.id
_entity.type
_entity.pdbx_description
1 polymer 'Gamma-aminobutyric acid receptor subunit beta-2'
2 polymer 'Gamma-aminobutyric acid receptor subunit alpha-1'
3 polymer 'Gamma-aminobutyric acid receptor subunit beta-1'
4 polymer 'Gamma-aminobutyric acid receptor subunit alpha-2'
5 polymer 'Gamma-aminobutyric acid receptor subunit gamma-2'
6 polymer 'Kappa Fab_1F4 Light Chain'
7 polymer 'IgG2b Fab_1F4 Heavy Chain'
8 branched beta-D-mannopyranose-(1-4)-2-acetamido-2-deoxy-beta-D-glucopyranose-(1-4)-2-acetamido-2-deoxy-beta-D-glucopyranose
9 branched 2-acetamido-2-deoxy-beta-D-glucopyranose-(1-4)-2-acetamido-2-deoxy-beta-D-glucopyranose
10 branched alpha-D-mannopyranose-(1-2)-alpha-D-mannopyranose-(1-3)-[alpha-D-mannopyranose-(1-6)-alpha-D-mannopyranose-(1-6)]beta-D-mannopyranose-(1-4)-2-acetamido-2-deoxy-beta-D-glucopyranose-(1-4)-2-acetamido-2-deoxy-beta-D-glucopyranose
11 non-polymer 'GAMMA-AMINO-BUTANOIC ACID'
12 non-polymer '(2S)-3-(hexadecanoyloxy)-2-[(9Z)-octadec-9-enoyloxy]propyl 2-(trimethylammonio)ethyl phosphate'
13 non-polymer 2-acetamido-2-deoxy-beta-D-glucopyranose
#
loop_
_entity_poly.entity_id
_entity_poly.type
_entity_poly.pdbx_seq_one_letter_code
_entity_poly.pdbx_strand_id
1 'polypeptide(L)'
;QSVNDPSNMSLVKETVDRLLKGYDIRLRPDFGGPPVAVGMNIDIASIDMVSEVNMDYTLTMYFQQAWRDKRLSYNVIPLN
LTLDNRVADQLWVPDTYFLNDKKSFVHGVTVKNRMIRLHPDGTVLYGLRITTTAACMMDLRRYPLDEQNCTLEIESYGYT
TDDIEFYWRGDDNAVTGVTKIELPQFSIVDYKLITKKVVFSTGSYPRLSLSFKLKRNIGYFILQTYMPSILITILSWVSF
WINYDASAARVALGITTVLTMTTINTHLRETLPKIPYVKAIDMYLMGCFVFVFMALLEYALVNYIFFGRGPQRQKKAAEK
AASANNEKMRLDVNKIFYKDIKQNGTQYRSLWDPTGNLSPTRRTTNYDFSLYTMDPHENILLSTLEIKNEMATSEAVMGL
GDPRSTMLAYDASSIQYRKAGLPRHSFGRNALERHVAQKKSRLRRRASQLKITIPDLTDVNAIDRWSRIFFPVVFSFFNI
VYWLYYVN
;
A
2 'polypeptide(L)'
;QPSLQDELKDNTTVFTRILDRLLDGYDNRLRPGLGERVTEVKTDIFVTSFGPVSDHDMEYTIDVFFRQSWKDERLKFKGP
MTVLRLNNLMASKIWTPDTFFHNGKKSVAHNMTMPNKLLRITEDGTLLYTMRLTVRAECPMHLEDFPMDAHACPLKFGSY
AYTRAEVVYEWTREPARSVVVAEDGSRLNQYDLLGQTVDSGIVQSSTGEYVVMTTHFHLKRKIGYFVIQTYLPCIMTVIL
SQVSFWLNRESVPARTVFGVTTVLTMTTLSISARNSLPKVAYATAMDWFIAVCYAFVFSALIEFATVNYFTKRGYAWDGK
SVVPEKPKKVKDPLIKKNNTYAPTATSYTPNLARGDPGLATIAKSATIEPKEVKPETKPPEPKKTFNSVSKIDRLSRIAF
PLLFGIFNLVYWATYLNREPQLKAPTPHQ
;
B
3 'polypeptide(L)'
;HSTNEPSNMSYVKETVDRLLKGYDIRLRPDFGGPPVDVGMRIDVASIDMVSEVNMDYTLTMYFQQSWKDKRLSYSGIPLN
LTLDNRVADQLWVPDTYFLNDKKSFVHGVTVKNRMIRLHPDGTVLYGLRITTTAACMMDLRRYPLDEQNCTLEIESYGYT
TDDIEFYWNGGEGAVTGVNKIELPQFSIVDYKMVSKKVEFTTGAYPRLSLSFRLKRNIGYFILQTYMPSTLITILSWVSF
WINYDASAARVALGITTVLTMTTISTHLRETLPKIPYVKAIDIYLMGCFVFVFLALLEYAFVNYIFFGKGPQKKGASKQD
QSANEKNKLEMNKVQVDAHGNILLSTLEIRNETSGSEVLTSVSDPKATMYSYDSASIQYRKPLSSREAYGRALDRHGVPS
KGRIRRRASQLKVKIPDLTDVNSIDKWSRMFFPITFSLFNVVYWLYYVH
;
C
4 'polypeptide(L)'
;NIQEDEAKNNITIFTRILDRLLDGYDNRLRPGLGDSITEVFTNIYVTSFGPVSDTDMEYTIDVFFRQKWKDERLKFKGPM
NILRLNNLMASKIWTPDTFFHNGKKSVAHNMTMPNKLLRIQDDGTLLYTMRLTVQAECPMHLEDFPMDAHSCPLKFGSYA
YTTSEVTYIWTYNASDSVQVAPDGSRLNQYDLLGQSIGKETIKSSTGEYTVMTAHFHLKRKIGYFVIQTYLPCIMTVILS
QVSFWLNRESVPARTVFGVTTVLTMTTLSISARNSLPKVAYATAMDWFIAVCYAFVFSALIEFATVNYFTKRGWAWDGKS
VVNDKKKEKASVMIQNNAYAVAVANYAPNLSKDPVLSTISKSATTPEPNKKPENKPAEAKKTFNSVSKIDRMSRIVFPVL
FGTFNLVYWATYLNREPVLGVSP
;
D
5 'polypeptide(L)'
;QKSDDDYEDYASNKTWVLTPKVPEGDVTVILNNLLEGYDNKLRPDIGVKPTLIHTDMYVNSIGPVNAINMEYTIDIFFAQ
TWYDRRLKFNSTIKVLRLNSNMVGKIWIPDTFFRNSKKADAHWITTPNRMLRIWNDGRVLYTLRLTIDAECQLQLHNFPM
DEHSCPLEFSSYGYPREEIVYQWKRSSVEVGDTRSWRLYQFSFVGLRNTTEVVKTTSGDYVVMSVYFDLSRRMGYFTIQT
YIPCTLIVVLSWVSFWINKDAVPARTSLGITTVLTMTTLSTIARKSLPKVSYVTAMDLFVSVCFIFVFSALVEYGTLHYF
VSNRKPSKDKDKKKKNPLLRMFSFKAPTIDIRPRSATIQMNNATHLQERDEEYGYECLDGKDCASFFCCFEDCRTGAWRH
GRIHIRIAKMDSYARIFFPTAFCLFNLVYWVSYLYL
;
E
6 'polypeptide(L)'
;NIVMTQSPKSMSMSVGERVTLSCKASEYVGTYVSWYQQKPEQSPKLLIYGASNRYTGVPDRFTGSGSATDFTLTIGSVQA
EDLADYHCGQSYSYPTFGAGTKLELKRADAAPTVSIFPPSSEQLTSGGASVVCFLNNFYPKDINVKWKIDGSERQNGVLN
SWTDQDSKDSTYSMSSTLTLTKDEYERHNSYTCEATHKTSTSPIVKSFNRNEC
;
I
7 'polypeptide(L)'
;EVQLQQSGAELVKPGASVKLSCTASGFNIKDTYMYWVKQRPEQGLEWIGRIDPANGDTKYDPKFQGKATITTDTFSNTAY
LQLSSLTSEDTAVYYCARKGLRWAMDYWGQGTSVTVSTAKTTPPSVYPLAPGCGDTTGSSVTLGCLVKGYFPESVTVTWN
SGSLSSSVHTFPALLQSGLYTMSSSVTVPSSTWPSQTVTCSVAHPASSTTVDKKLEPSGPISTINPCPPCKECHKCPAPN
LEGGPSVFIFPPNIKDVLMISLTPKVTCVVVDVSEDDPDVQISWFVNNVEVHTAQTQTHREDYNSTIRVVSTLPIQHQDW
MSGKEFKCKVNNKDLPSPIERTISKIKGLVRAPQVYILPPPAEQLSRKDVSLTCLVVGFNPGDISVEWTSNGHTEENYKD
TAPVLDSDGSYFIYSKLNMKTSKWEKTDSFSCNVRHEGLKNYYLKKTISRSPGK
;
J
#
# COMPACT_ATOMS: atom_id res chain seq x y z
N SER A 7 -4.50 55.97 0.26
CA SER A 7 -5.12 54.83 0.93
C SER A 7 -4.12 53.70 1.11
N ASN A 8 -4.20 53.01 2.25
CA ASN A 8 -3.28 51.92 2.55
C ASN A 8 -3.56 50.70 1.68
N MET A 9 -4.85 50.41 1.43
CA MET A 9 -5.23 49.23 0.68
C MET A 9 -4.77 49.32 -0.78
N SER A 10 -4.98 50.47 -1.41
CA SER A 10 -4.56 50.65 -2.80
C SER A 10 -3.04 50.67 -2.92
N LEU A 11 -2.36 51.23 -1.91
CA LEU A 11 -0.90 51.24 -1.90
C LEU A 11 -0.33 49.83 -1.79
N VAL A 12 -0.91 49.01 -0.91
CA VAL A 12 -0.49 47.62 -0.76
C VAL A 12 -0.81 46.83 -2.03
N LYS A 13 -1.94 47.14 -2.66
CA LYS A 13 -2.34 46.46 -3.90
C LYS A 13 -1.37 46.76 -5.04
N GLU A 14 -1.01 48.05 -5.22
CA GLU A 14 -0.11 48.39 -6.32
C GLU A 14 1.32 47.95 -6.01
N THR A 15 1.69 47.87 -4.73
CA THR A 15 3.00 47.35 -4.37
C THR A 15 3.12 45.85 -4.64
N VAL A 16 2.10 45.06 -4.27
CA VAL A 16 2.07 43.64 -4.57
C VAL A 16 2.02 43.40 -6.09
N ASP A 17 1.27 44.24 -6.81
CA ASP A 17 1.24 44.16 -8.27
C ASP A 17 2.58 44.48 -8.89
N ARG A 18 3.33 45.42 -8.30
CA ARG A 18 4.67 45.73 -8.79
C ARG A 18 5.64 44.60 -8.50
N LEU A 19 5.50 43.95 -7.34
CA LEU A 19 6.39 42.87 -6.97
C LEU A 19 6.15 41.63 -7.83
N LEU A 20 4.90 41.30 -8.11
CA LEU A 20 4.60 40.09 -8.86
C LEU A 20 4.68 40.26 -10.37
N LYS A 21 4.86 41.48 -10.87
CA LYS A 21 4.99 41.69 -12.30
C LYS A 21 6.45 41.52 -12.70
N GLY A 22 6.68 40.67 -13.70
CA GLY A 22 8.03 40.38 -14.14
C GLY A 22 8.79 39.41 -13.28
N TYR A 23 8.15 38.80 -12.29
CA TYR A 23 8.80 37.85 -11.41
C TYR A 23 8.97 36.52 -12.14
N ASP A 24 10.21 36.04 -12.22
CA ASP A 24 10.50 34.76 -12.87
C ASP A 24 10.42 33.66 -11.82
N ILE A 25 9.44 32.78 -11.97
CA ILE A 25 9.26 31.66 -11.04
C ILE A 25 10.40 30.64 -11.17
N ARG A 26 11.01 30.54 -12.35
CA ARG A 26 11.98 29.48 -12.61
C ARG A 26 13.37 29.77 -12.07
N LEU A 27 13.65 30.99 -11.63
CA LEU A 27 14.99 31.38 -11.23
C LEU A 27 15.05 31.62 -9.73
N ARG A 28 16.06 31.05 -9.10
CA ARG A 28 16.32 31.27 -7.68
C ARG A 28 16.89 32.67 -7.47
N PRO A 29 16.83 33.20 -6.23
CA PRO A 29 17.48 34.49 -5.95
C PRO A 29 19.00 34.42 -6.15
N ASP A 30 19.55 35.45 -6.79
CA ASP A 30 21.00 35.43 -7.12
C ASP A 30 21.30 34.18 -7.94
N PHE A 31 20.40 33.83 -8.87
CA PHE A 31 20.55 32.58 -9.67
C PHE A 31 21.96 32.47 -10.26
N GLY A 32 22.47 33.55 -10.83
CA GLY A 32 23.80 33.51 -11.48
C GLY A 32 24.91 33.97 -10.56
N GLY A 33 24.64 34.05 -9.25
CA GLY A 33 25.65 34.56 -8.30
C GLY A 33 25.81 33.69 -7.07
N PRO A 34 26.00 34.28 -5.86
CA PRO A 34 26.22 33.51 -4.64
C PRO A 34 24.98 32.73 -4.24
N PRO A 35 25.12 31.65 -3.47
CA PRO A 35 23.96 30.91 -3.02
C PRO A 35 23.11 31.69 -2.03
N VAL A 36 21.84 31.34 -1.98
CA VAL A 36 20.88 31.96 -1.06
C VAL A 36 20.89 31.16 0.24
N ALA A 37 20.77 31.86 1.37
CA ALA A 37 20.82 31.24 2.68
C ALA A 37 19.40 31.07 3.20
N VAL A 38 19.04 29.84 3.54
CA VAL A 38 17.69 29.49 3.97
C VAL A 38 17.75 29.06 5.42
N GLY A 39 17.13 29.84 6.30
CA GLY A 39 17.08 29.50 7.72
C GLY A 39 15.82 28.74 8.05
N MET A 40 15.96 27.76 8.95
CA MET A 40 14.90 26.78 9.19
C MET A 40 14.53 26.74 10.67
N ASN A 41 13.23 26.80 10.94
CA ASN A 41 12.67 26.63 12.28
C ASN A 41 11.62 25.53 12.23
N ILE A 42 11.60 24.69 13.26
CA ILE A 42 10.59 23.64 13.39
C ILE A 42 9.97 23.75 14.77
N ASP A 43 8.65 23.82 14.83
CA ASP A 43 7.91 23.71 16.09
C ASP A 43 7.23 22.35 16.09
N ILE A 44 7.71 21.44 16.93
CA ILE A 44 7.14 20.10 17.01
C ILE A 44 5.78 20.19 17.68
N ALA A 45 4.74 19.72 16.98
CA ALA A 45 3.40 19.72 17.57
C ALA A 45 3.15 18.42 18.34
N SER A 46 3.39 17.28 17.69
CA SER A 46 3.20 15.99 18.33
C SER A 46 4.01 14.93 17.60
N ILE A 47 4.36 13.87 18.33
CA ILE A 47 4.90 12.65 17.75
C ILE A 47 3.89 11.55 18.05
N ASP A 48 3.23 11.05 17.01
CA ASP A 48 2.03 10.25 17.23
C ASP A 48 2.35 8.77 17.47
N MET A 49 2.93 8.10 16.49
CA MET A 49 3.00 6.64 16.48
C MET A 49 4.45 6.21 16.26
N VAL A 50 5.17 5.93 17.34
CA VAL A 50 6.49 5.34 17.21
C VAL A 50 6.31 3.83 17.12
N SER A 51 6.18 3.32 15.89
CA SER A 51 5.81 1.94 15.65
C SER A 51 7.03 1.12 15.25
N GLU A 52 7.19 -0.03 15.89
CA GLU A 52 8.32 -0.90 15.60
C GLU A 52 8.04 -1.89 14.48
N VAL A 53 6.78 -2.21 14.21
CA VAL A 53 6.45 -3.14 13.14
C VAL A 53 6.67 -2.48 11.77
N ASN A 54 6.44 -1.17 11.65
CA ASN A 54 6.59 -0.47 10.39
C ASN A 54 7.86 0.37 10.32
N MET A 55 8.61 0.45 11.43
CA MET A 55 9.91 1.13 11.51
C MET A 55 9.82 2.61 11.12
N ASP A 56 8.83 3.30 11.67
CA ASP A 56 8.64 4.71 11.37
C ASP A 56 7.99 5.41 12.55
N TYR A 57 8.05 6.74 12.52
CA TYR A 57 7.40 7.58 13.51
C TYR A 57 6.67 8.71 12.80
N THR A 58 5.46 9.01 13.27
CA THR A 58 4.62 10.03 12.66
C THR A 58 4.84 11.36 13.38
N LEU A 59 5.34 12.34 12.65
CA LEU A 59 5.74 13.61 13.24
C LEU A 59 4.93 14.73 12.64
N THR A 60 4.27 15.52 13.50
CA THR A 60 3.52 16.70 13.09
C THR A 60 4.25 17.94 13.56
N MET A 61 4.52 18.85 12.63
CA MET A 61 5.41 19.96 12.94
C MET A 61 4.98 21.20 12.19
N TYR A 62 5.42 22.36 12.71
CA TYR A 62 5.21 23.64 12.06
C TYR A 62 6.52 24.02 11.36
N PHE A 63 6.75 23.38 10.22
CA PHE A 63 7.97 23.59 9.45
C PHE A 63 7.97 24.99 8.86
N GLN A 64 9.12 25.66 8.91
CA GLN A 64 9.20 27.07 8.58
C GLN A 64 10.56 27.40 8.00
N GLN A 65 10.58 28.14 6.89
CA GLN A 65 11.80 28.52 6.19
C GLN A 65 11.88 30.02 6.06
N ALA A 66 13.11 30.55 6.03
CA ALA A 66 13.32 31.99 5.94
C ALA A 66 14.56 32.27 5.11
N TRP A 67 14.38 32.87 3.94
CA TRP A 67 15.49 33.23 3.06
C TRP A 67 15.32 34.70 2.69
N ARG A 68 16.15 35.16 1.75
CA ARG A 68 16.05 36.53 1.27
C ARG A 68 15.83 36.53 -0.23
N ASP A 69 14.88 37.36 -0.67
CA ASP A 69 14.58 37.50 -2.09
C ASP A 69 14.62 39.00 -2.39
N LYS A 70 15.64 39.42 -3.15
CA LYS A 70 15.88 40.85 -3.35
C LYS A 70 14.89 41.48 -4.33
N ARG A 71 14.17 40.65 -5.09
CA ARG A 71 13.11 41.16 -5.94
C ARG A 71 11.84 41.50 -5.19
N LEU A 72 11.65 40.87 -4.02
CA LEU A 72 10.41 41.09 -3.23
C LEU A 72 10.70 42.13 -2.14
N SER A 73 11.08 43.34 -2.54
CA SER A 73 11.41 44.41 -1.56
C SER A 73 10.37 45.53 -1.66
N TYR A 74 9.63 45.78 -0.57
CA TYR A 74 8.65 46.90 -0.56
C TYR A 74 9.16 47.98 0.41
N ASN A 75 8.91 49.26 0.09
CA ASN A 75 9.43 50.36 0.95
C ASN A 75 8.28 51.31 1.33
N VAL A 76 7.39 51.60 0.37
CA VAL A 76 6.26 52.54 0.64
C VAL A 76 5.46 52.03 1.84
N ILE A 77 5.29 50.71 1.95
CA ILE A 77 4.59 50.13 3.13
C ILE A 77 5.65 49.70 4.15
N PRO A 78 5.70 50.32 5.36
CA PRO A 78 6.73 49.99 6.35
C PRO A 78 6.37 48.77 7.20
N LEU A 79 5.11 48.33 7.16
CA LEU A 79 4.67 47.19 8.02
C LEU A 79 4.90 45.87 7.27
N ASN A 80 4.88 44.75 8.00
CA ASN A 80 5.10 43.41 7.37
C ASN A 80 3.81 42.98 6.67
N LEU A 81 3.94 42.47 5.43
CA LEU A 81 2.78 42.02 4.68
C LEU A 81 2.62 40.52 4.85
N THR A 82 1.51 40.09 5.42
CA THR A 82 1.15 38.68 5.44
C THR A 82 0.14 38.46 4.33
N LEU A 83 0.58 37.82 3.25
CA LEU A 83 -0.29 37.58 2.12
C LEU A 83 -1.07 36.29 2.31
N ASP A 84 -1.91 35.95 1.33
CA ASP A 84 -2.67 34.72 1.36
C ASP A 84 -1.76 33.53 1.10
N ASN A 85 -2.31 32.34 1.26
CA ASN A 85 -1.55 31.13 1.00
C ASN A 85 -1.59 30.71 -0.47
N ARG A 86 -2.25 31.50 -1.31
CA ARG A 86 -2.33 31.23 -2.75
C ARG A 86 -1.29 32.00 -3.54
N VAL A 87 -0.39 32.72 -2.88
CA VAL A 87 0.71 33.40 -3.57
C VAL A 87 1.96 32.53 -3.59
N ALA A 88 1.96 31.41 -2.85
CA ALA A 88 3.07 30.46 -2.86
C ALA A 88 3.22 29.74 -4.18
N ASP A 89 2.20 29.75 -5.03
CA ASP A 89 2.31 29.25 -6.39
C ASP A 89 2.93 30.27 -7.32
N GLN A 90 3.18 31.49 -6.84
CA GLN A 90 3.72 32.57 -7.66
C GLN A 90 5.12 33.01 -7.25
N LEU A 91 5.51 32.77 -6.00
CA LEU A 91 6.84 33.12 -5.53
C LEU A 91 7.74 31.89 -5.55
N TRP A 92 9.04 32.14 -5.68
CA TRP A 92 10.00 31.04 -5.59
C TRP A 92 10.11 30.56 -4.16
N VAL A 93 10.01 29.25 -3.97
CA VAL A 93 10.25 28.63 -2.67
C VAL A 93 11.32 27.56 -2.86
N PRO A 94 12.13 27.25 -1.84
CA PRO A 94 13.11 26.17 -2.00
C PRO A 94 12.43 24.81 -2.08
N ASP A 95 13.18 23.85 -2.61
CA ASP A 95 12.69 22.52 -2.94
C ASP A 95 13.01 21.51 -1.86
N THR A 96 12.90 21.95 -0.60
CA THR A 96 13.23 21.12 0.56
C THR A 96 12.40 19.86 0.62
N TYR A 97 13.06 18.73 0.80
CA TYR A 97 12.42 17.44 0.96
C TYR A 97 13.02 16.72 2.13
N PHE A 98 12.39 15.63 2.54
CA PHE A 98 12.88 14.82 3.65
C PHE A 98 13.29 13.45 3.10
N LEU A 99 14.52 13.03 3.39
CA LEU A 99 15.05 11.83 2.77
C LEU A 99 14.41 10.57 3.33
N ASN A 100 14.15 10.53 4.62
CA ASN A 100 13.56 9.36 5.26
C ASN A 100 12.04 9.42 5.26
N ASP A 101 11.45 10.35 4.53
CA ASP A 101 10.01 10.50 4.47
C ASP A 101 9.38 9.34 3.72
N LYS A 102 8.26 8.85 4.24
CA LYS A 102 7.46 7.81 3.58
C LYS A 102 6.13 8.33 3.08
N LYS A 103 5.45 9.13 3.87
CA LYS A 103 4.12 9.64 3.49
C LYS A 103 3.86 10.92 4.25
N SER A 104 3.70 12.03 3.55
CA SER A 104 3.52 13.33 4.17
C SER A 104 2.39 14.08 3.49
N PHE A 105 1.79 15.02 4.23
CA PHE A 105 0.72 15.83 3.69
C PHE A 105 0.65 17.15 4.44
N VAL A 106 0.42 18.23 3.69
CA VAL A 106 0.11 19.53 4.24
C VAL A 106 -1.37 19.55 4.54
N HIS A 107 -1.73 19.99 5.74
CA HIS A 107 -3.12 19.96 6.17
C HIS A 107 -3.96 20.97 5.39
N GLY A 108 -5.14 20.55 4.97
CA GLY A 108 -5.97 21.36 4.10
C GLY A 108 -7.34 21.70 4.66
N VAL A 109 -7.42 21.99 5.95
CA VAL A 109 -8.65 22.43 6.59
C VAL A 109 -8.35 23.70 7.38
N THR A 110 -9.09 24.78 7.08
CA THR A 110 -10.16 24.89 6.09
C THR A 110 -9.57 25.28 4.73
N VAL A 111 -8.37 25.82 4.74
CA VAL A 111 -7.60 26.03 3.52
C VAL A 111 -6.29 25.27 3.69
N LYS A 112 -5.41 25.35 2.69
CA LYS A 112 -4.10 24.73 2.79
C LYS A 112 -3.27 25.46 3.83
N ASN A 113 -2.77 24.74 4.82
CA ASN A 113 -2.08 25.33 5.97
C ASN A 113 -0.66 25.69 5.54
N ARG A 114 -0.52 26.87 4.95
CA ARG A 114 0.78 27.44 4.70
C ARG A 114 0.69 28.95 4.81
N MET A 115 1.87 29.58 4.91
CA MET A 115 2.00 30.97 5.29
C MET A 115 3.11 31.61 4.48
N ILE A 116 2.88 32.83 4.00
CA ILE A 116 3.95 33.70 3.52
C ILE A 116 3.79 35.07 4.13
N ARG A 117 4.85 35.55 4.78
CA ARG A 117 4.89 36.88 5.37
C ARG A 117 6.09 37.61 4.78
N LEU A 118 5.84 38.48 3.80
CA LEU A 118 6.90 39.29 3.24
C LEU A 118 7.35 40.34 4.26
N HIS A 119 8.64 40.64 4.21
CA HIS A 119 9.28 41.61 5.08
C HIS A 119 9.81 42.75 4.23
N PRO A 120 10.07 43.96 4.78
CA PRO A 120 10.50 45.09 3.95
C PRO A 120 11.67 44.71 3.02
N ASP A 121 12.73 44.14 3.60
CA ASP A 121 13.91 43.73 2.79
C ASP A 121 13.50 42.60 1.83
N GLY A 122 12.55 41.76 2.25
CA GLY A 122 12.14 40.61 1.41
C GLY A 122 12.45 39.29 2.10
N THR A 123 12.64 39.31 3.43
CA THR A 123 12.86 38.04 4.18
C THR A 123 11.57 37.20 4.11
N VAL A 124 11.37 36.46 3.02
CA VAL A 124 10.12 35.68 2.85
C VAL A 124 9.99 34.70 4.03
N LEU A 125 8.89 34.80 4.78
CA LEU A 125 8.66 33.87 5.92
C LEU A 125 7.70 32.77 5.45
N TYR A 126 8.24 31.61 5.09
CA TYR A 126 7.39 30.51 4.55
C TYR A 126 7.17 29.44 5.62
N GLY A 127 5.99 29.45 6.25
CA GLY A 127 5.68 28.46 7.31
C GLY A 127 4.66 27.43 6.83
N LEU A 128 4.91 26.15 7.11
CA LEU A 128 4.01 25.07 6.64
C LEU A 128 3.65 24.16 7.81
N ARG A 129 2.49 23.49 7.75
CA ARG A 129 2.11 22.55 8.79
C ARG A 129 2.10 21.17 8.16
N ILE A 130 3.11 20.37 8.48
CA ILE A 130 3.37 19.11 7.80
C ILE A 130 3.24 17.98 8.80
N THR A 131 2.47 16.96 8.45
CA THR A 131 2.46 15.71 9.18
C THR A 131 3.20 14.68 8.35
N THR A 132 4.40 14.32 8.78
CA THR A 132 5.26 13.42 8.04
C THR A 132 5.37 12.09 8.77
N THR A 133 5.67 11.04 8.02
CA THR A 133 5.87 9.71 8.57
C THR A 133 7.28 9.30 8.18
N ALA A 134 8.25 9.72 8.98
CA ALA A 134 9.65 9.50 8.65
C ALA A 134 10.08 8.10 9.06
N ALA A 135 10.85 7.44 8.20
CA ALA A 135 11.36 6.12 8.51
C ALA A 135 12.52 6.19 9.47
N CYS A 136 12.50 5.31 10.48
CA CYS A 136 13.55 5.29 11.50
C CYS A 136 13.85 3.83 11.81
N MET A 137 14.99 3.34 11.31
CA MET A 137 15.38 1.96 11.54
C MET A 137 15.80 1.77 13.00
N MET A 138 15.26 0.74 13.63
CA MET A 138 15.41 0.53 15.06
C MET A 138 16.27 -0.70 15.33
N ASP A 139 17.26 -0.53 16.21
CA ASP A 139 18.13 -1.62 16.61
C ASP A 139 17.51 -2.31 17.82
N LEU A 140 16.64 -3.27 17.53
CA LEU A 140 15.92 -4.01 18.57
C LEU A 140 16.71 -5.19 19.11
N ARG A 141 17.98 -4.98 19.50
CA ARG A 141 18.78 -6.04 20.09
C ARG A 141 18.88 -5.90 21.61
N ARG A 142 18.21 -4.91 22.18
CA ARG A 142 18.13 -4.79 23.62
C ARG A 142 16.69 -4.61 24.10
N TYR A 143 15.69 -4.97 23.30
CA TYR A 143 14.29 -4.73 23.62
C TYR A 143 13.88 -5.56 24.83
N PRO A 144 13.08 -5.01 25.76
CA PRO A 144 12.53 -3.66 25.78
C PRO A 144 13.40 -2.65 26.52
N LEU A 145 14.62 -3.01 26.90
CA LEU A 145 15.49 -2.06 27.59
C LEU A 145 16.41 -1.33 26.60
N ASP A 146 15.84 -0.76 25.55
CA ASP A 146 16.60 -0.22 24.44
C ASP A 146 16.56 1.31 24.44
N GLU A 147 17.14 1.88 23.39
CA GLU A 147 17.25 3.32 23.25
C GLU A 147 17.42 3.63 21.78
N GLN A 148 16.43 4.33 21.20
CA GLN A 148 16.37 4.55 19.77
C GLN A 148 16.82 5.96 19.41
N ASN A 149 17.43 6.08 18.23
CA ASN A 149 17.92 7.32 17.66
C ASN A 149 17.14 7.49 16.36
N CYS A 150 16.09 8.30 16.38
CA CYS A 150 15.26 8.55 15.22
C CYS A 150 15.56 9.94 14.66
N THR A 151 15.78 10.01 13.35
CA THR A 151 16.24 11.24 12.70
C THR A 151 15.18 11.79 11.77
N LEU A 152 15.52 12.93 11.15
CA LEU A 152 14.69 13.55 10.11
C LEU A 152 15.63 14.34 9.20
N GLU A 153 15.93 13.77 8.03
CA GLU A 153 16.97 14.33 7.16
C GLU A 153 16.39 15.37 6.23
N ILE A 154 16.67 16.64 6.52
CA ILE A 154 16.18 17.78 5.73
C ILE A 154 17.24 18.12 4.71
N GLU A 155 16.86 18.07 3.42
CA GLU A 155 17.82 18.24 2.35
C GLU A 155 17.18 19.02 1.21
N SER A 156 18.01 19.74 0.45
CA SER A 156 17.56 20.35 -0.78
C SER A 156 17.76 19.40 -1.94
N TYR A 157 16.84 19.42 -2.90
CA TYR A 157 16.85 18.41 -3.96
C TYR A 157 17.58 18.88 -5.22
N GLY A 158 17.10 19.94 -5.85
CA GLY A 158 17.60 20.30 -7.16
C GLY A 158 18.71 21.34 -7.17
N TYR A 159 18.99 21.93 -6.02
CA TYR A 159 19.98 22.99 -5.91
C TYR A 159 21.17 22.49 -5.11
N THR A 160 22.36 22.65 -5.68
CA THR A 160 23.59 22.17 -5.07
C THR A 160 24.08 23.16 -4.02
N THR A 161 25.29 22.92 -3.50
CA THR A 161 25.85 23.77 -2.45
C THR A 161 26.19 25.16 -2.99
N ASP A 162 26.56 25.26 -4.26
CA ASP A 162 26.82 26.56 -4.88
C ASP A 162 25.55 27.19 -5.46
N ASP A 163 24.37 26.71 -5.08
CA ASP A 163 23.11 27.38 -5.38
C ASP A 163 22.25 27.64 -4.15
N ILE A 164 22.46 26.92 -3.05
CA ILE A 164 21.69 27.12 -1.84
C ILE A 164 22.54 26.66 -0.66
N GLU A 165 22.23 27.18 0.53
CA GLU A 165 22.87 26.73 1.75
C GLU A 165 21.87 26.83 2.90
N PHE A 166 21.97 25.87 3.81
CA PHE A 166 20.98 25.70 4.87
C PHE A 166 21.63 26.00 6.21
N TYR A 167 20.84 26.57 7.12
CA TYR A 167 21.29 26.81 8.49
C TYR A 167 20.09 26.81 9.42
N TRP A 168 20.31 26.36 10.64
CA TRP A 168 19.29 26.46 11.67
C TRP A 168 19.22 27.91 12.15
N ARG A 169 18.01 28.45 12.23
CA ARG A 169 17.85 29.85 12.62
C ARG A 169 17.77 29.94 14.13
N GLY A 170 18.79 30.53 14.74
CA GLY A 170 18.85 30.63 16.19
C GLY A 170 19.66 29.56 16.87
N ASP A 171 20.44 28.78 16.13
CA ASP A 171 21.33 27.71 16.61
C ASP A 171 20.49 26.67 17.35
N ASP A 172 20.65 26.49 18.67
CA ASP A 172 19.94 25.44 19.38
C ASP A 172 18.51 25.82 19.74
N ASN A 173 18.10 27.06 19.50
CA ASN A 173 16.72 27.47 19.70
C ASN A 173 15.90 27.36 18.44
N ALA A 174 16.42 26.70 17.40
CA ALA A 174 15.70 26.60 16.14
C ALA A 174 14.54 25.63 16.25
N VAL A 175 14.67 24.58 17.05
CA VAL A 175 13.62 23.59 17.22
C VAL A 175 13.06 23.73 18.63
N THR A 176 11.76 23.98 18.71
CA THR A 176 11.08 24.22 19.98
C THR A 176 9.96 23.21 20.17
N GLY A 177 9.51 23.08 21.41
CA GLY A 177 8.38 22.24 21.71
C GLY A 177 8.69 20.77 21.88
N VAL A 178 9.96 20.37 21.90
CA VAL A 178 10.31 18.97 22.11
C VAL A 178 10.05 18.56 23.54
N THR A 179 10.31 19.45 24.49
CA THR A 179 10.15 19.15 25.91
C THR A 179 8.68 18.93 26.30
N LYS A 180 7.75 19.57 25.60
CA LYS A 180 6.33 19.39 25.90
C LYS A 180 5.75 18.12 25.31
N ILE A 181 6.50 17.39 24.49
CA ILE A 181 6.01 16.14 23.91
C ILE A 181 6.07 15.04 24.94
N GLU A 182 4.96 14.35 25.16
CA GLU A 182 4.94 13.10 25.92
C GLU A 182 4.51 11.98 24.99
N LEU A 183 5.01 10.79 25.26
CA LEU A 183 4.78 9.62 24.43
C LEU A 183 4.17 8.50 25.26
N PRO A 184 3.43 7.57 24.64
CA PRO A 184 2.79 6.51 25.44
C PRO A 184 3.76 5.54 26.08
N GLN A 185 4.79 5.10 25.36
CA GLN A 185 5.76 4.17 25.92
C GLN A 185 7.20 4.63 25.81
N PHE A 186 7.47 5.75 25.17
CA PHE A 186 8.82 6.25 25.01
C PHE A 186 9.01 7.51 25.86
N SER A 187 10.23 8.04 25.82
CA SER A 187 10.56 9.25 26.57
C SER A 187 11.73 9.92 25.88
N ILE A 188 11.54 11.16 25.44
CA ILE A 188 12.57 11.88 24.70
C ILE A 188 13.65 12.32 25.68
N VAL A 189 14.86 11.81 25.48
CA VAL A 189 15.98 12.16 26.36
C VAL A 189 16.69 13.41 25.88
N ASP A 190 17.08 13.45 24.61
CA ASP A 190 17.80 14.60 24.08
C ASP A 190 17.48 14.76 22.61
N TYR A 191 17.65 15.98 22.12
CA TYR A 191 17.53 16.27 20.69
C TYR A 191 18.74 17.09 20.28
N LYS A 192 19.29 16.79 19.10
CA LYS A 192 20.49 17.44 18.62
C LYS A 192 20.30 17.92 17.20
N LEU A 193 21.01 18.99 16.86
CA LEU A 193 20.88 19.67 15.57
C LEU A 193 22.19 19.55 14.81
N ILE A 194 22.15 18.93 13.63
CA ILE A 194 23.34 18.64 12.84
C ILE A 194 23.19 19.27 11.46
N THR A 195 24.19 20.04 11.05
CA THR A 195 24.27 20.54 9.69
C THR A 195 25.53 19.99 9.02
N LYS A 196 25.38 19.53 7.78
CA LYS A 196 26.47 18.94 7.03
C LYS A 196 26.13 18.99 5.55
N LYS A 197 27.01 18.42 4.73
CA LYS A 197 26.81 18.33 3.29
C LYS A 197 26.98 16.89 2.85
N VAL A 198 26.04 16.39 2.07
CA VAL A 198 26.12 15.06 1.49
C VAL A 198 26.53 15.19 0.03
N VAL A 199 27.22 14.18 -0.47
CA VAL A 199 27.74 14.19 -1.84
C VAL A 199 27.11 13.03 -2.59
N PHE A 200 26.45 13.33 -3.71
CA PHE A 200 25.91 12.34 -4.61
C PHE A 200 26.64 12.41 -5.95
N SER A 201 26.17 11.61 -6.90
CA SER A 201 26.78 11.60 -8.22
C SER A 201 26.35 12.79 -9.07
N THR A 202 25.36 13.56 -8.63
CA THR A 202 24.91 14.74 -9.35
C THR A 202 25.48 16.04 -8.79
N GLY A 203 26.03 16.02 -7.58
CA GLY A 203 26.59 17.20 -6.98
C GLY A 203 26.68 17.04 -5.48
N SER A 204 26.92 18.18 -4.81
CA SER A 204 27.02 18.24 -3.37
C SER A 204 25.85 19.05 -2.83
N TYR A 205 25.13 18.49 -1.86
CA TYR A 205 23.89 19.11 -1.42
C TYR A 205 23.92 19.39 0.07
N PRO A 206 23.36 20.53 0.51
CA PRO A 206 23.32 20.83 1.94
C PRO A 206 22.30 19.96 2.66
N ARG A 207 22.49 19.81 3.97
CA ARG A 207 21.65 18.90 4.74
C ARG A 207 21.57 19.36 6.19
N LEU A 208 20.36 19.41 6.71
CA LEU A 208 20.11 19.53 8.14
C LEU A 208 19.46 18.24 8.62
N SER A 209 19.61 17.93 9.90
CA SER A 209 18.96 16.74 10.45
C SER A 209 18.54 17.01 11.88
N LEU A 210 17.28 16.71 12.18
CA LEU A 210 16.74 16.74 13.53
C LEU A 210 16.66 15.31 14.05
N SER A 211 17.31 15.05 15.17
CA SER A 211 17.38 13.69 15.69
C SER A 211 17.02 13.66 17.17
N PHE A 212 16.20 12.68 17.54
CA PHE A 212 15.77 12.49 18.92
C PHE A 212 16.35 11.19 19.46
N LYS A 213 16.61 11.15 20.75
CA LYS A 213 17.11 9.95 21.42
C LYS A 213 15.99 9.40 22.28
N LEU A 214 15.14 8.59 21.67
CA LEU A 214 14.02 7.99 22.39
C LEU A 214 14.50 6.88 23.31
N LYS A 215 13.86 6.76 24.47
CA LYS A 215 14.18 5.72 25.44
C LYS A 215 12.89 5.04 25.87
N ARG A 216 12.88 3.71 25.85
CA ARG A 216 11.68 2.96 26.20
C ARG A 216 11.48 2.94 27.71
N ASN A 217 10.22 3.02 28.12
CA ASN A 217 9.87 2.92 29.53
C ASN A 217 9.78 1.44 29.92
N ILE A 218 10.38 1.10 31.05
CA ILE A 218 10.47 -0.31 31.45
C ILE A 218 9.20 -0.75 32.18
N GLY A 219 8.39 0.20 32.65
CA GLY A 219 7.35 -0.10 33.62
C GLY A 219 6.22 -0.96 33.10
N TYR A 220 5.89 -0.83 31.80
CA TYR A 220 4.83 -1.65 31.22
C TYR A 220 5.29 -3.10 31.07
N PHE A 221 6.44 -3.29 30.45
CA PHE A 221 6.96 -4.66 30.20
C PHE A 221 7.24 -5.36 31.54
N ILE A 222 7.99 -4.56 32.47
CA ILE A 222 8.36 -5.27 33.70
C ILE A 222 7.13 -5.73 34.48
N LEU A 223 5.94 -5.22 34.17
CA LEU A 223 4.74 -5.76 34.79
C LEU A 223 4.00 -6.79 33.93
N GLN A 224 4.11 -6.75 32.61
CA GLN A 224 3.35 -7.73 31.82
C GLN A 224 4.18 -8.69 30.98
N THR A 225 5.51 -8.64 31.04
CA THR A 225 6.34 -9.65 30.37
C THR A 225 7.34 -10.29 31.30
N TYR A 226 7.93 -9.53 32.22
CA TYR A 226 8.97 -10.09 33.08
C TYR A 226 8.37 -10.81 34.29
N MET A 227 7.60 -10.09 35.10
CA MET A 227 6.96 -10.61 36.31
C MET A 227 6.05 -11.82 36.11
N PRO A 228 5.19 -11.93 35.03
CA PRO A 228 4.51 -13.21 34.80
C PRO A 228 5.44 -14.39 34.59
N SER A 229 6.55 -14.17 33.86
CA SER A 229 7.51 -15.23 33.65
C SER A 229 8.21 -15.61 34.95
N ILE A 230 8.51 -14.62 35.78
CA ILE A 230 9.16 -14.87 37.07
C ILE A 230 8.24 -15.66 37.98
N LEU A 231 6.96 -15.27 38.04
CA LEU A 231 6.00 -15.97 38.90
C LEU A 231 5.72 -17.38 38.39
N ILE A 232 5.73 -17.56 37.07
CA ILE A 232 5.57 -18.88 36.48
C ILE A 232 6.77 -19.77 36.79
N THR A 233 7.99 -19.22 36.81
CA THR A 233 9.15 -20.01 37.19
C THR A 233 9.15 -20.34 38.68
N ILE A 234 8.62 -19.44 39.52
CA ILE A 234 8.46 -19.75 40.94
C ILE A 234 7.42 -20.86 41.12
N LEU A 235 6.36 -20.84 40.30
CA LEU A 235 5.31 -21.85 40.40
C LEU A 235 5.79 -23.23 39.95
N SER A 236 6.87 -23.28 39.16
CA SER A 236 7.42 -24.56 38.73
C SER A 236 8.08 -25.30 39.87
N TRP A 237 8.63 -24.56 40.85
CA TRP A 237 9.35 -25.21 41.93
C TRP A 237 8.44 -25.70 43.05
N VAL A 238 7.14 -25.44 42.96
CA VAL A 238 6.17 -25.99 43.90
C VAL A 238 6.10 -27.52 43.77
N SER A 239 6.44 -28.04 42.59
CA SER A 239 6.45 -29.47 42.35
C SER A 239 7.48 -30.21 43.20
N PHE A 240 8.55 -29.51 43.61
CA PHE A 240 9.55 -30.12 44.47
C PHE A 240 9.04 -30.41 45.88
N TRP A 241 8.05 -29.65 46.37
CA TRP A 241 7.49 -29.90 47.69
C TRP A 241 6.34 -30.90 47.67
N ILE A 242 5.82 -31.32 46.40
CA ILE A 242 4.77 -32.39 46.33
C ILE A 242 5.49 -33.75 46.51
N ASN A 243 4.73 -34.80 46.83
CA ASN A 243 5.34 -36.14 47.09
C ASN A 243 5.80 -36.78 45.78
N TYR A 244 6.66 -37.80 45.86
CA TYR A 244 7.20 -38.47 44.65
C TYR A 244 6.15 -39.36 44.00
N ASP A 245 4.94 -39.44 44.58
CA ASP A 245 3.89 -40.33 44.05
C ASP A 245 2.80 -39.52 43.33
N ALA A 246 2.79 -38.20 43.50
CA ALA A 246 1.71 -37.36 42.91
C ALA A 246 2.06 -36.96 41.47
N SER A 247 2.17 -37.93 40.57
CA SER A 247 2.48 -37.63 39.15
C SER A 247 1.33 -36.83 38.52
N ALA A 248 0.12 -37.33 38.60
CA ALA A 248 -0.95 -36.47 38.07
C ALA A 248 -0.59 -35.04 38.49
N ALA A 249 -0.54 -34.77 39.79
CA ALA A 249 -0.29 -33.39 40.24
C ALA A 249 1.02 -32.85 39.66
N ARG A 250 2.15 -33.47 39.95
CA ARG A 250 3.44 -32.87 39.52
C ARG A 250 3.50 -32.79 37.99
N VAL A 251 2.95 -33.79 37.30
CA VAL A 251 3.17 -33.75 35.83
C VAL A 251 2.37 -32.58 35.32
N ALA A 252 1.14 -32.45 35.79
CA ALA A 252 0.36 -31.26 35.40
C ALA A 252 1.21 -30.02 35.70
N LEU A 253 1.63 -29.81 36.94
CA LEU A 253 2.38 -28.54 37.19
C LEU A 253 3.40 -28.35 36.07
N GLY A 254 4.36 -29.28 35.94
CA GLY A 254 5.43 -29.03 34.94
C GLY A 254 4.90 -28.75 33.56
N ILE A 255 4.11 -29.65 32.98
CA ILE A 255 3.67 -29.46 31.58
C ILE A 255 2.97 -28.11 31.46
N THR A 256 2.07 -27.79 32.37
CA THR A 256 1.30 -26.53 32.30
C THR A 256 2.25 -25.33 32.31
N THR A 257 3.18 -25.26 33.26
CA THR A 257 4.17 -24.16 33.26
C THR A 257 4.90 -24.10 31.92
N VAL A 258 5.49 -25.20 31.46
CA VAL A 258 6.28 -25.11 30.20
C VAL A 258 5.37 -24.57 29.10
N LEU A 259 4.16 -25.10 29.01
CA LEU A 259 3.27 -24.74 27.89
C LEU A 259 2.95 -23.25 27.95
N THR A 260 2.59 -22.76 29.12
CA THR A 260 2.22 -21.33 29.29
C THR A 260 3.41 -20.48 28.88
N MET A 261 4.61 -20.87 29.32
CA MET A 261 5.80 -20.04 29.01
C MET A 261 5.92 -19.99 27.49
N THR A 262 5.85 -21.14 26.82
CA THR A 262 6.05 -21.10 25.36
C THR A 262 4.98 -20.20 24.74
N THR A 263 3.76 -20.37 25.22
CA THR A 263 2.63 -19.63 24.61
C THR A 263 2.89 -18.14 24.77
N ILE A 264 3.30 -17.68 25.93
CA ILE A 264 3.49 -16.20 26.04
C ILE A 264 4.65 -15.84 25.10
N ASN A 265 5.76 -16.58 25.14
CA ASN A 265 6.86 -16.29 24.19
C ASN A 265 6.27 -16.02 22.80
N THR A 266 5.44 -16.94 22.30
CA THR A 266 4.86 -16.79 20.93
C THR A 266 3.95 -15.57 20.84
N HIS A 267 2.87 -15.53 21.61
CA HIS A 267 1.88 -14.43 21.55
C HIS A 267 2.58 -13.11 21.78
N LEU A 268 3.71 -13.16 22.48
CA LEU A 268 4.42 -11.89 22.53
C LEU A 268 5.08 -11.53 21.20
N ARG A 269 5.68 -12.50 20.51
CA ARG A 269 6.62 -12.16 19.45
C ARG A 269 5.97 -11.78 18.11
N GLU A 270 4.64 -11.80 17.97
CA GLU A 270 4.04 -11.33 16.72
C GLU A 270 3.79 -9.83 16.72
N THR A 271 4.03 -9.17 17.87
CA THR A 271 3.83 -7.69 18.00
C THR A 271 5.13 -6.95 17.74
N LEU A 272 6.07 -7.58 17.04
CA LEU A 272 7.35 -6.93 16.67
C LEU A 272 7.60 -7.24 15.19
N PRO A 273 8.52 -6.56 14.49
CA PRO A 273 8.85 -6.91 13.10
C PRO A 273 9.50 -8.30 13.05
N LYS A 274 9.49 -8.95 11.88
CA LYS A 274 10.13 -10.28 11.73
C LYS A 274 11.65 -10.10 11.73
N ILE A 275 12.23 -9.76 12.88
CA ILE A 275 13.71 -9.57 12.99
C ILE A 275 14.37 -10.93 13.25
N PRO A 276 15.56 -11.21 12.69
CA PRO A 276 16.19 -12.52 12.84
C PRO A 276 17.16 -12.63 14.03
N TYR A 277 17.19 -11.62 14.90
CA TYR A 277 18.16 -11.64 16.03
C TYR A 277 17.44 -11.96 17.35
N VAL A 278 18.16 -11.86 18.47
CA VAL A 278 17.59 -12.23 19.80
C VAL A 278 17.44 -10.97 20.64
N LYS A 279 16.22 -10.68 21.10
CA LYS A 279 15.96 -9.47 21.92
C LYS A 279 16.03 -9.87 23.40
N ALA A 280 16.56 -9.02 24.26
CA ALA A 280 16.79 -9.27 25.68
C ALA A 280 15.61 -9.99 26.31
N ILE A 281 14.39 -9.61 25.92
CA ILE A 281 13.19 -10.26 26.42
C ILE A 281 13.10 -11.69 25.92
N ASP A 282 13.58 -11.95 24.70
CA ASP A 282 13.61 -13.31 24.18
C ASP A 282 14.66 -14.15 24.90
N MET A 283 15.79 -13.54 25.27
CA MET A 283 16.81 -14.23 26.05
C MET A 283 16.30 -14.61 27.44
N TYR A 284 15.59 -13.68 28.10
CA TYR A 284 15.01 -13.97 29.40
C TYR A 284 13.93 -15.04 29.32
N LEU A 285 13.08 -14.98 28.30
CA LEU A 285 12.03 -15.97 28.14
C LEU A 285 12.55 -17.30 27.63
N MET A 286 13.78 -17.34 27.11
CA MET A 286 14.42 -18.62 26.83
C MET A 286 15.04 -19.21 28.09
N GLY A 287 15.64 -18.36 28.93
CA GLY A 287 16.23 -18.84 30.17
C GLY A 287 15.18 -19.37 31.15
N CYS A 288 14.03 -18.68 31.23
CA CYS A 288 12.94 -19.16 32.07
C CYS A 288 12.38 -20.49 31.56
N PHE A 289 12.30 -20.64 30.23
CA PHE A 289 11.85 -21.90 29.65
C PHE A 289 12.84 -23.02 29.94
N VAL A 290 14.14 -22.70 29.92
CA VAL A 290 15.17 -23.68 30.27
C VAL A 290 15.03 -24.12 31.73
N PHE A 291 14.77 -23.17 32.64
CA PHE A 291 14.58 -23.51 34.04
C PHE A 291 13.36 -24.38 34.27
N VAL A 292 12.24 -24.06 33.60
CA VAL A 292 11.01 -24.84 33.78
C VAL A 292 11.18 -26.24 33.18
N PHE A 293 11.82 -26.34 32.01
CA PHE A 293 12.11 -27.62 31.40
C PHE A 293 13.05 -28.46 32.25
N MET A 294 14.01 -27.82 32.91
CA MET A 294 14.88 -28.54 33.83
C MET A 294 14.13 -29.04 35.06
N ALA A 295 13.12 -28.28 35.53
CA ALA A 295 12.28 -28.76 36.62
C ALA A 295 11.47 -30.00 36.21
N LEU A 296 10.93 -29.98 34.99
CA LEU A 296 10.16 -31.12 34.49
C LEU A 296 11.04 -32.35 34.32
N LEU A 297 12.25 -32.19 33.77
CA LEU A 297 13.16 -33.31 33.66
C LEU A 297 13.71 -33.73 35.03
N GLU A 298 13.73 -32.82 36.01
CA GLU A 298 14.08 -33.22 37.37
C GLU A 298 13.05 -34.15 37.96
N TYR A 299 11.76 -33.86 37.75
CA TYR A 299 10.72 -34.78 38.22
C TYR A 299 10.76 -36.10 37.44
N ALA A 300 11.08 -36.04 36.14
CA ALA A 300 11.19 -37.27 35.35
C ALA A 300 12.36 -38.13 35.84
N LEU A 301 13.47 -37.50 36.22
CA LEU A 301 14.61 -38.23 36.77
C LEU A 301 14.28 -38.82 38.14
N VAL A 302 13.51 -38.09 38.95
CA VAL A 302 13.08 -38.61 40.25
C VAL A 302 12.18 -39.83 40.08
N ASN A 303 11.23 -39.75 39.14
CA ASN A 303 10.34 -40.88 38.87
C ASN A 303 11.11 -42.07 38.30
N TYR A 304 12.11 -41.81 37.45
CA TYR A 304 12.93 -42.90 36.92
C TYR A 304 13.76 -43.57 38.01
N ILE A 305 14.41 -42.78 38.86
CA ILE A 305 15.28 -43.35 39.88
C ILE A 305 14.46 -44.03 40.99
N PHE A 306 13.18 -43.68 41.15
CA PHE A 306 12.35 -44.44 42.06
C PHE A 306 11.80 -45.71 41.45
N PHE A 307 11.06 -45.59 40.33
CA PHE A 307 10.34 -46.75 39.81
C PHE A 307 11.23 -47.64 38.94
N GLY A 308 12.00 -47.05 38.03
CA GLY A 308 12.80 -47.83 37.11
C GLY A 308 13.98 -48.53 37.76
N ARG A 309 14.84 -47.77 38.42
CA ARG A 309 16.00 -48.33 39.09
C ARG A 309 15.64 -48.84 40.48
N VAL A 460 17.76 -40.31 46.40
CA VAL A 460 16.43 -40.32 45.81
C VAL A 460 15.59 -39.19 46.39
N ASN A 461 15.37 -39.23 47.71
CA ASN A 461 14.65 -38.16 48.37
C ASN A 461 15.55 -36.95 48.63
N ALA A 462 16.86 -37.10 48.47
CA ALA A 462 17.77 -35.98 48.65
C ALA A 462 17.72 -35.04 47.46
N ILE A 463 17.19 -35.51 46.33
CA ILE A 463 17.11 -34.73 45.10
C ILE A 463 16.15 -33.56 45.28
N ASP A 464 15.07 -33.79 46.04
CA ASP A 464 14.11 -32.72 46.30
C ASP A 464 14.74 -31.59 47.13
N ARG A 465 15.51 -31.95 48.16
CA ARG A 465 16.17 -30.94 48.97
C ARG A 465 17.28 -30.23 48.19
N TRP A 466 18.06 -31.01 47.44
CA TRP A 466 19.09 -30.39 46.57
C TRP A 466 18.40 -29.43 45.60
N SER A 467 17.36 -29.89 44.89
CA SER A 467 16.68 -29.04 43.88
C SER A 467 16.02 -27.83 44.55
N ARG A 468 15.34 -28.04 45.69
CA ARG A 468 14.62 -26.93 46.37
C ARG A 468 15.61 -25.82 46.75
N ILE A 469 16.88 -26.17 46.94
CA ILE A 469 17.92 -25.16 47.27
C ILE A 469 18.59 -24.73 45.96
N PHE A 470 18.86 -25.68 45.06
CA PHE A 470 19.57 -25.34 43.83
C PHE A 470 18.83 -24.31 43.00
N PHE A 471 17.61 -24.63 42.56
CA PHE A 471 16.84 -23.88 41.57
C PHE A 471 16.56 -22.41 41.92
N PRO A 472 16.17 -22.02 43.15
CA PRO A 472 16.10 -20.58 43.46
C PRO A 472 17.44 -19.87 43.40
N VAL A 473 18.52 -20.53 43.80
CA VAL A 473 19.85 -19.92 43.76
C VAL A 473 20.29 -19.70 42.32
N VAL A 474 20.11 -20.71 41.46
CA VAL A 474 20.51 -20.59 40.05
C VAL A 474 19.62 -19.58 39.33
N PHE A 475 18.33 -19.54 39.65
CA PHE A 475 17.44 -18.55 39.04
C PHE A 475 17.78 -17.13 39.48
N SER A 476 18.11 -16.93 40.76
CA SER A 476 18.53 -15.61 41.22
C SER A 476 19.86 -15.20 40.61
N PHE A 477 20.78 -16.15 40.43
CA PHE A 477 22.05 -15.86 39.77
C PHE A 477 21.85 -15.48 38.30
N PHE A 478 20.94 -16.18 37.60
CA PHE A 478 20.60 -15.82 36.23
C PHE A 478 19.94 -14.44 36.15
N ASN A 479 19.08 -14.12 37.12
CA ASN A 479 18.49 -12.78 37.17
C ASN A 479 19.55 -11.71 37.43
N ILE A 480 20.53 -12.01 38.29
CA ILE A 480 21.63 -11.08 38.54
C ILE A 480 22.44 -10.83 37.28
N VAL A 481 22.75 -11.90 36.53
CA VAL A 481 23.50 -11.76 35.29
C VAL A 481 22.69 -10.99 34.23
N TYR A 482 21.39 -11.29 34.13
CA TYR A 482 20.54 -10.63 33.13
C TYR A 482 20.35 -9.15 33.44
N TRP A 483 20.10 -8.80 34.70
CA TRP A 483 19.93 -7.40 35.08
C TRP A 483 21.26 -6.68 35.26
N LEU A 484 22.38 -7.39 35.21
CA LEU A 484 23.68 -6.74 35.16
C LEU A 484 24.12 -6.47 33.73
N TYR A 485 23.72 -7.33 32.78
CA TYR A 485 24.08 -7.10 31.38
C TYR A 485 23.19 -6.04 30.74
N TYR A 486 21.88 -6.30 30.70
CA TYR A 486 20.94 -5.38 30.06
C TYR A 486 20.50 -4.34 31.08
N VAL A 487 21.36 -3.36 31.34
CA VAL A 487 21.02 -2.26 32.22
C VAL A 487 21.78 -1.00 31.83
N ASP B 10 17.95 44.58 -16.03
CA ASP B 10 18.32 43.96 -14.76
C ASP B 10 19.29 42.81 -15.02
N ASN B 11 19.95 42.34 -13.96
CA ASN B 11 20.92 41.27 -14.11
C ASN B 11 20.26 39.93 -14.38
N THR B 12 19.09 39.68 -13.80
CA THR B 12 18.38 38.42 -13.97
C THR B 12 17.55 38.37 -15.25
N THR B 13 17.47 39.47 -16.00
CA THR B 13 16.75 39.49 -17.27
C THR B 13 17.46 38.65 -18.34
N VAL B 14 18.77 38.44 -18.19
CA VAL B 14 19.55 37.67 -19.16
C VAL B 14 19.08 36.22 -19.20
N PHE B 15 18.83 35.61 -18.05
CA PHE B 15 18.36 34.24 -18.03
C PHE B 15 16.89 34.11 -18.41
N THR B 16 16.08 35.14 -18.12
CA THR B 16 14.66 35.11 -18.45
C THR B 16 14.46 35.11 -19.96
N ARG B 17 15.18 35.98 -20.68
CA ARG B 17 15.07 35.99 -22.13
C ARG B 17 15.70 34.75 -22.77
N ILE B 18 16.70 34.13 -22.11
CA ILE B 18 17.24 32.86 -22.59
C ILE B 18 16.19 31.76 -22.50
N LEU B 19 15.50 31.67 -21.36
CA LEU B 19 14.47 30.63 -21.20
C LEU B 19 13.27 30.89 -22.10
N ASP B 20 12.89 32.15 -22.29
CA ASP B 20 11.76 32.45 -23.16
C ASP B 20 12.13 32.28 -24.63
N ARG B 21 13.41 32.39 -24.99
CA ARG B 21 13.82 32.03 -26.33
C ARG B 21 13.90 30.52 -26.51
N LEU B 22 14.24 29.80 -25.44
CA LEU B 22 14.23 28.33 -25.51
C LEU B 22 12.81 27.78 -25.70
N LEU B 23 11.85 28.33 -24.98
CA LEU B 23 10.49 27.81 -25.03
C LEU B 23 9.65 28.42 -26.14
N ASP B 24 10.20 29.32 -26.94
CA ASP B 24 9.45 29.94 -28.03
C ASP B 24 9.46 29.00 -29.24
N GLY B 25 8.28 28.68 -29.75
CA GLY B 25 8.19 27.74 -30.85
C GLY B 25 8.50 26.31 -30.47
N TYR B 26 8.32 25.96 -29.21
CA TYR B 26 8.62 24.61 -28.72
C TYR B 26 7.33 23.81 -28.70
N ASP B 27 7.38 22.57 -29.19
CA ASP B 27 6.27 21.65 -29.13
C ASP B 27 6.65 20.51 -28.20
N ASN B 28 6.03 20.48 -27.02
CA ASN B 28 6.33 19.44 -26.04
C ASN B 28 5.57 18.15 -26.28
N ARG B 29 4.72 18.09 -27.30
CA ARG B 29 4.04 16.86 -27.68
C ARG B 29 4.90 15.96 -28.55
N LEU B 30 6.01 16.47 -29.09
CA LEU B 30 6.84 15.73 -30.02
C LEU B 30 8.21 15.47 -29.41
N ARG B 31 8.66 14.22 -29.50
CA ARG B 31 9.98 13.85 -29.01
C ARG B 31 11.06 14.45 -29.90
N PRO B 32 12.28 14.64 -29.39
CA PRO B 32 13.35 15.21 -30.21
C PRO B 32 13.77 14.27 -31.33
N GLY B 33 13.65 14.75 -32.57
CA GLY B 33 13.92 13.93 -33.72
C GLY B 33 12.84 12.89 -33.96
N LEU B 34 11.61 13.34 -34.21
CA LEU B 34 10.50 12.42 -34.38
C LEU B 34 10.59 11.66 -35.69
N GLY B 35 10.88 12.37 -36.78
CA GLY B 35 11.01 11.75 -38.08
C GLY B 35 12.42 11.62 -38.60
N GLU B 36 13.43 11.79 -37.76
CA GLU B 36 14.81 11.81 -38.22
C GLU B 36 15.69 10.75 -37.56
N ARG B 37 15.52 10.57 -36.26
CA ARG B 37 16.42 9.63 -35.54
C ARG B 37 15.70 8.96 -34.38
N VAL B 38 16.46 8.29 -33.53
CA VAL B 38 15.92 7.59 -32.38
C VAL B 38 16.40 8.28 -31.11
N THR B 39 15.46 8.55 -30.22
CA THR B 39 15.75 9.22 -28.96
C THR B 39 16.39 8.23 -28.00
N GLU B 40 17.66 8.47 -27.67
CA GLU B 40 18.38 7.61 -26.73
C GLU B 40 18.29 8.23 -25.34
N VAL B 41 17.74 7.48 -24.40
CA VAL B 41 17.56 7.94 -23.03
C VAL B 41 18.49 7.13 -22.14
N LYS B 42 19.40 7.80 -21.44
CA LYS B 42 20.37 7.13 -20.60
C LYS B 42 19.88 7.13 -19.15
N THR B 43 19.88 5.97 -18.51
CA THR B 43 19.21 5.78 -17.23
C THR B 43 20.19 5.25 -16.19
N ASP B 44 20.06 5.73 -14.95
CA ASP B 44 20.70 5.08 -13.82
C ASP B 44 19.83 5.29 -12.58
N ILE B 45 20.02 4.42 -11.60
CA ILE B 45 19.20 4.36 -10.40
C ILE B 45 20.12 4.42 -9.20
N PHE B 46 19.81 5.29 -8.24
CA PHE B 46 20.49 5.33 -6.94
C PHE B 46 19.50 4.85 -5.90
N VAL B 47 19.64 3.60 -5.46
CA VAL B 47 18.72 3.02 -4.48
C VAL B 47 19.05 3.58 -3.12
N THR B 48 18.24 4.51 -2.64
CA THR B 48 18.49 5.13 -1.35
C THR B 48 18.13 4.24 -0.18
N SER B 49 17.12 3.39 -0.33
CA SER B 49 16.73 2.46 0.75
C SER B 49 15.91 1.34 0.14
N PHE B 50 16.43 0.13 0.19
CA PHE B 50 15.69 -1.05 -0.23
C PHE B 50 14.75 -1.42 0.91
N GLY B 51 13.47 -1.07 0.77
CA GLY B 51 12.53 -1.18 1.86
C GLY B 51 12.10 -2.62 2.11
N PRO B 52 11.10 -2.76 2.98
CA PRO B 52 10.74 -4.10 3.47
C PRO B 52 10.03 -4.93 2.40
N VAL B 53 10.33 -6.22 2.39
CA VAL B 53 9.71 -7.15 1.48
C VAL B 53 8.52 -7.79 2.17
N SER B 54 7.32 -7.57 1.66
CA SER B 54 6.13 -8.20 2.26
C SER B 54 5.84 -9.50 1.53
N ASP B 55 5.97 -10.63 2.21
CA ASP B 55 5.75 -11.95 1.58
C ASP B 55 4.27 -12.14 1.30
N HIS B 56 3.41 -11.78 2.25
CA HIS B 56 1.97 -12.03 2.08
C HIS B 56 1.50 -11.58 0.70
N ASP B 57 2.01 -10.43 0.24
CA ASP B 57 1.59 -9.87 -1.07
C ASP B 57 2.69 -10.15 -2.12
N MET B 58 3.73 -10.89 -1.74
CA MET B 58 4.85 -11.19 -2.67
C MET B 58 5.28 -9.88 -3.36
N GLU B 59 5.54 -8.84 -2.57
CA GLU B 59 5.91 -7.52 -3.15
C GLU B 59 7.06 -6.91 -2.35
N TYR B 60 7.67 -5.85 -2.87
CA TYR B 60 8.76 -5.18 -2.16
C TYR B 60 8.70 -3.70 -2.49
N THR B 61 9.23 -2.89 -1.58
CA THR B 61 9.25 -1.44 -1.74
C THR B 61 10.70 -0.99 -1.91
N ILE B 62 10.93 -0.08 -2.85
CA ILE B 62 12.27 0.45 -3.08
C ILE B 62 12.17 1.95 -3.29
N ASP B 63 13.02 2.71 -2.59
CA ASP B 63 13.08 4.18 -2.80
C ASP B 63 14.32 4.47 -3.64
N VAL B 64 14.16 5.13 -4.79
CA VAL B 64 15.34 5.31 -5.70
C VAL B 64 15.45 6.75 -6.21
N PHE B 65 16.65 7.16 -6.60
CA PHE B 65 16.85 8.49 -7.22
C PHE B 65 16.83 8.29 -8.72
N PHE B 66 15.67 7.92 -9.28
CA PHE B 66 15.59 7.61 -10.73
C PHE B 66 16.19 8.77 -11.54
N ARG B 67 17.15 8.47 -12.43
CA ARG B 67 17.81 9.52 -13.24
C ARG B 67 17.75 9.18 -14.72
N GLN B 68 17.26 10.11 -15.55
CA GLN B 68 17.26 9.91 -16.98
C GLN B 68 17.99 11.07 -17.64
N SER B 69 18.52 10.83 -18.84
CA SER B 69 19.24 11.86 -19.58
C SER B 69 19.08 11.59 -21.07
N TRP B 70 18.83 12.64 -21.84
CA TRP B 70 18.62 12.50 -23.27
C TRP B 70 19.05 13.77 -23.98
N LYS B 71 19.33 13.64 -25.28
CA LYS B 71 19.79 14.76 -26.09
C LYS B 71 18.59 15.40 -26.79
N ASP B 72 18.41 16.70 -26.57
CA ASP B 72 17.38 17.47 -27.24
C ASP B 72 18.03 18.64 -27.95
N GLU B 73 17.83 18.73 -29.27
CA GLU B 73 18.48 19.77 -30.06
C GLU B 73 17.77 21.12 -30.00
N ARG B 74 16.55 21.17 -29.49
CA ARG B 74 15.79 22.40 -29.45
C ARG B 74 16.05 23.22 -28.19
N LEU B 75 16.91 22.74 -27.30
CA LEU B 75 17.24 23.42 -26.07
C LEU B 75 18.72 23.82 -26.03
N LYS B 76 19.22 24.34 -27.14
CA LYS B 76 20.58 24.85 -27.21
C LYS B 76 20.58 26.35 -26.88
N PHE B 77 21.55 26.77 -26.08
CA PHE B 77 21.64 28.18 -25.72
C PHE B 77 23.10 28.57 -25.60
N LYS B 78 23.36 29.86 -25.72
CA LYS B 78 24.69 30.44 -25.54
C LYS B 78 24.57 31.57 -24.53
N GLY B 79 25.18 31.40 -23.37
CA GLY B 79 25.10 32.39 -22.33
C GLY B 79 26.28 32.36 -21.39
N PRO B 80 26.20 33.11 -20.28
CA PRO B 80 27.32 33.13 -19.33
C PRO B 80 27.43 31.85 -18.49
N MET B 81 26.38 31.03 -18.44
CA MET B 81 26.36 29.84 -17.60
C MET B 81 26.23 28.62 -18.49
N THR B 82 27.09 27.62 -18.26
CA THR B 82 27.06 26.42 -19.10
C THR B 82 25.90 25.50 -18.73
N VAL B 83 25.59 25.38 -17.45
CA VAL B 83 24.54 24.48 -16.97
C VAL B 83 23.46 25.32 -16.30
N LEU B 84 22.22 25.15 -16.76
CA LEU B 84 21.07 25.84 -16.16
C LEU B 84 20.40 24.86 -15.20
N ARG B 85 20.64 25.04 -13.91
CA ARG B 85 20.01 24.21 -12.89
C ARG B 85 18.66 24.81 -12.55
N LEU B 86 17.61 24.37 -13.23
CA LEU B 86 16.28 25.01 -13.05
C LEU B 86 15.40 24.23 -12.08
N ASN B 87 14.13 24.64 -11.94
CA ASN B 87 13.21 24.00 -10.96
C ASN B 87 12.31 22.98 -11.67
N ASN B 88 11.32 22.43 -10.96
CA ASN B 88 10.40 21.41 -11.55
C ASN B 88 9.49 22.06 -12.58
N LEU B 89 9.11 23.33 -12.38
CA LEU B 89 8.18 24.00 -13.31
C LEU B 89 8.66 23.79 -14.75
N MET B 90 9.97 24.00 -14.98
CA MET B 90 10.53 23.86 -16.32
C MET B 90 10.40 22.43 -16.85
N ALA B 91 10.25 21.45 -15.97
CA ALA B 91 10.19 20.05 -16.41
C ALA B 91 8.89 19.73 -17.14
N SER B 92 7.79 20.37 -16.76
CA SER B 92 6.52 20.10 -17.41
C SER B 92 6.35 20.83 -18.73
N LYS B 93 7.18 21.81 -19.03
CA LYS B 93 7.07 22.57 -20.26
C LYS B 93 7.96 22.05 -21.38
N ILE B 94 8.78 21.03 -21.12
CA ILE B 94 9.64 20.41 -22.12
C ILE B 94 9.25 18.95 -22.24
N TRP B 95 9.74 18.31 -23.31
CA TRP B 95 9.44 16.90 -23.51
C TRP B 95 10.22 16.05 -22.51
N THR B 96 9.52 15.12 -21.87
CA THR B 96 10.13 14.17 -20.97
C THR B 96 9.69 12.77 -21.34
N PRO B 97 10.58 11.78 -21.25
CA PRO B 97 10.20 10.41 -21.61
C PRO B 97 9.19 9.81 -20.64
N ASP B 98 8.36 8.93 -21.17
CA ASP B 98 7.23 8.36 -20.44
C ASP B 98 7.56 7.00 -19.84
N THR B 99 8.59 6.99 -19.00
CA THR B 99 9.07 5.76 -18.39
C THR B 99 8.09 5.29 -17.33
N PHE B 100 7.65 4.04 -17.45
CA PHE B 100 6.76 3.43 -16.48
C PHE B 100 7.35 2.08 -16.07
N PHE B 101 6.98 1.62 -14.89
CA PHE B 101 7.50 0.37 -14.36
C PHE B 101 6.54 -0.76 -14.73
N HIS B 102 7.09 -1.81 -15.35
CA HIS B 102 6.26 -2.88 -15.90
C HIS B 102 5.60 -3.70 -14.80
N ASN B 103 6.32 -3.98 -13.72
CA ASN B 103 5.80 -4.80 -12.63
C ASN B 103 5.50 -3.99 -11.38
N GLY B 104 5.34 -2.67 -11.51
CA GLY B 104 4.98 -1.87 -10.34
C GLY B 104 3.51 -1.99 -10.01
N LYS B 105 3.20 -1.90 -8.72
CA LYS B 105 1.83 -2.01 -8.23
C LYS B 105 1.24 -0.66 -7.84
N LYS B 106 1.91 0.07 -6.96
CA LYS B 106 1.45 1.39 -6.52
C LYS B 106 2.67 2.16 -6.06
N SER B 107 3.09 3.13 -6.86
CA SER B 107 4.29 3.89 -6.59
C SER B 107 3.92 5.37 -6.50
N VAL B 108 4.62 6.08 -5.62
CA VAL B 108 4.35 7.49 -5.35
C VAL B 108 5.58 8.29 -5.70
N ALA B 109 5.40 9.34 -6.50
CA ALA B 109 6.43 10.34 -6.70
C ALA B 109 6.25 11.41 -5.63
N HIS B 110 7.21 11.49 -4.71
CA HIS B 110 7.08 12.36 -3.55
C HIS B 110 7.14 13.83 -3.95
N ASN B 111 6.21 14.60 -3.35
CA ASN B 111 6.11 16.04 -3.68
C ASN B 111 6.01 16.86 -2.41
N MET B 112 6.80 16.56 -1.39
CA MET B 112 6.86 17.34 -0.16
C MET B 112 8.29 17.84 0.02
N THR B 113 8.46 19.15 0.18
CA THR B 113 7.47 20.23 0.21
C THR B 113 7.19 20.78 -1.17
N MET B 114 8.14 20.62 -2.06
CA MET B 114 8.02 20.85 -3.49
C MET B 114 8.10 19.52 -4.21
N PRO B 115 7.69 19.45 -5.49
CA PRO B 115 7.90 18.22 -6.25
C PRO B 115 9.38 17.84 -6.34
N ASN B 116 9.68 16.62 -5.93
CA ASN B 116 11.07 16.15 -5.88
C ASN B 116 11.50 15.81 -7.31
N LYS B 117 11.89 16.84 -8.04
CA LYS B 117 12.37 16.68 -9.40
C LYS B 117 13.60 17.56 -9.59
N LEU B 118 14.35 17.26 -10.64
CA LEU B 118 15.58 17.97 -10.97
C LEU B 118 15.61 18.16 -12.47
N LEU B 119 16.16 19.28 -12.92
CA LEU B 119 16.27 19.52 -14.36
C LEU B 119 17.47 20.42 -14.61
N ARG B 120 18.43 19.91 -15.38
CA ARG B 120 19.67 20.64 -15.68
C ARG B 120 19.89 20.61 -17.18
N ILE B 121 19.78 21.77 -17.81
CA ILE B 121 19.91 21.90 -19.26
C ILE B 121 21.29 22.47 -19.57
N THR B 122 22.18 21.64 -20.11
CA THR B 122 23.49 22.13 -20.49
C THR B 122 23.41 22.86 -21.82
N GLU B 123 24.54 23.47 -22.21
CA GLU B 123 24.56 24.36 -23.37
C GLU B 123 24.49 23.63 -24.69
N ASP B 124 24.77 22.33 -24.73
CA ASP B 124 24.65 21.55 -25.95
C ASP B 124 23.29 20.89 -26.11
N GLY B 125 22.40 21.05 -25.14
CA GLY B 125 21.09 20.44 -25.19
C GLY B 125 20.93 19.18 -24.38
N THR B 126 21.99 18.69 -23.74
CA THR B 126 21.90 17.50 -22.92
C THR B 126 21.13 17.80 -21.64
N LEU B 127 20.18 16.93 -21.30
CA LEU B 127 19.31 17.14 -20.15
C LEU B 127 19.62 16.12 -19.07
N LEU B 128 19.10 16.38 -17.87
CA LEU B 128 19.20 15.45 -16.77
C LEU B 128 17.95 15.61 -15.92
N TYR B 129 17.24 14.51 -15.69
CA TYR B 129 15.91 14.56 -15.08
C TYR B 129 15.85 13.50 -13.99
N THR B 130 15.91 13.93 -12.74
CA THR B 130 15.99 13.04 -11.60
C THR B 130 14.72 13.14 -10.76
N MET B 131 14.24 11.99 -10.26
CA MET B 131 13.00 11.97 -9.46
C MET B 131 13.13 10.98 -8.30
N ARG B 132 12.30 11.13 -7.26
CA ARG B 132 12.31 10.16 -6.13
C ARG B 132 11.07 9.27 -6.24
N LEU B 133 11.25 7.96 -6.40
CA LEU B 133 10.08 7.06 -6.63
C LEU B 133 10.08 5.91 -5.61
N THR B 134 9.07 5.84 -4.75
CA THR B 134 8.94 4.68 -3.82
C THR B 134 8.22 3.57 -4.59
N VAL B 135 8.93 2.90 -5.51
CA VAL B 135 8.27 1.89 -6.39
C VAL B 135 7.88 0.64 -5.61
N ARG B 136 6.59 0.31 -5.58
CA ARG B 136 6.15 -0.97 -4.97
C ARG B 136 6.00 -1.94 -6.13
N ALA B 137 6.91 -2.92 -6.26
CA ALA B 137 6.89 -3.77 -7.44
C ALA B 137 6.49 -5.18 -7.08
N GLU B 138 6.29 -6.01 -8.11
CA GLU B 138 5.91 -7.40 -7.95
C GLU B 138 7.16 -8.26 -7.92
N CYS B 139 7.35 -9.00 -6.83
CA CYS B 139 8.43 -9.98 -6.74
C CYS B 139 7.81 -11.36 -6.65
N PRO B 140 7.73 -12.12 -7.75
CA PRO B 140 7.15 -13.46 -7.68
C PRO B 140 8.07 -14.41 -6.93
N MET B 141 7.47 -15.26 -6.11
CA MET B 141 8.20 -16.10 -5.18
C MET B 141 7.82 -17.56 -5.36
N HIS B 142 8.83 -18.43 -5.36
CA HIS B 142 8.62 -19.87 -5.28
C HIS B 142 9.12 -20.30 -3.91
N LEU B 143 8.20 -20.42 -2.96
CA LEU B 143 8.56 -20.74 -1.58
C LEU B 143 8.56 -22.24 -1.32
N GLU B 144 9.22 -23.01 -2.19
CA GLU B 144 9.36 -24.43 -1.92
C GLU B 144 10.41 -24.69 -0.86
N ASP B 145 11.38 -23.80 -0.74
CA ASP B 145 12.47 -23.95 0.21
C ASP B 145 12.34 -23.00 1.40
N PHE B 146 11.12 -22.62 1.75
CA PHE B 146 10.90 -21.68 2.84
C PHE B 146 11.26 -22.34 4.18
N PRO B 147 11.97 -21.62 5.07
CA PRO B 147 12.48 -20.25 4.97
C PRO B 147 13.91 -20.16 4.45
N MET B 148 14.48 -21.27 3.98
CA MET B 148 15.88 -21.32 3.59
C MET B 148 16.02 -21.08 2.08
N ASP B 149 15.48 -19.94 1.62
CA ASP B 149 15.35 -19.68 0.20
C ASP B 149 16.05 -18.38 -0.18
N ALA B 150 16.14 -18.15 -1.49
CA ALA B 150 16.69 -16.94 -2.07
C ALA B 150 15.81 -16.49 -3.22
N HIS B 151 15.62 -15.19 -3.36
CA HIS B 151 14.79 -14.64 -4.41
C HIS B 151 15.57 -13.61 -5.21
N ALA B 152 15.12 -13.39 -6.45
CA ALA B 152 15.66 -12.35 -7.32
C ALA B 152 14.49 -11.45 -7.69
N CYS B 153 14.22 -10.46 -6.86
CA CYS B 153 13.09 -9.57 -7.07
C CYS B 153 13.41 -8.58 -8.20
N PRO B 154 12.63 -8.56 -9.27
CA PRO B 154 12.98 -7.72 -10.42
C PRO B 154 12.39 -6.31 -10.33
N LEU B 155 12.87 -5.45 -11.23
CA LEU B 155 12.35 -4.09 -11.38
C LEU B 155 12.50 -3.73 -12.85
N LYS B 156 11.43 -3.94 -13.62
CA LYS B 156 11.47 -3.74 -15.06
C LYS B 156 10.78 -2.44 -15.43
N PHE B 157 11.49 -1.58 -16.16
CA PHE B 157 10.94 -0.30 -16.59
C PHE B 157 11.25 -0.07 -18.06
N GLY B 158 10.39 0.70 -18.70
CA GLY B 158 10.56 1.03 -20.10
C GLY B 158 9.58 2.10 -20.49
N SER B 159 9.66 2.53 -21.75
CA SER B 159 8.82 3.68 -22.19
C SER B 159 7.46 3.21 -22.70
N TYR B 160 6.39 3.74 -22.13
CA TYR B 160 5.04 3.43 -22.67
C TYR B 160 4.88 4.23 -23.95
N ALA B 161 3.86 3.95 -24.77
CA ALA B 161 3.61 4.80 -25.97
C ALA B 161 4.92 5.22 -26.65
N TYR B 162 5.89 4.31 -26.82
CA TYR B 162 7.14 4.63 -27.57
C TYR B 162 7.80 3.34 -28.01
N THR B 163 7.73 3.02 -29.31
CA THR B 163 8.27 1.74 -29.82
C THR B 163 9.80 1.78 -29.92
N ARG B 164 10.42 0.61 -30.07
CA ARG B 164 11.87 0.50 -30.22
C ARG B 164 12.39 1.43 -31.31
N ALA B 165 11.58 1.70 -32.34
CA ALA B 165 12.00 2.58 -33.42
C ALA B 165 11.92 4.05 -33.07
N GLU B 166 11.39 4.40 -31.90
CA GLU B 166 11.25 5.80 -31.51
C GLU B 166 12.08 6.16 -30.29
N VAL B 167 11.99 5.39 -29.20
CA VAL B 167 12.74 5.68 -27.97
C VAL B 167 13.42 4.40 -27.52
N VAL B 168 14.74 4.44 -27.38
CA VAL B 168 15.52 3.34 -26.81
C VAL B 168 16.12 3.81 -25.50
N TYR B 169 16.40 2.85 -24.62
CA TYR B 169 16.97 3.13 -23.32
C TYR B 169 18.35 2.49 -23.21
N GLU B 170 19.17 3.06 -22.33
CA GLU B 170 20.52 2.55 -22.10
C GLU B 170 20.97 2.98 -20.72
N TRP B 171 22.01 2.33 -20.21
CA TRP B 171 22.61 2.73 -18.95
C TRP B 171 23.73 3.73 -19.20
N THR B 172 23.76 4.80 -18.40
CA THR B 172 24.69 5.89 -18.68
C THR B 172 26.12 5.56 -18.28
N ARG B 173 26.32 4.76 -17.25
CA ARG B 173 27.64 4.27 -16.88
C ARG B 173 27.75 2.83 -17.38
N GLU B 174 28.82 2.15 -16.98
CA GLU B 174 28.89 0.72 -17.20
C GLU B 174 27.74 0.03 -16.46
N PRO B 175 27.14 -1.00 -17.06
CA PRO B 175 25.97 -1.64 -16.43
C PRO B 175 26.25 -2.29 -15.09
N ALA B 176 27.49 -2.66 -14.79
CA ALA B 176 27.84 -3.09 -13.45
C ALA B 176 27.78 -1.97 -12.44
N ARG B 177 27.90 -0.71 -12.89
CA ARG B 177 27.93 0.43 -12.00
C ARG B 177 26.79 1.41 -12.26
N SER B 178 25.67 0.94 -12.80
CA SER B 178 24.57 1.82 -13.13
C SER B 178 23.41 1.74 -12.13
N VAL B 179 23.43 0.76 -11.23
CA VAL B 179 22.48 0.72 -10.12
C VAL B 179 23.32 0.71 -8.85
N VAL B 180 23.27 1.80 -8.10
CA VAL B 180 24.09 1.98 -6.90
C VAL B 180 23.18 1.94 -5.69
N VAL B 181 23.48 1.06 -4.76
CA VAL B 181 22.74 0.94 -3.50
C VAL B 181 23.55 1.65 -2.42
N ALA B 182 22.90 2.55 -1.70
CA ALA B 182 23.56 3.26 -0.60
C ALA B 182 23.88 2.29 0.53
N GLU B 183 24.95 2.61 1.27
CA GLU B 183 25.44 1.70 2.30
C GLU B 183 24.51 1.65 3.51
N ASP B 184 24.06 2.81 3.96
CA ASP B 184 23.11 2.86 5.07
C ASP B 184 21.72 2.45 4.65
N GLY B 185 21.43 2.47 3.35
CA GLY B 185 20.10 2.21 2.86
C GLY B 185 19.72 0.76 2.68
N SER B 186 19.41 0.08 3.78
CA SER B 186 18.86 -1.27 3.72
C SER B 186 17.85 -1.38 4.85
N ARG B 187 16.58 -1.22 4.51
CA ARG B 187 15.49 -1.38 5.47
C ARG B 187 15.00 -2.82 5.55
N LEU B 188 15.74 -3.76 5.00
CA LEU B 188 15.39 -5.17 5.10
C LEU B 188 15.63 -5.66 6.51
N ASN B 189 14.57 -6.10 7.18
CA ASN B 189 14.72 -6.75 8.47
C ASN B 189 14.77 -8.26 8.37
N GLN B 190 14.11 -8.86 7.38
CA GLN B 190 14.08 -10.30 7.27
C GLN B 190 15.16 -10.85 6.34
N TYR B 191 15.35 -10.23 5.19
CA TYR B 191 16.29 -10.70 4.18
C TYR B 191 17.63 -9.99 4.33
N ASP B 192 18.51 -10.18 3.36
CA ASP B 192 19.64 -9.26 3.15
C ASP B 192 19.95 -9.21 1.66
N LEU B 193 20.42 -8.05 1.20
CA LEU B 193 20.60 -7.81 -0.22
C LEU B 193 22.01 -8.23 -0.64
N LEU B 194 22.09 -9.33 -1.39
CA LEU B 194 23.38 -9.87 -1.81
C LEU B 194 24.04 -9.05 -2.90
N GLY B 195 23.28 -8.63 -3.90
CA GLY B 195 23.86 -7.88 -4.99
C GLY B 195 22.81 -7.52 -6.02
N GLN B 196 23.22 -6.68 -6.96
CA GLN B 196 22.36 -6.20 -8.02
C GLN B 196 22.74 -6.88 -9.33
N THR B 197 21.84 -6.76 -10.30
CA THR B 197 21.95 -7.48 -11.57
C THR B 197 21.09 -6.75 -12.58
N VAL B 198 21.67 -6.29 -13.69
CA VAL B 198 20.92 -5.56 -14.69
C VAL B 198 20.96 -6.30 -16.01
N ASP B 199 20.00 -5.97 -16.87
CA ASP B 199 19.90 -6.55 -18.20
C ASP B 199 18.99 -5.66 -19.03
N SER B 200 19.23 -5.64 -20.34
CA SER B 200 18.40 -4.90 -21.27
C SER B 200 17.94 -5.82 -22.38
N GLY B 201 16.67 -5.72 -22.75
CA GLY B 201 16.10 -6.62 -23.74
C GLY B 201 14.96 -5.96 -24.48
N ILE B 202 14.27 -6.72 -25.33
CA ILE B 202 13.12 -6.17 -26.10
C ILE B 202 11.88 -6.99 -25.75
N VAL B 203 10.72 -6.34 -25.66
CA VAL B 203 9.45 -7.04 -25.36
C VAL B 203 8.53 -6.79 -26.54
N GLN B 204 7.85 -7.82 -27.02
CA GLN B 204 6.94 -7.69 -28.18
C GLN B 204 5.52 -7.72 -27.64
N SER B 205 4.83 -6.58 -27.64
CA SER B 205 3.48 -6.52 -27.05
C SER B 205 2.45 -6.31 -28.15
N SER B 206 1.17 -6.29 -27.79
CA SER B 206 0.09 -6.20 -28.75
C SER B 206 0.24 -5.00 -29.67
N THR B 207 0.97 -3.97 -29.22
CA THR B 207 1.06 -2.73 -29.99
C THR B 207 2.35 -2.69 -30.81
N GLY B 208 3.49 -3.04 -30.21
CA GLY B 208 4.78 -3.03 -30.95
C GLY B 208 5.92 -3.62 -30.14
N GLU B 209 7.16 -3.41 -30.56
CA GLU B 209 8.35 -3.92 -29.82
C GLU B 209 8.92 -2.82 -28.94
N TYR B 210 9.04 -3.04 -27.64
CA TYR B 210 9.49 -2.01 -26.72
C TYR B 210 10.80 -2.42 -26.07
N VAL B 211 11.63 -1.44 -25.77
CA VAL B 211 12.88 -1.69 -25.05
C VAL B 211 12.58 -1.70 -23.56
N VAL B 212 12.94 -2.79 -22.89
CA VAL B 212 12.73 -2.93 -21.45
C VAL B 212 14.08 -3.10 -20.77
N MET B 213 14.28 -2.39 -19.68
CA MET B 213 15.48 -2.50 -18.87
C MET B 213 15.13 -3.23 -17.57
N THR B 214 15.91 -4.24 -17.24
CA THR B 214 15.62 -5.13 -16.13
C THR B 214 16.65 -4.90 -15.04
N THR B 215 16.21 -4.95 -13.79
CA THR B 215 17.11 -4.88 -12.64
C THR B 215 16.69 -5.95 -11.65
N HIS B 216 17.52 -6.97 -11.47
CA HIS B 216 17.23 -8.05 -10.54
C HIS B 216 17.97 -7.79 -9.23
N PHE B 217 17.23 -7.75 -8.13
CA PHE B 217 17.82 -7.59 -6.81
C PHE B 217 17.82 -8.96 -6.14
N HIS B 218 19.00 -9.50 -5.87
CA HIS B 218 19.13 -10.81 -5.27
C HIS B 218 18.98 -10.69 -3.76
N LEU B 219 18.10 -11.51 -3.18
CA LEU B 219 17.84 -11.52 -1.76
C LEU B 219 18.11 -12.89 -1.19
N LYS B 220 18.13 -12.97 0.14
CA LYS B 220 18.40 -14.23 0.84
C LYS B 220 17.77 -14.12 2.22
N ARG B 221 16.87 -15.04 2.55
CA ARG B 221 16.20 -14.98 3.84
C ARG B 221 17.10 -15.49 4.95
N LYS B 222 17.20 -14.72 6.03
CA LYS B 222 17.98 -15.11 7.20
C LYS B 222 17.09 -15.92 8.14
N ILE B 223 17.57 -17.08 8.54
CA ILE B 223 16.80 -17.99 9.39
C ILE B 223 17.16 -17.60 10.82
N GLY B 224 16.55 -16.53 11.30
CA GLY B 224 16.71 -16.16 12.69
C GLY B 224 15.38 -16.07 13.41
N TYR B 225 14.35 -15.65 12.69
CA TYR B 225 13.02 -15.56 13.27
C TYR B 225 12.36 -16.92 13.39
N PHE B 226 12.68 -17.78 12.43
CA PHE B 226 12.02 -19.11 12.37
C PHE B 226 12.87 -20.18 13.05
N VAL B 227 14.08 -19.84 13.49
CA VAL B 227 14.85 -20.85 14.28
C VAL B 227 14.60 -20.53 15.76
N ILE B 228 13.51 -19.82 16.06
CA ILE B 228 13.14 -19.46 17.47
C ILE B 228 11.62 -19.46 17.60
N GLN B 229 10.89 -19.23 16.51
CA GLN B 229 9.43 -19.30 16.54
C GLN B 229 8.88 -20.67 16.16
N THR B 230 9.51 -21.37 15.23
CA THR B 230 8.97 -22.64 14.75
C THR B 230 9.87 -23.82 15.02
N TYR B 231 11.15 -23.76 14.60
CA TYR B 231 12.00 -24.95 14.61
C TYR B 231 12.36 -25.39 16.02
N LEU B 232 12.89 -24.48 16.82
CA LEU B 232 13.21 -24.77 18.22
C LEU B 232 11.99 -25.10 19.10
N PRO B 233 10.82 -24.41 19.03
CA PRO B 233 9.66 -24.91 19.77
C PRO B 233 9.17 -26.28 19.33
N CYS B 234 9.29 -26.61 18.05
CA CYS B 234 8.89 -27.96 17.61
C CYS B 234 9.88 -29.01 18.11
N ILE B 235 11.18 -28.68 18.14
CA ILE B 235 12.17 -29.60 18.69
C ILE B 235 11.93 -29.80 20.19
N MET B 236 11.63 -28.72 20.91
CA MET B 236 11.33 -28.85 22.34
C MET B 236 10.03 -29.60 22.60
N THR B 237 9.04 -29.47 21.71
CA THR B 237 7.80 -30.21 21.84
C THR B 237 8.04 -31.71 21.60
N VAL B 238 8.90 -32.05 20.63
CA VAL B 238 9.26 -33.44 20.41
C VAL B 238 10.03 -34.00 21.61
N ILE B 239 10.97 -33.22 22.15
CA ILE B 239 11.78 -33.66 23.29
C ILE B 239 10.91 -33.82 24.54
N LEU B 240 9.90 -32.97 24.72
CA LEU B 240 8.96 -33.15 25.82
C LEU B 240 8.06 -34.36 25.61
N SER B 241 7.82 -34.77 24.36
CA SER B 241 7.20 -36.07 24.14
C SER B 241 8.17 -37.21 24.32
N GLN B 242 9.47 -36.94 24.21
CA GLN B 242 10.49 -37.98 24.37
C GLN B 242 10.74 -38.32 25.83
N VAL B 243 10.35 -37.44 26.77
CA VAL B 243 10.61 -37.70 28.18
C VAL B 243 9.47 -38.51 28.81
N SER B 244 8.37 -38.70 28.09
CA SER B 244 7.26 -39.49 28.60
C SER B 244 7.56 -40.98 28.61
N PHE B 245 8.60 -41.43 27.90
CA PHE B 245 8.96 -42.84 27.92
C PHE B 245 9.71 -43.22 29.20
N TRP B 246 10.18 -42.24 29.96
CA TRP B 246 10.89 -42.49 31.20
C TRP B 246 9.98 -42.58 32.41
N LEU B 247 8.68 -42.38 32.22
CA LEU B 247 7.74 -42.39 33.32
C LEU B 247 7.30 -43.82 33.65
N ASN B 248 6.48 -43.94 34.69
CA ASN B 248 5.99 -45.22 35.15
C ASN B 248 4.87 -45.73 34.23
N ARG B 249 4.74 -47.05 34.17
CA ARG B 249 3.67 -47.70 33.43
C ARG B 249 2.31 -47.53 34.07
N GLU B 250 2.28 -47.33 35.40
CA GLU B 250 1.03 -47.12 36.13
C GLU B 250 0.49 -45.69 36.01
N SER B 251 1.36 -44.70 35.83
CA SER B 251 0.93 -43.31 35.75
C SER B 251 0.26 -43.00 34.42
N VAL B 252 -0.94 -43.55 34.20
CA VAL B 252 -1.73 -43.34 32.99
C VAL B 252 -2.15 -41.87 32.80
N PRO B 253 -2.67 -41.12 33.79
CA PRO B 253 -2.97 -39.71 33.50
C PRO B 253 -1.76 -38.84 33.21
N ALA B 254 -0.59 -39.17 33.78
CA ALA B 254 0.61 -38.37 33.55
C ALA B 254 1.10 -38.51 32.10
N ARG B 255 1.22 -39.74 31.62
CA ARG B 255 1.63 -39.94 30.24
C ARG B 255 0.53 -39.56 29.27
N THR B 256 -0.73 -39.64 29.72
CA THR B 256 -1.86 -39.17 28.93
C THR B 256 -1.79 -37.66 28.71
N VAL B 257 -1.54 -36.90 29.77
CA VAL B 257 -1.48 -35.45 29.61
C VAL B 257 -0.20 -35.05 28.88
N PHE B 258 0.89 -35.83 29.02
CA PHE B 258 2.06 -35.67 28.15
C PHE B 258 1.69 -35.78 26.68
N GLY B 259 1.01 -36.87 26.31
CA GLY B 259 0.67 -37.09 24.91
C GLY B 259 -0.28 -36.05 24.35
N VAL B 260 -1.35 -35.73 25.09
CA VAL B 260 -2.33 -34.80 24.56
C VAL B 260 -1.79 -33.37 24.55
N THR B 261 -0.93 -32.99 25.51
CA THR B 261 -0.41 -31.63 25.45
C THR B 261 0.66 -31.48 24.38
N THR B 262 1.45 -32.53 24.10
CA THR B 262 2.34 -32.46 22.95
C THR B 262 1.56 -32.39 21.64
N VAL B 263 0.44 -33.12 21.54
CA VAL B 263 -0.38 -33.04 20.34
C VAL B 263 -0.97 -31.64 20.16
N LEU B 264 -1.51 -31.05 21.24
CA LEU B 264 -2.10 -29.72 21.14
C LEU B 264 -1.06 -28.63 20.87
N THR B 265 0.12 -28.69 21.51
CA THR B 265 1.14 -27.71 21.22
C THR B 265 1.70 -27.87 19.81
N MET B 266 1.82 -29.11 19.33
CA MET B 266 2.28 -29.34 17.97
C MET B 266 1.29 -28.86 16.94
N THR B 267 -0.01 -29.06 17.18
CA THR B 267 -0.98 -28.58 16.20
C THR B 267 -1.19 -27.08 16.29
N THR B 268 -1.02 -26.45 17.47
CA THR B 268 -1.15 -25.01 17.50
C THR B 268 0.10 -24.34 16.93
N LEU B 269 1.26 -25.00 16.99
CA LEU B 269 2.41 -24.53 16.24
C LEU B 269 2.20 -24.69 14.74
N SER B 270 1.53 -25.77 14.32
CA SER B 270 1.19 -25.96 12.92
C SER B 270 0.24 -24.88 12.40
N ILE B 271 -0.75 -24.50 13.21
CA ILE B 271 -1.68 -23.43 12.83
C ILE B 271 -0.97 -22.08 12.81
N SER B 272 -0.22 -21.76 13.87
CA SER B 272 0.34 -20.42 14.01
C SER B 272 1.57 -20.23 13.12
N ALA B 273 2.14 -21.32 12.61
CA ALA B 273 3.29 -21.19 11.72
C ALA B 273 2.84 -20.74 10.33
N ARG B 274 1.66 -21.17 9.89
CA ARG B 274 1.16 -20.84 8.57
C ARG B 274 0.66 -19.42 8.45
N ASN B 275 0.50 -18.73 9.59
CA ASN B 275 0.03 -17.32 9.58
C ASN B 275 1.22 -16.40 9.26
N SER B 276 2.15 -16.88 8.44
CA SER B 276 3.35 -16.06 8.08
C SER B 276 3.43 -15.88 6.57
N LEU B 277 3.53 -16.98 5.82
CA LEU B 277 3.63 -16.91 4.34
C LEU B 277 2.23 -16.86 3.73
N PRO B 278 2.06 -16.66 2.40
CA PRO B 278 0.72 -16.68 1.81
C PRO B 278 0.03 -18.05 1.83
N LYS B 279 -1.13 -18.17 1.17
CA LYS B 279 -1.80 -19.47 1.12
C LYS B 279 -1.43 -20.17 -0.20
N VAL B 280 -0.24 -20.76 -0.22
CA VAL B 280 0.22 -21.50 -1.38
C VAL B 280 -0.35 -22.91 -1.33
N ALA B 281 -0.56 -23.49 -2.52
CA ALA B 281 -1.11 -24.84 -2.61
C ALA B 281 -0.11 -25.91 -2.22
N TYR B 282 1.16 -25.70 -2.52
CA TYR B 282 2.21 -26.65 -2.20
C TYR B 282 2.65 -26.51 -0.75
N ALA B 283 3.59 -27.35 -0.33
CA ALA B 283 4.04 -27.40 1.06
C ALA B 283 5.52 -27.05 1.12
N THR B 284 5.87 -26.17 2.05
CA THR B 284 7.23 -25.69 2.18
C THR B 284 8.07 -26.67 3.00
N ALA B 285 9.34 -26.31 3.21
CA ALA B 285 10.21 -27.13 4.04
C ALA B 285 9.81 -27.10 5.51
N MET B 286 9.28 -25.96 5.95
CA MET B 286 8.75 -25.85 7.30
C MET B 286 7.55 -26.78 7.49
N ASP B 287 6.74 -26.95 6.45
CA ASP B 287 5.62 -27.90 6.51
C ASP B 287 6.12 -29.34 6.64
N TRP B 288 7.20 -29.70 5.95
CA TRP B 288 7.74 -31.04 6.09
C TRP B 288 8.33 -31.28 7.48
N PHE B 289 9.01 -30.26 8.05
CA PHE B 289 9.53 -30.39 9.40
C PHE B 289 8.40 -30.54 10.42
N ILE B 290 7.35 -29.73 10.30
CA ILE B 290 6.20 -29.82 11.19
C ILE B 290 5.48 -31.15 11.03
N ALA B 291 5.40 -31.66 9.80
CA ALA B 291 4.75 -32.95 9.57
C ALA B 291 5.52 -34.10 10.19
N VAL B 292 6.85 -34.09 10.08
CA VAL B 292 7.66 -35.16 10.64
C VAL B 292 7.64 -35.11 12.17
N CYS B 293 7.74 -33.90 12.74
CA CYS B 293 7.68 -33.76 14.20
C CYS B 293 6.29 -34.12 14.74
N TYR B 294 5.25 -33.77 13.99
CA TYR B 294 3.87 -34.13 14.32
C TYR B 294 3.66 -35.64 14.28
N ALA B 295 4.29 -36.31 13.31
CA ALA B 295 4.23 -37.76 13.24
C ALA B 295 5.01 -38.41 14.38
N PHE B 296 6.12 -37.77 14.79
CA PHE B 296 6.86 -38.25 15.95
C PHE B 296 6.03 -38.12 17.23
N VAL B 297 5.23 -37.07 17.33
CA VAL B 297 4.37 -36.88 18.50
C VAL B 297 3.27 -37.94 18.54
N PHE B 298 2.60 -38.21 17.41
CA PHE B 298 1.66 -39.34 17.39
C PHE B 298 2.33 -40.68 17.61
N SER B 299 3.57 -40.85 17.17
CA SER B 299 4.28 -42.08 17.48
C SER B 299 4.52 -42.24 18.98
N ALA B 300 4.90 -41.16 19.67
CA ALA B 300 5.02 -41.16 21.12
C ALA B 300 3.71 -41.45 21.83
N LEU B 301 2.60 -40.91 21.32
CA LEU B 301 1.29 -41.19 21.90
C LEU B 301 0.81 -42.62 21.65
N ILE B 302 0.99 -43.13 20.43
CA ILE B 302 0.57 -44.49 20.09
C ILE B 302 1.42 -45.52 20.82
N GLU B 303 2.68 -45.19 21.10
CA GLU B 303 3.52 -46.03 21.96
C GLU B 303 2.92 -46.20 23.35
N PHE B 304 2.46 -45.09 23.95
CA PHE B 304 1.83 -45.17 25.27
C PHE B 304 0.48 -45.87 25.20
N ALA B 305 -0.25 -45.70 24.10
CA ALA B 305 -1.54 -46.39 23.94
C ALA B 305 -1.33 -47.91 23.87
N THR B 306 -0.30 -48.36 23.17
CA THR B 306 0.00 -49.79 23.11
C THR B 306 0.51 -50.30 24.44
N VAL B 307 1.30 -49.49 25.17
CA VAL B 307 1.79 -49.88 26.49
C VAL B 307 0.62 -50.02 27.47
N ASN B 308 -0.32 -49.08 27.44
CA ASN B 308 -1.51 -49.16 28.26
C ASN B 308 -2.42 -50.30 27.85
N TYR B 309 -2.40 -50.69 26.57
CA TYR B 309 -3.09 -51.90 26.17
C TYR B 309 -2.42 -53.15 26.74
N PHE B 310 -1.10 -53.15 26.83
CA PHE B 310 -0.35 -54.32 27.29
C PHE B 310 0.02 -54.26 28.76
N THR B 311 -0.53 -53.31 29.52
CA THR B 311 -0.18 -53.22 30.93
C THR B 311 -1.00 -54.23 31.74
N LYS B 312 -0.62 -54.36 33.01
CA LYS B 312 -1.28 -55.27 33.93
C LYS B 312 -1.34 -54.64 35.31
N SER B 388 6.28 -54.87 35.68
CA SER B 388 7.66 -54.82 35.22
C SER B 388 7.84 -53.66 34.25
N VAL B 389 9.10 -53.30 34.03
CA VAL B 389 9.43 -52.25 33.07
C VAL B 389 9.13 -52.75 31.66
N SER B 390 8.40 -51.94 30.89
CA SER B 390 8.00 -52.34 29.55
C SER B 390 9.20 -52.34 28.61
N LYS B 391 9.29 -53.40 27.78
CA LYS B 391 10.32 -53.44 26.76
C LYS B 391 10.07 -52.41 25.67
N ILE B 392 8.81 -52.05 25.46
CA ILE B 392 8.46 -51.02 24.49
C ILE B 392 9.02 -49.66 24.91
N ASP B 393 8.91 -49.33 26.21
CA ASP B 393 9.48 -48.09 26.73
C ASP B 393 11.00 -48.10 26.64
N ARG B 394 11.64 -49.23 26.95
CA ARG B 394 13.10 -49.31 26.87
C ARG B 394 13.60 -49.25 25.44
N LEU B 395 12.81 -49.73 24.47
CA LEU B 395 13.19 -49.60 23.07
C LEU B 395 12.96 -48.18 22.56
N SER B 396 11.87 -47.53 23.01
CA SER B 396 11.56 -46.19 22.57
C SER B 396 12.40 -45.11 23.26
N ARG B 397 13.04 -45.44 24.38
CA ARG B 397 13.99 -44.51 24.99
C ARG B 397 15.27 -44.40 24.17
N ILE B 398 15.55 -45.37 23.32
CA ILE B 398 16.76 -45.39 22.50
C ILE B 398 16.46 -45.08 21.04
N ALA B 399 15.44 -45.73 20.46
CA ALA B 399 15.21 -45.64 19.02
C ALA B 399 14.71 -44.26 18.61
N PHE B 400 13.72 -43.73 19.32
CA PHE B 400 13.07 -42.46 19.01
C PHE B 400 14.01 -41.23 18.98
N PRO B 401 14.89 -40.99 19.97
CA PRO B 401 15.77 -39.82 19.84
C PRO B 401 16.84 -39.97 18.77
N LEU B 402 17.33 -41.19 18.52
CA LEU B 402 18.28 -41.37 17.43
C LEU B 402 17.61 -41.22 16.07
N LEU B 403 16.37 -41.67 15.90
CA LEU B 403 15.64 -41.36 14.67
C LEU B 403 15.36 -39.88 14.50
N PHE B 404 15.09 -39.15 15.60
CA PHE B 404 14.98 -37.70 15.50
C PHE B 404 16.31 -37.04 15.11
N GLY B 405 17.42 -37.56 15.63
CA GLY B 405 18.73 -37.04 15.24
C GLY B 405 19.08 -37.31 13.79
N ILE B 406 18.75 -38.51 13.28
CA ILE B 406 18.97 -38.82 11.87
C ILE B 406 18.10 -37.96 10.98
N PHE B 407 16.84 -37.72 11.38
CA PHE B 407 15.98 -36.83 10.61
C PHE B 407 16.51 -35.40 10.58
N ASN B 408 17.02 -34.91 11.72
CA ASN B 408 17.59 -33.57 11.76
C ASN B 408 18.84 -33.46 10.90
N LEU B 409 19.74 -34.45 10.99
CA LEU B 409 20.97 -34.42 10.20
C LEU B 409 20.72 -34.65 8.73
N VAL B 410 19.60 -35.27 8.35
CA VAL B 410 19.23 -35.36 6.94
C VAL B 410 18.61 -34.05 6.44
N TYR B 411 17.65 -33.52 7.20
CA TYR B 411 16.87 -32.36 6.76
C TYR B 411 17.73 -31.10 6.70
N TRP B 412 18.49 -30.82 7.76
CA TRP B 412 19.31 -29.61 7.78
C TRP B 412 20.44 -29.67 6.76
N ALA B 413 21.09 -30.82 6.59
CA ALA B 413 22.14 -30.92 5.59
C ALA B 413 21.59 -30.93 4.17
N THR B 414 20.34 -31.35 3.98
CA THR B 414 19.73 -31.27 2.66
C THR B 414 19.35 -29.84 2.31
N TYR B 415 18.82 -29.08 3.27
CA TYR B 415 18.27 -27.78 2.94
C TYR B 415 19.24 -26.61 3.14
N LEU B 416 20.23 -26.73 4.02
CA LEU B 416 21.17 -25.63 4.22
C LEU B 416 22.22 -25.60 3.13
N ASN B 417 22.66 -26.76 2.65
CA ASN B 417 23.68 -26.82 1.62
C ASN B 417 23.08 -26.54 0.24
N ASN C 8 11.89 19.41 -41.05
CA ASN C 8 10.97 18.29 -41.16
C ASN C 8 10.06 18.23 -39.95
N MET C 9 10.50 18.81 -38.84
CA MET C 9 9.68 18.87 -37.64
C MET C 9 8.62 19.94 -37.78
N SER C 10 8.83 20.88 -38.73
CA SER C 10 7.81 21.86 -39.04
C SER C 10 6.61 21.22 -39.70
N TYR C 11 6.83 20.14 -40.48
CA TYR C 11 5.72 19.40 -41.08
C TYR C 11 4.88 18.69 -40.01
N VAL C 12 5.52 18.23 -38.94
CA VAL C 12 4.81 17.51 -37.88
C VAL C 12 4.05 18.45 -36.95
N LYS C 13 4.67 19.55 -36.54
CA LYS C 13 4.06 20.51 -35.63
C LYS C 13 2.88 21.24 -36.26
N GLU C 14 2.98 21.62 -37.53
CA GLU C 14 1.92 22.36 -38.20
C GLU C 14 0.72 21.47 -38.50
N THR C 15 0.92 20.16 -38.49
CA THR C 15 -0.17 19.21 -38.63
C THR C 15 -0.95 19.03 -37.34
N VAL C 16 -0.24 18.85 -36.22
CA VAL C 16 -0.91 18.68 -34.93
C VAL C 16 -1.56 19.98 -34.49
N ASP C 17 -0.95 21.12 -34.80
CA ASP C 17 -1.56 22.42 -34.51
C ASP C 17 -2.76 22.72 -35.39
N ARG C 18 -2.96 21.99 -36.48
CA ARG C 18 -4.15 22.12 -37.32
C ARG C 18 -5.24 21.14 -36.93
N LEU C 19 -4.85 19.94 -36.45
CA LEU C 19 -5.83 18.97 -35.99
C LEU C 19 -6.55 19.45 -34.73
N LEU C 20 -5.82 20.07 -33.81
CA LEU C 20 -6.38 20.53 -32.55
C LEU C 20 -6.94 21.94 -32.64
N LYS C 21 -6.92 22.56 -33.81
CA LYS C 21 -7.53 23.86 -34.04
C LYS C 21 -8.87 23.63 -34.71
N GLY C 22 -9.92 24.20 -34.12
CA GLY C 22 -11.27 23.93 -34.57
C GLY C 22 -11.86 22.65 -34.00
N TYR C 23 -11.11 21.91 -33.21
CA TYR C 23 -11.61 20.72 -32.55
C TYR C 23 -12.60 21.09 -31.44
N ASP C 24 -13.69 20.33 -31.36
CA ASP C 24 -14.69 20.48 -30.32
C ASP C 24 -14.69 19.19 -29.52
N ILE C 25 -14.05 19.22 -28.35
CA ILE C 25 -13.90 18.06 -27.48
C ILE C 25 -15.25 17.65 -26.91
N ARG C 26 -16.17 18.60 -26.79
CA ARG C 26 -17.50 18.34 -26.26
C ARG C 26 -18.39 17.55 -27.21
N LEU C 27 -18.00 17.34 -28.46
CA LEU C 27 -18.80 16.61 -29.43
C LEU C 27 -18.07 15.34 -29.88
N ARG C 28 -18.81 14.25 -30.02
CA ARG C 28 -18.20 12.95 -30.37
C ARG C 28 -18.10 12.74 -31.88
N PRO C 29 -17.25 11.81 -32.35
CA PRO C 29 -17.23 11.46 -33.77
C PRO C 29 -18.60 11.20 -34.40
N ASP C 30 -19.03 11.96 -35.41
CA ASP C 30 -20.33 11.79 -36.06
C ASP C 30 -21.49 11.97 -35.07
N PHE C 31 -21.59 13.21 -34.56
CA PHE C 31 -22.55 13.49 -33.50
C PHE C 31 -23.99 13.40 -33.98
N GLY C 32 -24.28 13.95 -35.15
CA GLY C 32 -25.63 13.88 -35.68
C GLY C 32 -25.84 12.70 -36.60
N GLY C 33 -24.77 11.95 -36.85
CA GLY C 33 -24.82 10.86 -37.81
C GLY C 33 -24.87 9.49 -37.16
N PRO C 34 -24.07 8.50 -37.61
CA PRO C 34 -24.15 7.16 -37.05
C PRO C 34 -23.48 7.03 -35.69
N PRO C 35 -23.61 5.90 -34.95
CA PRO C 35 -22.90 5.74 -33.69
C PRO C 35 -21.39 5.48 -33.90
N VAL C 36 -20.56 5.91 -32.93
CA VAL C 36 -19.09 5.66 -33.04
C VAL C 36 -18.80 4.26 -32.49
N ASP C 37 -18.29 3.37 -33.35
CA ASP C 37 -17.99 1.98 -32.93
C ASP C 37 -16.55 1.94 -32.37
N VAL C 38 -16.39 1.52 -31.11
CA VAL C 38 -15.04 1.54 -30.48
C VAL C 38 -14.57 0.10 -30.23
N GLY C 39 -13.42 -0.28 -30.80
CA GLY C 39 -12.86 -1.62 -30.55
C GLY C 39 -11.92 -1.59 -29.36
N MET C 40 -12.22 -2.35 -28.31
CA MET C 40 -11.40 -2.28 -27.07
C MET C 40 -10.69 -3.62 -26.82
N ARG C 41 -9.40 -3.57 -26.50
CA ARG C 41 -8.63 -4.81 -26.19
C ARG C 41 -8.20 -4.74 -24.71
N ILE C 42 -7.95 -5.88 -24.08
CA ILE C 42 -7.47 -5.86 -22.70
C ILE C 42 -6.26 -6.78 -22.62
N ASP C 43 -5.14 -6.25 -22.16
CA ASP C 43 -3.96 -7.06 -21.88
C ASP C 43 -3.84 -7.19 -20.37
N VAL C 44 -4.33 -8.31 -19.84
CA VAL C 44 -4.35 -8.50 -18.36
C VAL C 44 -2.90 -8.52 -17.85
N ALA C 45 -2.49 -7.47 -17.13
CA ALA C 45 -1.12 -7.45 -16.55
C ALA C 45 -1.03 -8.55 -15.48
N SER C 46 -2.00 -8.61 -14.57
CA SER C 46 -2.02 -9.65 -13.50
C SER C 46 -3.26 -9.49 -12.61
N ILE C 47 -3.89 -10.61 -12.23
CA ILE C 47 -5.02 -10.53 -11.31
C ILE C 47 -4.44 -10.68 -9.92
N ASP C 48 -4.47 -9.60 -9.14
CA ASP C 48 -3.59 -9.47 -7.99
C ASP C 48 -4.09 -10.23 -6.77
N MET C 49 -5.23 -9.82 -6.23
CA MET C 49 -5.70 -10.33 -4.94
C MET C 49 -7.19 -10.52 -5.02
N VAL C 50 -7.65 -11.76 -4.92
CA VAL C 50 -9.07 -12.08 -4.93
C VAL C 50 -9.49 -12.21 -3.47
N SER C 51 -10.11 -11.16 -2.95
CA SER C 51 -10.47 -11.09 -1.54
C SER C 51 -11.92 -11.51 -1.34
N GLU C 52 -12.14 -12.48 -0.45
CA GLU C 52 -13.51 -13.00 -0.21
C GLU C 52 -14.21 -12.14 0.86
N VAL C 53 -13.45 -11.67 1.85
CA VAL C 53 -14.04 -10.87 2.96
C VAL C 53 -14.71 -9.62 2.36
N ASN C 54 -14.06 -8.99 1.38
CA ASN C 54 -14.62 -7.75 0.76
C ASN C 54 -15.29 -8.10 -0.57
N MET C 55 -15.44 -9.40 -0.86
CA MET C 55 -16.12 -9.85 -2.10
C MET C 55 -15.59 -9.05 -3.29
N ASP C 56 -14.27 -8.93 -3.41
CA ASP C 56 -13.69 -8.21 -4.54
C ASP C 56 -12.42 -8.91 -4.98
N TYR C 57 -12.01 -8.63 -6.21
CA TYR C 57 -10.71 -9.07 -6.73
C TYR C 57 -10.03 -7.85 -7.35
N THR C 58 -8.72 -7.74 -7.15
CA THR C 58 -7.96 -6.63 -7.71
C THR C 58 -7.31 -7.10 -9.01
N LEU C 59 -7.51 -6.31 -10.07
CA LEU C 59 -7.08 -6.67 -11.41
C LEU C 59 -6.41 -5.48 -12.06
N THR C 60 -5.19 -5.69 -12.57
CA THR C 60 -4.51 -4.67 -13.35
C THR C 60 -4.39 -5.14 -14.79
N MET C 61 -4.46 -4.18 -15.72
CA MET C 61 -4.60 -4.52 -17.12
C MET C 61 -4.13 -3.34 -17.96
N TYR C 62 -3.94 -3.61 -19.26
CA TYR C 62 -3.56 -2.57 -20.22
C TYR C 62 -4.76 -2.34 -21.11
N PHE C 63 -5.66 -1.48 -20.64
CA PHE C 63 -6.96 -1.29 -21.28
C PHE C 63 -6.79 -0.35 -22.47
N GLN C 64 -6.93 -0.88 -23.68
CA GLN C 64 -6.76 -0.11 -24.91
C GLN C 64 -8.07 -0.07 -25.69
N GLN C 65 -8.40 1.11 -26.20
CA GLN C 65 -9.58 1.34 -27.01
C GLN C 65 -9.17 1.90 -28.37
N SER C 66 -10.05 1.77 -29.36
CA SER C 66 -9.70 2.23 -30.70
C SER C 66 -10.97 2.61 -31.45
N TRP C 67 -11.10 3.91 -31.76
CA TRP C 67 -12.25 4.40 -32.55
C TRP C 67 -11.68 5.34 -33.63
N LYS C 68 -12.39 5.50 -34.75
CA LYS C 68 -11.83 6.33 -35.86
C LYS C 68 -12.37 7.76 -35.75
N ASP C 69 -11.57 8.67 -35.19
CA ASP C 69 -11.99 10.11 -35.12
C ASP C 69 -11.74 10.74 -36.49
N LYS C 70 -12.80 11.17 -37.17
CA LYS C 70 -12.66 11.71 -38.55
C LYS C 70 -11.84 13.00 -38.55
N ARG C 71 -12.13 13.95 -37.67
CA ARG C 71 -11.45 15.24 -37.73
C ARG C 71 -9.94 15.11 -37.64
N LEU C 72 -9.42 13.96 -37.20
CA LEU C 72 -7.99 13.74 -37.10
C LEU C 72 -7.46 13.02 -38.34
N SER C 73 -7.66 13.65 -39.49
CA SER C 73 -7.23 13.11 -40.77
C SER C 73 -6.20 14.06 -41.37
N TYR C 74 -5.10 13.49 -41.85
CA TYR C 74 -4.04 14.30 -42.45
C TYR C 74 -3.41 13.53 -43.61
N SER C 75 -3.07 14.27 -44.66
CA SER C 75 -2.42 13.72 -45.85
C SER C 75 -0.97 14.15 -45.92
N GLY C 76 -0.32 14.21 -44.75
CA GLY C 76 1.04 14.67 -44.65
C GLY C 76 2.01 13.56 -44.28
N ILE C 77 2.33 13.48 -42.99
CA ILE C 77 3.31 12.53 -42.46
C ILE C 77 2.81 11.11 -42.66
N PRO C 78 3.59 10.18 -43.27
CA PRO C 78 3.07 8.83 -43.57
C PRO C 78 3.30 7.85 -42.41
N LEU C 79 3.55 8.37 -41.19
CA LEU C 79 3.85 7.48 -40.03
C LEU C 79 2.82 7.74 -38.92
N ASN C 80 2.52 6.72 -38.11
CA ASN C 80 1.59 6.90 -36.97
C ASN C 80 2.29 7.79 -35.92
N LEU C 81 1.70 8.96 -35.65
CA LEU C 81 2.32 9.92 -34.69
C LEU C 81 1.92 9.54 -33.26
N THR C 82 2.84 8.95 -32.49
CA THR C 82 2.54 8.61 -31.08
C THR C 82 2.71 9.88 -30.24
N LEU C 83 1.61 10.59 -29.97
CA LEU C 83 1.69 11.88 -29.24
C LEU C 83 1.86 11.61 -27.73
N ASP C 84 2.31 12.63 -26.99
CA ASP C 84 2.51 12.48 -25.52
C ASP C 84 1.16 12.16 -24.86
N ASN C 85 1.19 11.41 -23.75
CA ASN C 85 -0.08 11.03 -23.06
C ASN C 85 -0.88 12.28 -22.73
N ARG C 86 -0.23 13.45 -22.66
CA ARG C 86 -0.92 14.70 -22.24
C ARG C 86 -1.96 15.15 -23.27
N VAL C 87 -1.71 14.94 -24.57
CA VAL C 87 -2.64 15.47 -25.63
C VAL C 87 -4.07 14.95 -25.40
N ALA C 88 -4.23 13.74 -24.86
CA ALA C 88 -5.57 13.15 -24.68
C ALA C 88 -6.55 14.17 -24.12
N ASP C 89 -6.11 15.02 -23.19
CA ASP C 89 -7.00 15.98 -22.55
C ASP C 89 -7.40 17.11 -23.49
N GLN C 90 -6.92 17.10 -24.74
CA GLN C 90 -7.39 18.03 -25.75
C GLN C 90 -8.12 17.31 -26.87
N LEU C 91 -8.60 16.09 -26.62
CA LEU C 91 -9.17 15.24 -27.65
C LEU C 91 -10.42 14.57 -27.10
N TRP C 92 -11.22 14.04 -28.03
CA TRP C 92 -12.40 13.28 -27.59
C TRP C 92 -11.94 11.95 -27.01
N VAL C 93 -12.56 11.54 -25.93
CA VAL C 93 -12.28 10.24 -25.30
C VAL C 93 -13.62 9.64 -24.91
N PRO C 94 -13.89 8.37 -25.20
CA PRO C 94 -15.14 7.75 -24.72
C PRO C 94 -15.13 7.60 -23.21
N ASP C 95 -16.34 7.53 -22.65
CA ASP C 95 -16.56 7.57 -21.20
C ASP C 95 -16.72 6.19 -20.60
N THR C 96 -15.93 5.23 -21.09
CA THR C 96 -16.03 3.83 -20.67
C THR C 96 -15.75 3.67 -19.20
N TYR C 97 -16.76 3.21 -18.46
CA TYR C 97 -16.66 3.01 -17.03
C TYR C 97 -16.91 1.55 -16.69
N PHE C 98 -16.70 1.21 -15.42
CA PHE C 98 -16.78 -0.16 -14.93
C PHE C 98 -17.89 -0.20 -13.89
N LEU C 99 -18.87 -1.10 -14.07
CA LEU C 99 -19.95 -1.15 -13.09
C LEU C 99 -19.51 -1.86 -11.82
N ASN C 100 -18.54 -2.77 -11.92
CA ASN C 100 -18.08 -3.50 -10.76
C ASN C 100 -17.05 -2.72 -9.96
N ASP C 101 -16.69 -1.53 -10.43
CA ASP C 101 -15.61 -0.74 -9.88
C ASP C 101 -15.90 -0.27 -8.46
N LYS C 102 -14.99 -0.59 -7.54
CA LYS C 102 -15.00 -0.03 -6.20
C LYS C 102 -13.86 0.93 -5.95
N LYS C 103 -12.70 0.72 -6.57
CA LYS C 103 -11.56 1.61 -6.47
C LYS C 103 -10.67 1.36 -7.67
N SER C 104 -10.34 2.43 -8.40
CA SER C 104 -9.46 2.32 -9.54
C SER C 104 -8.52 3.52 -9.56
N PHE C 105 -7.36 3.32 -10.16
CA PHE C 105 -6.44 4.43 -10.40
C PHE C 105 -5.60 4.06 -11.63
N VAL C 106 -5.58 4.95 -12.61
CA VAL C 106 -4.60 4.82 -13.68
C VAL C 106 -3.26 5.33 -13.16
N HIS C 107 -2.19 4.59 -13.46
CA HIS C 107 -0.90 4.83 -12.83
C HIS C 107 -0.27 6.11 -13.35
N GLY C 108 0.27 6.89 -12.43
CA GLY C 108 0.78 8.21 -12.79
C GLY C 108 2.26 8.41 -12.55
N VAL C 109 3.03 7.32 -12.54
CA VAL C 109 4.47 7.35 -12.31
C VAL C 109 5.15 6.67 -13.49
N THR C 110 6.13 7.34 -14.10
CA THR C 110 6.71 8.64 -13.81
C THR C 110 5.91 9.78 -14.43
N VAL C 111 5.14 9.43 -15.44
CA VAL C 111 4.12 10.31 -15.98
C VAL C 111 2.84 9.48 -15.95
N LYS C 112 1.71 10.11 -16.29
CA LYS C 112 0.45 9.38 -16.36
C LYS C 112 0.52 8.32 -17.46
N ASN C 113 0.25 7.08 -17.08
CA ASN C 113 0.43 5.94 -17.98
C ASN C 113 -0.70 5.94 -19.01
N ARG C 114 -0.47 6.64 -20.11
CA ARG C 114 -1.42 6.69 -21.20
C ARG C 114 -0.65 6.67 -22.51
N MET C 115 -1.34 6.23 -23.57
CA MET C 115 -0.76 6.09 -24.88
C MET C 115 -1.78 6.55 -25.90
N ILE C 116 -1.33 7.29 -26.92
CA ILE C 116 -2.21 7.74 -27.98
C ILE C 116 -1.45 7.78 -29.30
N ARG C 117 -2.02 7.18 -30.33
CA ARG C 117 -1.42 7.14 -31.67
C ARG C 117 -2.45 7.60 -32.68
N LEU C 118 -2.09 8.58 -33.49
CA LEU C 118 -3.00 9.15 -34.48
C LEU C 118 -2.61 8.57 -35.84
N HIS C 119 -3.26 7.47 -36.21
CA HIS C 119 -3.04 6.82 -37.49
C HIS C 119 -3.53 7.74 -38.61
N PRO C 120 -2.91 7.68 -39.81
CA PRO C 120 -3.12 8.76 -40.80
C PRO C 120 -4.50 8.78 -41.44
N ASP C 121 -5.38 7.81 -41.20
CA ASP C 121 -6.73 7.89 -41.80
C ASP C 121 -7.72 8.56 -40.84
N GLY C 122 -8.05 7.89 -39.74
CA GLY C 122 -8.71 8.56 -38.63
C GLY C 122 -8.52 7.89 -37.29
N THR C 123 -7.82 6.74 -37.30
CA THR C 123 -7.72 5.91 -36.06
C THR C 123 -7.03 6.65 -34.91
N VAL C 124 -7.53 6.45 -33.68
CA VAL C 124 -6.89 7.05 -32.47
C VAL C 124 -6.59 5.91 -31.50
N LEU C 125 -5.33 5.47 -31.40
CA LEU C 125 -5.01 4.30 -30.54
C LEU C 125 -4.85 4.76 -29.09
N TYR C 126 -5.97 4.81 -28.35
CA TYR C 126 -5.94 5.27 -26.93
C TYR C 126 -5.84 4.06 -26.00
N GLY C 127 -4.96 4.11 -25.00
CA GLY C 127 -4.79 2.98 -24.11
C GLY C 127 -4.24 3.35 -22.75
N LEU C 128 -4.84 2.84 -21.69
CA LEU C 128 -4.46 3.17 -20.33
C LEU C 128 -3.83 1.98 -19.65
N ARG C 129 -3.52 2.14 -18.36
CA ARG C 129 -3.03 1.06 -17.51
C ARG C 129 -3.78 1.20 -16.18
N ILE C 130 -4.84 0.43 -16.02
CA ILE C 130 -5.78 0.60 -14.93
C ILE C 130 -5.68 -0.58 -13.97
N THR C 131 -5.71 -0.27 -12.68
CA THR C 131 -5.80 -1.29 -11.63
C THR C 131 -7.15 -1.17 -10.96
N THR C 132 -8.05 -2.10 -11.24
CA THR C 132 -9.41 -2.06 -10.75
C THR C 132 -9.58 -3.05 -9.60
N THR C 133 -10.29 -2.61 -8.56
CA THR C 133 -10.75 -3.50 -7.49
C THR C 133 -12.22 -3.79 -7.78
N ALA C 134 -12.45 -4.71 -8.69
CA ALA C 134 -13.80 -5.01 -9.16
C ALA C 134 -14.54 -5.85 -8.14
N ALA C 135 -15.85 -5.59 -8.01
CA ALA C 135 -16.68 -6.32 -7.08
C ALA C 135 -17.20 -7.60 -7.71
N CYS C 136 -17.00 -8.72 -7.02
CA CYS C 136 -17.44 -10.03 -7.50
C CYS C 136 -18.24 -10.69 -6.39
N MET C 137 -19.54 -10.90 -6.63
CA MET C 137 -20.38 -11.53 -5.62
C MET C 137 -20.11 -13.02 -5.59
N MET C 138 -19.70 -13.53 -4.42
CA MET C 138 -19.24 -14.90 -4.30
C MET C 138 -20.31 -15.80 -3.69
N ASP C 139 -20.55 -16.92 -4.34
CA ASP C 139 -21.35 -18.00 -3.77
C ASP C 139 -20.41 -18.91 -2.99
N LEU C 140 -20.64 -19.01 -1.69
CA LEU C 140 -19.64 -19.50 -0.76
C LEU C 140 -20.16 -20.74 -0.01
N ARG C 141 -21.10 -21.45 -0.64
CA ARG C 141 -21.67 -22.65 -0.03
C ARG C 141 -20.74 -23.85 -0.18
N ARG C 142 -20.01 -23.92 -1.30
CA ARG C 142 -19.19 -25.09 -1.57
C ARG C 142 -17.78 -24.97 -1.02
N TYR C 143 -17.47 -23.92 -0.26
CA TYR C 143 -16.17 -23.63 0.32
C TYR C 143 -15.68 -24.77 1.22
N PRO C 144 -14.40 -25.16 1.11
CA PRO C 144 -13.36 -24.62 0.24
C PRO C 144 -13.26 -25.30 -1.12
N LEU C 145 -14.14 -26.25 -1.43
CA LEU C 145 -14.10 -26.92 -2.73
C LEU C 145 -15.06 -26.24 -3.71
N ASP C 146 -14.90 -24.92 -3.83
CA ASP C 146 -15.86 -24.08 -4.54
C ASP C 146 -15.29 -23.66 -5.89
N GLU C 147 -16.05 -22.82 -6.59
CA GLU C 147 -15.73 -22.44 -7.96
C GLU C 147 -16.45 -21.14 -8.27
N GLN C 148 -15.69 -20.06 -8.51
CA GLN C 148 -16.33 -18.74 -8.70
C GLN C 148 -16.29 -18.32 -10.17
N ASN C 149 -17.24 -17.46 -10.58
CA ASN C 149 -17.27 -16.94 -11.97
C ASN C 149 -17.24 -15.41 -11.87
N CYS C 150 -16.07 -14.85 -11.56
CA CYS C 150 -15.96 -13.38 -11.37
C CYS C 150 -16.03 -12.67 -12.72
N THR C 151 -16.66 -11.49 -12.78
CA THR C 151 -16.85 -10.81 -14.09
C THR C 151 -16.40 -9.35 -14.02
N LEU C 152 -16.10 -8.76 -15.18
CA LEU C 152 -15.73 -7.36 -15.27
C LEU C 152 -16.56 -6.72 -16.38
N GLU C 153 -17.39 -5.74 -16.00
CA GLU C 153 -18.39 -5.19 -16.91
C GLU C 153 -17.98 -3.77 -17.30
N ILE C 154 -17.77 -3.55 -18.59
CA ILE C 154 -17.37 -2.26 -19.12
C ILE C 154 -18.51 -1.71 -19.96
N GLU C 155 -18.79 -0.42 -19.80
CA GLU C 155 -20.01 0.17 -20.33
C GLU C 155 -19.77 1.65 -20.60
N SER C 156 -20.53 2.20 -21.55
CA SER C 156 -20.58 3.63 -21.70
C SER C 156 -21.47 4.24 -20.62
N TYR C 157 -21.28 5.52 -20.35
CA TYR C 157 -22.12 6.19 -19.35
C TYR C 157 -23.09 7.19 -19.96
N GLY C 158 -22.60 8.19 -20.67
CA GLY C 158 -23.47 9.24 -21.15
C GLY C 158 -23.98 9.02 -22.56
N TYR C 159 -23.40 8.05 -23.26
CA TYR C 159 -23.74 7.79 -24.64
C TYR C 159 -24.50 6.48 -24.75
N THR C 160 -25.64 6.51 -25.46
CA THR C 160 -26.51 5.36 -25.59
C THR C 160 -26.06 4.49 -26.76
N THR C 161 -26.89 3.52 -27.14
CA THR C 161 -26.58 2.68 -28.29
C THR C 161 -26.76 3.43 -29.60
N ASP C 162 -27.49 4.54 -29.61
CA ASP C 162 -27.59 5.36 -30.80
C ASP C 162 -26.35 6.21 -31.02
N ASP C 163 -25.51 6.33 -30.00
CA ASP C 163 -24.33 7.24 -30.10
C ASP C 163 -23.02 6.44 -30.09
N ILE C 164 -22.92 5.44 -29.22
CA ILE C 164 -21.62 4.69 -29.09
C ILE C 164 -21.90 3.19 -29.19
N GLU C 165 -20.94 2.43 -29.72
CA GLU C 165 -21.09 0.95 -29.81
C GLU C 165 -19.77 0.30 -29.38
N PHE C 166 -19.83 -0.85 -28.70
CA PHE C 166 -18.64 -1.47 -28.17
C PHE C 166 -18.51 -2.88 -28.77
N TYR C 167 -17.30 -3.23 -29.21
CA TYR C 167 -17.08 -4.60 -29.73
C TYR C 167 -15.66 -5.09 -29.37
N TRP C 168 -15.53 -6.37 -29.02
CA TRP C 168 -14.20 -6.96 -28.72
C TRP C 168 -13.41 -7.03 -30.03
N ASN C 169 -12.17 -6.50 -30.04
CA ASN C 169 -11.32 -6.62 -31.25
C ASN C 169 -10.94 -8.09 -31.46
N GLY C 170 -10.74 -8.48 -32.71
CA GLY C 170 -10.28 -9.84 -32.98
C GLY C 170 -11.03 -10.82 -32.12
N GLY C 171 -12.33 -10.63 -31.95
CA GLY C 171 -13.11 -11.65 -31.23
C GLY C 171 -12.41 -12.11 -29.98
N GLU C 172 -12.30 -13.42 -29.76
CA GLU C 172 -11.69 -13.95 -28.50
C GLU C 172 -10.31 -13.31 -28.28
N GLY C 173 -9.70 -12.76 -29.33
CA GLY C 173 -8.34 -12.19 -29.23
C GLY C 173 -8.31 -10.90 -28.42
N ALA C 174 -9.48 -10.31 -28.15
CA ALA C 174 -9.53 -9.00 -27.44
C ALA C 174 -8.80 -9.11 -26.09
N VAL C 175 -9.07 -10.18 -25.34
CA VAL C 175 -8.45 -10.31 -23.98
C VAL C 175 -7.37 -11.40 -24.00
N THR C 176 -6.13 -11.04 -23.69
CA THR C 176 -5.00 -12.00 -23.68
C THR C 176 -4.19 -11.86 -22.38
N GLY C 177 -3.35 -12.86 -22.06
CA GLY C 177 -2.49 -12.80 -20.90
C GLY C 177 -2.96 -13.57 -19.70
N VAL C 178 -4.20 -14.05 -19.72
CA VAL C 178 -4.79 -14.68 -18.55
C VAL C 178 -4.25 -16.09 -18.31
N ASN C 179 -3.54 -16.66 -19.28
CA ASN C 179 -2.98 -17.99 -19.13
C ASN C 179 -1.76 -17.97 -18.21
N LYS C 180 -0.94 -16.94 -18.32
CA LYS C 180 0.31 -16.89 -17.57
C LYS C 180 0.09 -16.33 -16.17
N ILE C 181 -1.13 -15.90 -15.87
CA ILE C 181 -1.46 -15.36 -14.55
C ILE C 181 -1.46 -16.48 -13.53
N GLU C 182 -0.72 -16.31 -12.45
CA GLU C 182 -0.71 -17.25 -11.35
C GLU C 182 -1.40 -16.61 -10.15
N LEU C 183 -2.40 -17.29 -9.62
CA LEU C 183 -2.94 -16.91 -8.33
C LEU C 183 -2.19 -17.68 -7.25
N PRO C 184 -2.01 -17.09 -6.07
CA PRO C 184 -1.36 -17.84 -4.98
C PRO C 184 -2.21 -19.00 -4.48
N GLN C 185 -3.53 -18.88 -4.58
CA GLN C 185 -4.45 -19.88 -4.05
C GLN C 185 -5.38 -20.47 -5.10
N PHE C 186 -5.93 -19.65 -6.00
CA PHE C 186 -6.90 -20.13 -6.98
C PHE C 186 -6.17 -20.69 -8.20
N SER C 187 -6.94 -20.99 -9.25
CA SER C 187 -6.40 -21.49 -10.52
C SER C 187 -7.39 -21.11 -11.61
N ILE C 188 -7.02 -20.14 -12.44
CA ILE C 188 -7.90 -19.64 -13.49
C ILE C 188 -8.00 -20.67 -14.61
N VAL C 189 -9.22 -21.04 -14.99
CA VAL C 189 -9.44 -22.14 -15.92
C VAL C 189 -10.07 -21.67 -17.22
N ASP C 190 -11.02 -20.73 -17.15
CA ASP C 190 -11.74 -20.28 -18.33
C ASP C 190 -11.81 -18.76 -18.34
N TYR C 191 -12.05 -18.22 -19.52
CA TYR C 191 -12.34 -16.80 -19.66
C TYR C 191 -13.29 -16.65 -20.84
N LYS C 192 -14.36 -15.88 -20.66
CA LYS C 192 -15.39 -15.72 -21.67
C LYS C 192 -15.72 -14.25 -21.88
N MET C 193 -16.11 -13.96 -23.10
CA MET C 193 -16.44 -12.56 -23.44
C MET C 193 -17.86 -12.56 -23.97
N VAL C 194 -18.54 -11.41 -23.90
CA VAL C 194 -19.97 -11.33 -24.34
C VAL C 194 -20.36 -9.85 -24.52
N SER C 195 -21.00 -9.52 -25.64
CA SER C 195 -21.48 -8.13 -25.87
C SER C 195 -22.95 -8.03 -25.44
N LYS C 196 -23.27 -7.12 -24.52
CA LYS C 196 -24.65 -7.03 -23.99
C LYS C 196 -25.22 -5.62 -24.25
N LYS C 197 -26.55 -5.49 -24.22
CA LYS C 197 -27.20 -4.16 -24.40
C LYS C 197 -28.19 -3.96 -23.25
N VAL C 198 -27.70 -3.56 -22.07
CA VAL C 198 -28.58 -3.44 -20.92
C VAL C 198 -29.49 -2.22 -21.11
N GLU C 199 -30.65 -2.29 -20.46
CA GLU C 199 -31.70 -1.28 -20.58
C GLU C 199 -31.87 -0.62 -19.22
N PHE C 200 -31.24 0.52 -19.03
CA PHE C 200 -31.54 1.33 -17.85
C PHE C 200 -32.70 2.27 -18.16
N THR C 201 -33.09 3.02 -17.12
CA THR C 201 -34.23 3.93 -17.25
C THR C 201 -33.89 5.10 -18.18
N THR C 202 -32.62 5.48 -18.21
CA THR C 202 -32.16 6.61 -19.00
C THR C 202 -32.16 6.26 -20.50
N GLY C 203 -31.69 5.07 -20.84
CA GLY C 203 -31.66 4.66 -22.24
C GLY C 203 -31.00 3.30 -22.39
N ALA C 204 -30.81 2.89 -23.64
CA ALA C 204 -30.21 1.61 -23.95
C ALA C 204 -28.70 1.76 -24.09
N TYR C 205 -27.94 0.93 -23.38
CA TYR C 205 -26.51 1.12 -23.32
C TYR C 205 -25.76 -0.13 -23.75
N PRO C 206 -24.59 0.02 -24.39
CA PRO C 206 -23.78 -1.15 -24.74
C PRO C 206 -22.87 -1.54 -23.59
N ARG C 207 -22.96 -2.79 -23.16
CA ARG C 207 -22.13 -3.31 -22.09
C ARG C 207 -21.39 -4.55 -22.57
N LEU C 208 -20.08 -4.56 -22.41
CA LEU C 208 -19.27 -5.74 -22.62
C LEU C 208 -18.91 -6.32 -21.26
N SER C 209 -18.96 -7.63 -21.14
CA SER C 209 -18.62 -8.31 -19.89
C SER C 209 -17.49 -9.29 -20.17
N LEU C 210 -16.43 -9.19 -19.38
CA LEU C 210 -15.31 -10.12 -19.41
C LEU C 210 -15.34 -10.93 -18.14
N SER C 211 -15.54 -12.23 -18.27
CA SER C 211 -15.78 -13.11 -17.13
C SER C 211 -14.62 -14.08 -16.95
N PHE C 212 -14.16 -14.23 -15.71
CA PHE C 212 -13.10 -15.16 -15.36
C PHE C 212 -13.66 -16.25 -14.47
N ARG C 213 -13.14 -17.47 -14.65
CA ARG C 213 -13.48 -18.59 -13.79
C ARG C 213 -12.28 -18.91 -12.91
N LEU C 214 -12.50 -18.97 -11.60
CA LEU C 214 -11.45 -19.26 -10.64
C LEU C 214 -11.84 -20.50 -9.86
N LYS C 215 -10.92 -21.47 -9.79
CA LYS C 215 -11.11 -22.71 -9.06
C LYS C 215 -10.16 -22.71 -7.87
N ARG C 216 -10.70 -22.87 -6.67
CA ARG C 216 -9.89 -22.83 -5.46
C ARG C 216 -9.18 -24.17 -5.26
N ASN C 217 -7.90 -24.09 -4.92
CA ASN C 217 -7.07 -25.26 -4.68
C ASN C 217 -7.25 -25.73 -3.25
N ILE C 218 -7.44 -27.04 -3.08
CA ILE C 218 -7.80 -27.60 -1.78
C ILE C 218 -6.55 -27.74 -0.90
N GLY C 219 -5.38 -27.83 -1.54
CA GLY C 219 -4.11 -28.15 -0.91
C GLY C 219 -3.65 -27.27 0.24
N TYR C 220 -4.09 -26.01 0.27
CA TYR C 220 -3.88 -25.18 1.44
C TYR C 220 -4.70 -25.69 2.62
N PHE C 221 -5.97 -26.02 2.37
CA PHE C 221 -6.88 -26.36 3.45
C PHE C 221 -6.72 -27.80 3.91
N ILE C 222 -6.00 -28.60 3.13
CA ILE C 222 -5.73 -30.00 3.47
C ILE C 222 -4.89 -30.06 4.74
N LEU C 223 -3.81 -29.29 4.77
CA LEU C 223 -2.91 -29.29 5.92
C LEU C 223 -3.24 -28.23 6.96
N GLN C 224 -3.98 -27.18 6.61
CA GLN C 224 -4.28 -26.13 7.57
C GLN C 224 -5.54 -26.44 8.37
N THR C 225 -6.55 -27.02 7.73
CA THR C 225 -7.83 -27.24 8.38
C THR C 225 -8.20 -28.72 8.48
N TYR C 226 -8.16 -29.47 7.38
CA TYR C 226 -8.74 -30.80 7.36
C TYR C 226 -7.89 -31.80 8.15
N MET C 227 -6.57 -31.72 8.02
CA MET C 227 -5.70 -32.66 8.73
C MET C 227 -5.64 -32.42 10.24
N PRO C 228 -5.62 -31.17 10.76
CA PRO C 228 -5.90 -31.01 12.20
C PRO C 228 -7.30 -31.47 12.61
N SER C 229 -8.30 -31.33 11.74
CA SER C 229 -9.64 -31.76 12.09
C SER C 229 -9.76 -33.28 12.07
N THR C 230 -9.12 -33.93 11.10
CA THR C 230 -9.22 -35.39 10.99
C THR C 230 -8.41 -36.09 12.08
N LEU C 231 -7.22 -35.58 12.39
CA LEU C 231 -6.35 -36.27 13.33
C LEU C 231 -6.62 -35.91 14.78
N ILE C 232 -7.50 -34.94 15.04
CA ILE C 232 -7.97 -34.74 16.41
C ILE C 232 -9.12 -35.69 16.72
N THR C 233 -9.79 -36.22 15.69
CA THR C 233 -10.74 -37.31 15.90
C THR C 233 -9.99 -38.61 16.22
N ILE C 234 -8.85 -38.82 15.55
CA ILE C 234 -7.96 -39.93 15.89
C ILE C 234 -7.39 -39.73 17.29
N LEU C 235 -7.14 -38.48 17.68
CA LEU C 235 -6.70 -38.19 19.05
C LEU C 235 -7.78 -38.54 20.06
N SER C 236 -9.04 -38.29 19.72
CA SER C 236 -10.15 -38.67 20.60
C SER C 236 -10.43 -40.17 20.58
N TRP C 237 -9.84 -40.91 19.64
CA TRP C 237 -10.02 -42.35 19.58
C TRP C 237 -9.04 -43.12 20.45
N VAL C 238 -8.05 -42.44 21.03
CA VAL C 238 -7.18 -43.04 22.04
C VAL C 238 -7.96 -43.23 23.34
N SER C 239 -9.05 -42.47 23.52
CA SER C 239 -9.92 -42.57 24.68
C SER C 239 -10.58 -43.94 24.82
N PHE C 240 -10.75 -44.66 23.70
CA PHE C 240 -11.38 -45.97 23.76
C PHE C 240 -10.40 -47.07 24.18
N TRP C 241 -9.10 -46.81 24.09
CA TRP C 241 -8.09 -47.82 24.43
C TRP C 241 -7.58 -47.70 25.86
N ILE C 242 -8.37 -47.07 26.74
CA ILE C 242 -8.04 -46.93 28.15
C ILE C 242 -9.05 -47.74 28.94
N ASN C 243 -8.58 -48.37 30.02
CA ASN C 243 -9.46 -49.13 30.90
C ASN C 243 -10.40 -48.19 31.67
N TYR C 244 -11.52 -48.75 32.12
CA TYR C 244 -12.65 -47.95 32.61
C TYR C 244 -12.37 -47.32 33.97
N ASP C 245 -11.52 -47.94 34.79
CA ASP C 245 -11.26 -47.40 36.13
C ASP C 245 -10.41 -46.14 36.09
N ALA C 246 -9.68 -45.90 35.00
CA ALA C 246 -8.92 -44.67 34.84
C ALA C 246 -9.90 -43.54 34.58
N SER C 247 -10.34 -42.86 35.65
CA SER C 247 -11.33 -41.81 35.51
C SER C 247 -10.72 -40.53 34.96
N ALA C 248 -9.66 -40.04 35.61
CA ALA C 248 -9.02 -38.80 35.19
C ALA C 248 -8.22 -38.95 33.90
N ALA C 249 -7.75 -40.15 33.60
CA ALA C 249 -6.96 -40.35 32.38
C ALA C 249 -7.81 -40.30 31.13
N ARG C 250 -8.96 -40.97 31.12
CA ARG C 250 -9.79 -41.04 29.92
C ARG C 250 -10.53 -39.73 29.66
N VAL C 251 -10.88 -38.98 30.71
CA VAL C 251 -11.60 -37.72 30.51
C VAL C 251 -10.65 -36.66 29.96
N ALA C 252 -9.34 -36.84 30.18
CA ALA C 252 -8.34 -35.91 29.67
C ALA C 252 -8.25 -35.94 28.14
N LEU C 253 -8.63 -37.07 27.54
CA LEU C 253 -8.72 -37.15 26.10
C LEU C 253 -9.91 -36.34 25.60
N GLY C 254 -11.10 -36.65 26.13
CA GLY C 254 -12.33 -36.16 25.52
C GLY C 254 -12.57 -34.67 25.75
N ILE C 255 -12.15 -34.16 26.91
CA ILE C 255 -12.44 -32.77 27.23
C ILE C 255 -11.50 -31.82 26.49
N THR C 256 -10.37 -32.34 26.00
CA THR C 256 -9.41 -31.48 25.32
C THR C 256 -9.57 -31.53 23.81
N THR C 257 -10.08 -32.63 23.27
CA THR C 257 -10.40 -32.68 21.85
C THR C 257 -11.60 -31.84 21.49
N VAL C 258 -12.56 -31.69 22.39
CA VAL C 258 -13.80 -30.99 22.07
C VAL C 258 -13.71 -29.49 22.33
N LEU C 259 -12.85 -29.04 23.26
CA LEU C 259 -12.64 -27.60 23.43
C LEU C 259 -11.83 -27.04 22.27
N THR C 260 -10.88 -27.82 21.75
CA THR C 260 -10.09 -27.39 20.61
C THR C 260 -10.92 -27.41 19.32
N MET C 261 -11.79 -28.41 19.17
CA MET C 261 -12.66 -28.48 18.00
C MET C 261 -13.63 -27.32 17.95
N THR C 262 -14.07 -26.84 19.11
CA THR C 262 -14.79 -25.57 19.18
C THR C 262 -13.86 -24.39 18.91
N THR C 263 -12.61 -24.47 19.39
CA THR C 263 -11.65 -23.39 19.19
C THR C 263 -11.23 -23.31 17.72
N ILE C 264 -11.09 -24.45 17.05
CA ILE C 264 -10.75 -24.47 15.63
C ILE C 264 -11.89 -23.89 14.80
N SER C 265 -13.13 -24.16 15.19
CA SER C 265 -14.28 -23.60 14.48
C SER C 265 -14.38 -22.09 14.67
N THR C 266 -14.07 -21.60 15.88
CA THR C 266 -14.03 -20.16 16.08
C THR C 266 -12.82 -19.53 15.40
N HIS C 267 -11.70 -20.25 15.37
CA HIS C 267 -10.51 -19.77 14.64
C HIS C 267 -10.50 -20.29 13.20
N LEU C 268 -11.65 -20.19 12.53
CA LEU C 268 -11.76 -20.52 11.12
C LEU C 268 -12.52 -19.41 10.42
N ARG C 269 -13.47 -18.81 11.14
CA ARG C 269 -14.44 -17.90 10.56
C ARG C 269 -14.12 -16.44 10.83
N GLU C 270 -12.94 -16.15 11.38
CA GLU C 270 -12.47 -14.77 11.41
C GLU C 270 -11.68 -14.43 10.15
N THR C 271 -11.21 -15.45 9.43
CA THR C 271 -10.57 -15.20 8.11
C THR C 271 -11.67 -15.27 7.07
N LEU C 272 -12.81 -15.88 7.43
CA LEU C 272 -13.96 -16.00 6.55
C LEU C 272 -14.92 -14.85 6.84
N PRO C 273 -15.70 -14.41 5.85
CA PRO C 273 -16.61 -13.29 6.10
C PRO C 273 -17.84 -13.65 6.91
N LYS C 274 -18.74 -12.69 7.07
CA LYS C 274 -19.87 -12.82 7.96
C LYS C 274 -21.05 -13.50 7.24
N ILE C 275 -20.83 -14.77 6.89
CA ILE C 275 -21.75 -15.48 6.01
C ILE C 275 -22.95 -15.98 6.81
N PRO C 276 -24.18 -15.94 6.24
CA PRO C 276 -25.34 -16.39 7.01
C PRO C 276 -25.66 -17.87 6.88
N TYR C 277 -25.20 -18.52 5.82
CA TYR C 277 -25.56 -19.90 5.59
C TYR C 277 -24.42 -20.83 6.00
N VAL C 278 -24.57 -22.11 5.68
CA VAL C 278 -23.63 -23.15 6.08
C VAL C 278 -22.70 -23.45 4.92
N LYS C 279 -21.39 -23.35 5.16
CA LYS C 279 -20.41 -23.74 4.16
C LYS C 279 -20.13 -25.23 4.26
N ALA C 280 -19.47 -25.77 3.23
CA ALA C 280 -19.16 -27.19 3.23
C ALA C 280 -18.06 -27.55 4.21
N ILE C 281 -17.20 -26.58 4.55
CA ILE C 281 -16.22 -26.80 5.60
C ILE C 281 -16.92 -26.89 6.96
N ASP C 282 -17.99 -26.11 7.14
CA ASP C 282 -18.72 -26.15 8.41
C ASP C 282 -19.53 -27.43 8.55
N ILE C 283 -19.97 -28.03 7.44
CA ILE C 283 -20.64 -29.32 7.50
C ILE C 283 -19.67 -30.41 7.92
N TYR C 284 -18.46 -30.39 7.36
CA TYR C 284 -17.45 -31.39 7.71
C TYR C 284 -16.95 -31.20 9.13
N LEU C 285 -16.81 -29.95 9.57
CA LEU C 285 -16.31 -29.68 10.91
C LEU C 285 -17.35 -30.03 11.96
N MET C 286 -18.62 -29.72 11.71
CA MET C 286 -19.68 -30.16 12.59
C MET C 286 -19.99 -31.65 12.44
N GLY C 287 -19.56 -32.26 11.34
CA GLY C 287 -19.74 -33.69 11.16
C GLY C 287 -18.92 -34.51 12.13
N CYS C 288 -17.67 -34.11 12.36
CA CYS C 288 -16.84 -34.77 13.36
C CYS C 288 -16.96 -34.13 14.74
N PHE C 289 -17.63 -32.99 14.85
CA PHE C 289 -17.87 -32.38 16.15
C PHE C 289 -18.85 -33.19 16.99
N VAL C 290 -19.81 -33.85 16.34
CA VAL C 290 -20.73 -34.72 17.06
C VAL C 290 -20.15 -36.11 17.28
N PHE C 291 -19.08 -36.46 16.55
CA PHE C 291 -18.38 -37.71 16.81
C PHE C 291 -17.63 -37.65 18.13
N VAL C 292 -17.15 -36.47 18.51
CA VAL C 292 -16.57 -36.32 19.84
C VAL C 292 -17.66 -36.39 20.91
N PHE C 293 -18.85 -35.84 20.64
CA PHE C 293 -19.98 -35.98 21.56
C PHE C 293 -20.42 -37.44 21.69
N LEU C 294 -20.24 -38.23 20.63
CA LEU C 294 -20.48 -39.66 20.73
C LEU C 294 -19.41 -40.35 21.58
N ALA C 295 -18.20 -39.80 21.61
CA ALA C 295 -17.15 -40.36 22.46
C ALA C 295 -17.34 -39.95 23.91
N LEU C 296 -17.76 -38.70 24.15
CA LEU C 296 -18.05 -38.26 25.52
C LEU C 296 -19.29 -38.93 26.09
N LEU C 297 -20.30 -39.19 25.26
CA LEU C 297 -21.46 -39.94 25.73
C LEU C 297 -21.10 -41.40 25.98
N GLU C 298 -20.12 -41.93 25.23
CA GLU C 298 -19.68 -43.31 25.43
C GLU C 298 -19.00 -43.49 26.79
N TYR C 299 -18.18 -42.52 27.19
CA TYR C 299 -17.59 -42.56 28.52
C TYR C 299 -18.63 -42.35 29.60
N ALA C 300 -19.61 -41.48 29.35
CA ALA C 300 -20.69 -41.26 30.31
C ALA C 300 -21.56 -42.51 30.46
N PHE C 301 -21.74 -43.27 29.39
CA PHE C 301 -22.57 -44.47 29.47
C PHE C 301 -21.84 -45.60 30.18
N VAL C 302 -20.54 -45.77 29.94
CA VAL C 302 -19.84 -46.88 30.57
C VAL C 302 -19.55 -46.56 32.04
N ASN C 303 -19.45 -45.28 32.40
CA ASN C 303 -19.33 -44.92 33.81
C ASN C 303 -20.66 -44.98 34.53
N TYR C 304 -21.76 -44.94 33.78
CA TYR C 304 -23.07 -45.20 34.39
C TYR C 304 -23.23 -46.67 34.72
N ILE C 305 -22.58 -47.54 33.94
CA ILE C 305 -22.53 -48.96 34.26
C ILE C 305 -21.75 -49.22 35.55
N PHE C 306 -20.59 -48.57 35.70
CA PHE C 306 -19.81 -48.72 36.92
C PHE C 306 -20.42 -47.91 38.06
N VAL C 421 -15.64 -54.63 30.38
CA VAL C 421 -15.85 -53.97 29.09
C VAL C 421 -17.34 -53.79 28.83
N ASN C 422 -18.10 -54.87 29.02
CA ASN C 422 -19.54 -54.98 28.78
C ASN C 422 -19.93 -54.66 27.34
N SER C 423 -19.00 -54.85 26.39
CA SER C 423 -19.13 -54.67 24.94
C SER C 423 -19.35 -53.22 24.50
N ILE C 424 -19.51 -52.29 25.46
CA ILE C 424 -19.67 -50.89 25.11
C ILE C 424 -18.36 -50.31 24.61
N ASP C 425 -17.26 -50.66 25.25
CA ASP C 425 -15.92 -50.29 24.80
C ASP C 425 -15.39 -51.23 23.73
N LYS C 426 -16.12 -52.31 23.43
CA LYS C 426 -15.75 -53.25 22.38
C LYS C 426 -16.46 -52.95 21.06
N TRP C 427 -17.76 -52.63 21.13
CA TRP C 427 -18.47 -52.21 19.92
C TRP C 427 -17.99 -50.85 19.43
N SER C 428 -17.47 -50.01 20.33
CA SER C 428 -17.00 -48.67 20.01
C SER C 428 -15.82 -48.70 19.04
N ARG C 429 -14.90 -49.64 19.22
CA ARG C 429 -13.81 -49.81 18.27
C ARG C 429 -14.25 -50.50 16.99
N MET C 430 -15.45 -51.09 16.97
CA MET C 430 -16.02 -51.70 15.78
C MET C 430 -17.08 -50.82 15.12
N PHE C 431 -17.33 -49.62 15.64
CA PHE C 431 -18.32 -48.71 15.08
C PHE C 431 -17.76 -47.36 14.72
N PHE C 432 -16.88 -46.79 15.55
CA PHE C 432 -16.30 -45.47 15.33
C PHE C 432 -15.39 -45.38 14.10
N PRO C 433 -14.45 -46.32 13.83
CA PRO C 433 -13.74 -46.23 12.54
C PRO C 433 -14.62 -46.50 11.32
N ILE C 434 -15.69 -47.28 11.49
CA ILE C 434 -16.61 -47.53 10.39
C ILE C 434 -17.42 -46.27 10.07
N THR C 435 -17.86 -45.56 11.10
CA THR C 435 -18.77 -44.43 10.90
C THR C 435 -18.05 -43.23 10.31
N PHE C 436 -16.84 -42.94 10.81
CA PHE C 436 -16.07 -41.80 10.29
C PHE C 436 -15.56 -42.05 8.88
N SER C 437 -15.19 -43.29 8.56
CA SER C 437 -14.75 -43.59 7.20
C SER C 437 -15.92 -43.54 6.22
N LEU C 438 -17.11 -43.98 6.66
CA LEU C 438 -18.29 -43.85 5.82
C LEU C 438 -18.69 -42.39 5.67
N PHE C 439 -18.46 -41.58 6.71
CA PHE C 439 -18.69 -40.15 6.60
C PHE C 439 -17.68 -39.50 5.66
N ASN C 440 -16.45 -40.04 5.60
CA ASN C 440 -15.44 -39.48 4.71
C ASN C 440 -15.71 -39.82 3.25
N VAL C 441 -16.32 -40.98 2.97
CA VAL C 441 -16.65 -41.34 1.60
C VAL C 441 -17.79 -40.47 1.07
N VAL C 442 -18.84 -40.30 1.87
CA VAL C 442 -20.01 -39.54 1.42
C VAL C 442 -19.77 -38.03 1.38
N TYR C 443 -18.67 -37.54 1.96
CA TYR C 443 -18.37 -36.12 1.91
C TYR C 443 -17.49 -35.78 0.70
N TRP C 444 -16.43 -36.56 0.48
CA TRP C 444 -15.48 -36.22 -0.58
C TRP C 444 -16.02 -36.57 -1.96
N LEU C 445 -16.83 -37.61 -2.07
CA LEU C 445 -17.44 -37.95 -3.36
C LEU C 445 -18.53 -36.95 -3.72
N TYR C 446 -19.19 -36.36 -2.72
CA TYR C 446 -20.22 -35.37 -2.99
C TYR C 446 -19.61 -34.05 -3.44
N TYR C 447 -18.37 -33.77 -3.04
CA TYR C 447 -17.69 -32.54 -3.41
C TYR C 447 -16.47 -32.83 -4.29
N ASN D 9 -18.96 23.19 -41.47
CA ASN D 9 -19.31 21.82 -41.79
C ASN D 9 -20.48 21.33 -40.96
N ASN D 10 -20.70 20.01 -40.97
CA ASN D 10 -21.83 19.40 -40.28
C ASN D 10 -21.68 19.46 -38.76
N ILE D 11 -20.49 19.17 -38.25
CA ILE D 11 -20.28 19.19 -36.80
C ILE D 11 -20.09 20.62 -36.32
N THR D 12 -19.75 21.53 -37.24
CA THR D 12 -19.58 22.93 -36.86
C THR D 12 -20.92 23.62 -36.63
N ILE D 13 -22.00 23.03 -37.11
CA ILE D 13 -23.35 23.53 -36.80
C ILE D 13 -23.63 23.38 -35.31
N PHE D 14 -23.30 22.22 -34.75
CA PHE D 14 -23.47 22.00 -33.33
C PHE D 14 -22.43 22.72 -32.48
N THR D 15 -21.30 23.09 -33.07
CA THR D 15 -20.33 23.94 -32.39
C THR D 15 -20.86 25.36 -32.21
N ARG D 16 -21.55 25.87 -33.22
CA ARG D 16 -22.15 27.21 -33.13
C ARG D 16 -23.31 27.23 -32.14
N ILE D 17 -23.99 26.10 -31.95
CA ILE D 17 -25.08 26.04 -30.98
C ILE D 17 -24.55 26.13 -29.57
N LEU D 18 -23.51 25.36 -29.25
CA LEU D 18 -22.98 25.33 -27.89
C LEU D 18 -22.20 26.60 -27.57
N ASP D 19 -21.62 27.26 -28.57
CA ASP D 19 -20.94 28.53 -28.32
C ASP D 19 -21.95 29.65 -28.09
N ARG D 20 -23.15 29.52 -28.69
CA ARG D 20 -24.18 30.53 -28.50
C ARG D 20 -24.85 30.39 -27.14
N LEU D 21 -24.95 29.16 -26.64
CA LEU D 21 -25.60 28.93 -25.34
C LEU D 21 -24.76 29.48 -24.21
N LEU D 22 -23.44 29.33 -24.28
CA LEU D 22 -22.54 29.73 -23.21
C LEU D 22 -22.03 31.15 -23.36
N ASP D 23 -22.50 31.89 -24.36
CA ASP D 23 -22.12 33.27 -24.55
C ASP D 23 -23.02 34.13 -23.67
N GLY D 24 -22.44 34.71 -22.62
CA GLY D 24 -23.21 35.46 -21.65
C GLY D 24 -23.78 34.64 -20.51
N TYR D 25 -23.55 33.33 -20.50
CA TYR D 25 -24.05 32.47 -19.44
C TYR D 25 -23.23 32.68 -18.16
N ASP D 26 -23.91 32.66 -17.02
CA ASP D 26 -23.29 32.82 -15.72
C ASP D 26 -23.62 31.62 -14.86
N ASN D 27 -22.60 30.85 -14.48
CA ASN D 27 -22.81 29.63 -13.70
C ASN D 27 -22.92 29.90 -12.21
N ARG D 28 -22.72 31.13 -11.77
CA ARG D 28 -22.83 31.46 -10.36
C ARG D 28 -24.27 31.67 -9.90
N LEU D 29 -25.22 31.71 -10.81
CA LEU D 29 -26.59 32.05 -10.51
C LEU D 29 -27.51 30.88 -10.86
N ARG D 30 -28.47 30.60 -10.01
CA ARG D 30 -29.46 29.57 -10.30
C ARG D 30 -30.41 30.07 -11.38
N PRO D 31 -31.04 29.18 -12.13
CA PRO D 31 -32.02 29.61 -13.15
C PRO D 31 -33.26 30.20 -12.49
N GLY D 32 -33.59 31.43 -12.87
CA GLY D 32 -34.69 32.13 -12.24
C GLY D 32 -34.34 32.53 -10.82
N LEU D 33 -33.30 33.35 -10.67
CA LEU D 33 -32.85 33.76 -9.34
C LEU D 33 -33.82 34.73 -8.70
N GLY D 34 -34.48 35.51 -9.54
CA GLY D 34 -35.53 36.42 -9.04
C GLY D 34 -36.85 36.24 -9.79
N ASP D 35 -36.95 35.19 -10.60
CA ASP D 35 -38.19 34.94 -11.39
C ASP D 35 -39.09 33.92 -10.68
N SER D 36 -38.52 32.89 -10.05
CA SER D 36 -39.36 31.84 -9.43
C SER D 36 -38.51 30.85 -8.63
N ILE D 37 -39.00 29.61 -8.45
CA ILE D 37 -38.27 28.57 -7.68
C ILE D 37 -37.48 27.70 -8.66
N THR D 38 -36.46 26.98 -8.18
CA THR D 38 -35.72 26.04 -9.07
C THR D 38 -36.16 24.61 -8.73
N GLU D 39 -37.11 24.06 -9.49
CA GLU D 39 -37.64 22.69 -9.21
C GLU D 39 -36.61 21.66 -9.69
N VAL D 40 -36.13 20.82 -8.78
CA VAL D 40 -35.13 19.81 -9.14
C VAL D 40 -35.80 18.44 -9.00
N PHE D 41 -35.81 17.68 -10.07
CA PHE D 41 -36.46 16.37 -10.10
C PHE D 41 -35.42 15.28 -9.95
N THR D 42 -35.60 14.42 -8.95
CA THR D 42 -34.55 13.53 -8.49
C THR D 42 -34.97 12.06 -8.56
N ASN D 43 -34.04 11.22 -9.04
CA ASN D 43 -34.18 9.77 -8.99
C ASN D 43 -32.92 9.18 -8.37
N ILE D 44 -33.05 7.98 -7.82
CA ILE D 44 -31.92 7.20 -7.33
C ILE D 44 -32.09 5.77 -7.84
N TYR D 45 -31.07 5.26 -8.53
CA TYR D 45 -31.07 3.89 -9.03
C TYR D 45 -29.95 3.15 -8.31
N VAL D 46 -30.29 2.46 -7.23
CA VAL D 46 -29.31 1.76 -6.42
C VAL D 46 -28.83 0.54 -7.21
N THR D 47 -27.62 0.63 -7.76
CA THR D 47 -27.08 -0.50 -8.52
C THR D 47 -26.66 -1.63 -7.61
N SER D 48 -26.17 -1.30 -6.41
CA SER D 48 -25.74 -2.32 -5.47
C SER D 48 -25.79 -1.75 -4.06
N PHE D 49 -26.54 -2.39 -3.18
CA PHE D 49 -26.56 -2.04 -1.76
C PHE D 49 -25.38 -2.73 -1.07
N GLY D 50 -24.40 -1.94 -0.66
CA GLY D 50 -23.16 -2.49 -0.19
C GLY D 50 -23.27 -3.03 1.21
N PRO D 51 -22.12 -3.48 1.74
CA PRO D 51 -22.12 -4.14 3.06
C PRO D 51 -22.38 -3.14 4.18
N VAL D 52 -23.16 -3.59 5.16
CA VAL D 52 -23.51 -2.78 6.31
C VAL D 52 -22.52 -3.13 7.42
N SER D 53 -21.63 -2.18 7.74
CA SER D 53 -20.64 -2.41 8.76
C SER D 53 -21.26 -2.23 10.14
N ASP D 54 -21.22 -3.28 10.96
CA ASP D 54 -21.91 -3.25 12.24
C ASP D 54 -21.16 -2.42 13.27
N THR D 55 -19.83 -2.42 13.20
CA THR D 55 -19.01 -1.72 14.19
C THR D 55 -19.13 -0.21 14.03
N ASP D 56 -19.09 0.30 12.80
CA ASP D 56 -19.07 1.73 12.55
C ASP D 56 -20.46 2.36 12.48
N MET D 57 -21.52 1.54 12.57
CA MET D 57 -22.92 1.96 12.43
C MET D 57 -23.16 2.72 11.13
N GLU D 58 -22.61 2.16 10.05
CA GLU D 58 -22.66 2.80 8.74
C GLU D 58 -23.00 1.75 7.70
N TYR D 59 -23.25 2.23 6.48
CA TYR D 59 -23.57 1.35 5.36
C TYR D 59 -23.12 2.04 4.08
N THR D 60 -22.83 1.23 3.07
CA THR D 60 -22.32 1.70 1.79
C THR D 60 -23.40 1.50 0.74
N ILE D 61 -23.55 2.45 -0.16
CA ILE D 61 -24.56 2.35 -1.22
C ILE D 61 -24.01 3.00 -2.48
N ASP D 62 -24.17 2.32 -3.62
CA ASP D 62 -23.79 2.86 -4.92
C ASP D 62 -25.05 3.19 -5.70
N VAL D 63 -25.20 4.45 -6.10
CA VAL D 63 -26.41 4.94 -6.72
C VAL D 63 -26.10 5.48 -8.10
N PHE D 64 -27.15 5.70 -8.87
CA PHE D 64 -27.11 6.49 -10.10
C PHE D 64 -27.96 7.73 -9.80
N PHE D 65 -27.33 8.74 -9.22
CA PHE D 65 -28.05 9.90 -8.71
C PHE D 65 -28.45 10.80 -9.88
N ARG D 66 -29.68 10.63 -10.37
CA ARG D 66 -30.19 11.43 -11.47
C ARG D 66 -30.91 12.65 -10.94
N GLN D 67 -30.58 13.83 -11.48
CA GLN D 67 -31.26 15.06 -11.16
C GLN D 67 -31.78 15.68 -12.45
N LYS D 68 -32.83 16.44 -12.32
CA LYS D 68 -33.42 17.08 -13.52
C LYS D 68 -34.07 18.39 -13.14
N TRP D 69 -33.74 19.45 -13.83
CA TRP D 69 -34.30 20.77 -13.60
C TRP D 69 -34.47 21.47 -14.95
N LYS D 70 -35.10 22.63 -14.92
CA LYS D 70 -35.35 23.39 -16.14
C LYS D 70 -34.55 24.68 -16.10
N ASP D 71 -33.68 24.87 -17.10
CA ASP D 71 -32.88 26.08 -17.28
C ASP D 71 -33.28 26.66 -18.62
N GLU D 72 -33.95 27.81 -18.61
CA GLU D 72 -34.51 28.38 -19.83
C GLU D 72 -33.41 28.96 -20.72
N ARG D 73 -32.27 29.31 -20.14
CA ARG D 73 -31.14 29.83 -20.91
C ARG D 73 -30.48 28.76 -21.78
N LEU D 74 -30.65 27.48 -21.44
CA LEU D 74 -30.09 26.40 -22.23
C LEU D 74 -31.15 25.85 -23.18
N LYS D 75 -31.55 26.70 -24.12
CA LYS D 75 -32.54 26.36 -25.13
C LYS D 75 -31.97 26.58 -26.52
N PHE D 76 -32.18 25.60 -27.40
CA PHE D 76 -31.65 25.66 -28.75
C PHE D 76 -32.73 25.28 -29.74
N LYS D 77 -32.56 25.74 -30.98
CA LYS D 77 -33.43 25.37 -32.09
C LYS D 77 -32.54 24.80 -33.18
N GLY D 78 -32.48 23.47 -33.25
CA GLY D 78 -31.64 22.80 -34.21
C GLY D 78 -32.22 21.47 -34.67
N PRO D 79 -31.44 20.70 -35.43
CA PRO D 79 -31.94 19.44 -35.97
C PRO D 79 -32.07 18.32 -34.95
N MET D 80 -31.51 18.47 -33.76
CA MET D 80 -31.59 17.46 -32.72
C MET D 80 -32.58 17.90 -31.64
N ASN D 81 -33.11 16.92 -30.94
CA ASN D 81 -34.00 17.17 -29.82
C ASN D 81 -33.31 17.08 -28.47
N ILE D 82 -32.37 16.15 -28.32
CA ILE D 82 -31.58 16.03 -27.09
C ILE D 82 -30.10 16.08 -27.47
N LEU D 83 -29.34 16.87 -26.73
CA LEU D 83 -27.91 17.00 -26.92
C LEU D 83 -27.23 16.15 -25.87
N ARG D 84 -26.95 14.89 -26.21
CA ARG D 84 -26.27 13.98 -25.30
C ARG D 84 -24.79 14.37 -25.27
N LEU D 85 -24.46 15.34 -24.43
CA LEU D 85 -23.12 15.89 -24.34
C LEU D 85 -22.29 15.11 -23.34
N ASN D 86 -21.05 15.52 -23.16
CA ASN D 86 -20.11 14.86 -22.27
C ASN D 86 -19.98 15.63 -20.96
N ASN D 87 -19.01 15.22 -20.15
CA ASN D 87 -18.86 15.65 -18.77
C ASN D 87 -18.46 17.10 -18.64
N LEU D 88 -17.70 17.60 -19.62
CA LEU D 88 -17.03 18.89 -19.56
C LEU D 88 -18.00 20.06 -19.52
N MET D 89 -19.16 19.92 -20.17
CA MET D 89 -20.15 20.99 -20.23
C MET D 89 -20.77 21.24 -18.86
N ALA D 90 -20.83 20.20 -18.02
CA ALA D 90 -21.44 20.28 -16.70
C ALA D 90 -20.68 21.19 -15.74
N SER D 91 -19.36 21.31 -15.90
CA SER D 91 -18.57 22.15 -15.01
C SER D 91 -18.70 23.63 -15.31
N LYS D 92 -19.33 24.00 -16.42
CA LYS D 92 -19.48 25.41 -16.78
C LYS D 92 -20.94 25.82 -16.96
N ILE D 93 -21.88 25.03 -16.45
CA ILE D 93 -23.29 25.42 -16.33
C ILE D 93 -23.73 25.15 -14.90
N TRP D 94 -24.90 25.66 -14.55
CA TRP D 94 -25.37 25.55 -13.17
C TRP D 94 -25.85 24.14 -12.86
N THR D 95 -25.40 23.61 -11.72
CA THR D 95 -25.88 22.36 -11.15
C THR D 95 -26.25 22.58 -9.69
N PRO D 96 -27.26 21.88 -9.19
CA PRO D 96 -27.61 22.01 -7.76
C PRO D 96 -26.60 21.30 -6.88
N ASP D 97 -26.30 21.92 -5.73
CA ASP D 97 -25.28 21.43 -4.81
C ASP D 97 -25.88 20.52 -3.75
N THR D 98 -26.43 19.40 -4.22
CA THR D 98 -27.00 18.41 -3.32
C THR D 98 -25.89 17.73 -2.55
N PHE D 99 -26.03 17.68 -1.22
CA PHE D 99 -25.11 16.91 -0.41
C PHE D 99 -25.92 15.81 0.25
N PHE D 100 -25.26 14.96 1.01
CA PHE D 100 -25.94 13.96 1.82
C PHE D 100 -25.78 14.29 3.29
N HIS D 101 -26.91 14.43 3.99
CA HIS D 101 -26.90 14.95 5.37
C HIS D 101 -26.22 13.98 6.31
N ASN D 102 -26.45 12.68 6.13
CA ASN D 102 -25.86 11.67 6.99
C ASN D 102 -24.67 10.98 6.35
N GLY D 103 -24.14 11.51 5.27
CA GLY D 103 -22.99 10.89 4.62
C GLY D 103 -21.73 11.07 5.43
N LYS D 104 -20.82 10.11 5.30
CA LYS D 104 -19.57 10.11 6.07
C LYS D 104 -18.35 10.26 5.18
N LYS D 105 -18.18 9.39 4.19
CA LYS D 105 -17.06 9.50 3.25
C LYS D 105 -17.55 8.93 1.93
N SER D 106 -18.06 9.79 1.06
CA SER D 106 -18.63 9.39 -0.21
C SER D 106 -17.75 9.87 -1.35
N VAL D 107 -17.53 9.01 -2.33
CA VAL D 107 -16.63 9.28 -3.43
C VAL D 107 -17.36 9.12 -4.74
N ALA D 108 -17.18 10.08 -5.64
CA ALA D 108 -17.60 9.93 -7.02
C ALA D 108 -16.48 9.25 -7.77
N HIS D 109 -16.85 8.19 -8.51
CA HIS D 109 -15.86 7.41 -9.28
C HIS D 109 -15.50 8.16 -10.55
N ASN D 110 -14.20 8.21 -10.88
CA ASN D 110 -13.76 8.88 -12.13
C ASN D 110 -12.81 7.91 -12.87
N MET D 111 -13.38 6.96 -13.62
CA MET D 111 -12.59 5.95 -14.38
C MET D 111 -13.53 5.32 -15.41
N THR D 112 -13.37 5.64 -16.69
CA THR D 112 -12.18 6.36 -17.21
C THR D 112 -12.47 7.86 -17.29
N MET D 113 -13.63 8.21 -17.86
CA MET D 113 -14.04 9.65 -17.92
C MET D 113 -14.97 9.93 -16.73
N PRO D 114 -15.02 11.16 -16.20
CA PRO D 114 -15.96 11.49 -15.11
C PRO D 114 -17.30 10.78 -15.33
N ASN D 115 -17.68 9.91 -14.39
CA ASN D 115 -18.94 9.17 -14.53
C ASN D 115 -20.08 10.15 -14.33
N LYS D 116 -20.32 10.96 -15.36
CA LYS D 116 -21.40 11.93 -15.35
C LYS D 116 -22.15 11.87 -16.67
N LEU D 117 -23.31 12.50 -16.68
CA LEU D 117 -24.17 12.51 -17.85
C LEU D 117 -24.73 13.91 -17.98
N LEU D 118 -25.08 14.30 -19.21
CA LEU D 118 -25.65 15.62 -19.46
C LEU D 118 -26.44 15.56 -20.76
N ARG D 119 -27.74 15.81 -20.67
CA ARG D 119 -28.65 15.58 -21.78
C ARG D 119 -29.62 16.74 -21.95
N ILE D 120 -29.05 17.94 -22.13
CA ILE D 120 -29.77 19.17 -22.43
C ILE D 120 -30.73 18.99 -23.59
N GLN D 121 -32.02 19.18 -23.34
CA GLN D 121 -33.07 18.92 -24.31
C GLN D 121 -33.45 20.21 -25.04
N ASP D 122 -34.40 20.09 -25.97
CA ASP D 122 -34.77 21.22 -26.80
C ASP D 122 -35.56 22.26 -26.02
N ASP D 123 -36.39 21.83 -25.08
CA ASP D 123 -37.19 22.77 -24.30
C ASP D 123 -36.43 23.39 -23.14
N GLY D 124 -35.18 22.99 -22.92
CA GLY D 124 -34.39 23.49 -21.81
C GLY D 124 -34.29 22.55 -20.64
N THR D 125 -34.90 21.38 -20.69
CA THR D 125 -34.82 20.41 -19.61
C THR D 125 -33.42 19.81 -19.57
N LEU D 126 -32.87 19.66 -18.37
CA LEU D 126 -31.55 19.08 -18.19
C LEU D 126 -31.67 17.76 -17.43
N LEU D 127 -30.68 16.90 -17.64
CA LEU D 127 -30.57 15.64 -16.92
C LEU D 127 -29.13 15.54 -16.42
N TYR D 128 -28.96 15.12 -15.17
CA TYR D 128 -27.64 15.08 -14.56
C TYR D 128 -27.53 13.81 -13.72
N THR D 129 -26.81 12.83 -14.22
CA THR D 129 -26.64 11.55 -13.56
C THR D 129 -25.21 11.40 -13.09
N MET D 130 -25.03 10.89 -11.88
CA MET D 130 -23.71 10.68 -11.31
C MET D 130 -23.62 9.23 -10.88
N ARG D 131 -22.44 8.82 -10.42
CA ARG D 131 -22.25 7.47 -9.88
C ARG D 131 -21.48 7.60 -8.58
N LEU D 132 -22.18 7.49 -7.46
CA LEU D 132 -21.62 7.77 -6.16
C LEU D 132 -21.36 6.47 -5.39
N THR D 133 -20.68 6.61 -4.26
CA THR D 133 -20.38 5.48 -3.38
C THR D 133 -20.65 5.96 -1.94
N VAL D 134 -21.89 6.41 -1.71
CA VAL D 134 -22.26 7.04 -0.44
C VAL D 134 -22.08 6.07 0.72
N GLN D 135 -21.41 6.54 1.78
CA GLN D 135 -21.10 5.73 2.94
C GLN D 135 -21.83 6.29 4.15
N ALA D 136 -23.13 6.56 3.97
CA ALA D 136 -23.95 7.29 4.94
C ALA D 136 -24.09 6.59 6.28
N GLU D 137 -24.46 7.34 7.31
CA GLU D 137 -24.64 6.82 8.66
C GLU D 137 -25.91 6.00 8.77
N CYS D 138 -26.00 5.25 9.86
CA CYS D 138 -27.19 4.48 10.17
C CYS D 138 -27.31 4.33 11.68
N PRO D 139 -28.31 4.95 12.31
CA PRO D 139 -28.50 4.78 13.75
C PRO D 139 -29.01 3.39 14.09
N MET D 140 -28.17 2.62 14.78
CA MET D 140 -28.52 1.26 15.18
C MET D 140 -28.76 1.20 16.68
N HIS D 141 -29.84 0.53 17.07
CA HIS D 141 -30.14 0.26 18.47
C HIS D 141 -30.11 -1.26 18.63
N LEU D 142 -28.99 -1.78 19.12
CA LEU D 142 -28.78 -3.22 19.18
C LEU D 142 -29.25 -3.79 20.52
N GLU D 143 -30.48 -3.45 20.89
CA GLU D 143 -31.08 -3.98 22.11
C GLU D 143 -31.80 -5.30 21.88
N ASP D 144 -32.07 -5.67 20.62
CA ASP D 144 -32.61 -6.97 20.26
C ASP D 144 -31.62 -7.77 19.44
N PHE D 145 -30.32 -7.60 19.71
CA PHE D 145 -29.29 -8.27 18.93
C PHE D 145 -29.26 -9.76 19.28
N PRO D 146 -29.26 -10.65 18.28
CA PRO D 146 -29.25 -10.41 16.83
C PRO D 146 -30.59 -10.65 16.14
N MET D 147 -31.73 -10.34 16.76
CA MET D 147 -33.01 -10.37 16.07
C MET D 147 -33.51 -8.96 15.75
N ASP D 148 -32.61 -8.00 15.56
CA ASP D 148 -33.01 -6.62 15.31
C ASP D 148 -33.45 -6.43 13.87
N ALA D 149 -34.05 -5.27 13.61
CA ALA D 149 -34.51 -4.89 12.28
C ALA D 149 -34.38 -3.37 12.15
N HIS D 150 -33.29 -2.92 11.54
CA HIS D 150 -33.00 -1.50 11.44
C HIS D 150 -33.77 -0.85 10.30
N SER D 151 -33.56 0.46 10.17
CA SER D 151 -34.02 1.26 9.03
C SER D 151 -32.94 2.30 8.77
N CYS D 152 -32.00 1.99 7.90
CA CYS D 152 -30.91 2.91 7.61
C CYS D 152 -31.39 4.00 6.65
N PRO D 153 -31.30 5.27 7.03
CA PRO D 153 -31.81 6.33 6.16
C PRO D 153 -30.77 6.94 5.25
N LEU D 154 -31.23 7.64 4.22
CA LEU D 154 -30.36 8.40 3.32
C LEU D 154 -31.04 9.72 3.02
N LYS D 155 -30.54 10.81 3.59
CA LYS D 155 -31.16 12.12 3.49
C LYS D 155 -30.28 13.03 2.67
N PHE D 156 -30.84 13.66 1.65
CA PHE D 156 -30.09 14.53 0.76
C PHE D 156 -30.88 15.79 0.45
N GLY D 157 -30.18 16.92 0.38
CA GLY D 157 -30.83 18.22 0.08
C GLY D 157 -29.84 19.21 -0.49
N SER D 158 -30.31 20.38 -0.92
CA SER D 158 -29.42 21.39 -1.55
C SER D 158 -28.59 22.12 -0.50
N TYR D 159 -27.49 22.76 -0.93
CA TYR D 159 -26.65 23.57 0.00
C TYR D 159 -26.76 25.02 -0.44
N ALA D 160 -26.61 25.98 0.48
CA ALA D 160 -26.60 27.41 0.10
C ALA D 160 -27.84 27.78 -0.73
N TYR D 161 -28.91 26.99 -0.64
CA TYR D 161 -30.17 27.28 -1.40
C TYR D 161 -31.35 26.89 -0.50
N THR D 162 -32.08 27.89 -0.01
CA THR D 162 -33.17 27.60 0.93
C THR D 162 -34.41 27.12 0.16
N THR D 163 -35.49 26.85 0.88
CA THR D 163 -36.74 26.42 0.23
C THR D 163 -37.44 27.54 -0.51
N SER D 164 -37.02 28.78 -0.34
CA SER D 164 -37.50 29.88 -1.16
C SER D 164 -36.73 29.99 -2.47
N GLU D 165 -35.70 29.16 -2.67
CA GLU D 165 -34.93 29.18 -3.91
C GLU D 165 -34.96 27.86 -4.66
N VAL D 166 -34.63 26.74 -4.00
CA VAL D 166 -34.57 25.44 -4.66
C VAL D 166 -35.40 24.44 -3.86
N THR D 167 -36.41 23.86 -4.51
CA THR D 167 -37.26 22.84 -3.91
C THR D 167 -37.12 21.53 -4.67
N TYR D 168 -37.29 20.44 -3.96
CA TYR D 168 -37.00 19.11 -4.47
C TYR D 168 -38.27 18.26 -4.53
N ILE D 169 -38.60 17.76 -5.72
CA ILE D 169 -39.78 16.93 -5.95
C ILE D 169 -39.35 15.72 -6.76
N TRP D 170 -39.77 14.53 -6.34
CA TRP D 170 -39.43 13.30 -7.06
C TRP D 170 -40.06 13.27 -8.44
N THR D 171 -39.41 12.56 -9.37
CA THR D 171 -39.83 12.54 -10.76
C THR D 171 -41.08 11.69 -10.97
N TYR D 172 -41.17 10.56 -10.29
CA TYR D 172 -42.23 9.59 -10.47
C TYR D 172 -43.04 9.53 -9.18
N ASN D 173 -43.91 8.52 -9.08
CA ASN D 173 -44.62 8.25 -7.85
C ASN D 173 -43.66 7.84 -6.74
N ALA D 174 -44.14 7.91 -5.50
CA ALA D 174 -43.29 7.65 -4.35
C ALA D 174 -42.88 6.18 -4.20
N SER D 175 -43.51 5.28 -4.96
CA SER D 175 -43.09 3.88 -4.91
C SER D 175 -41.93 3.63 -5.86
N ASP D 176 -42.12 3.94 -7.14
CA ASP D 176 -41.11 3.64 -8.16
C ASP D 176 -40.29 4.89 -8.49
N SER D 177 -39.56 5.36 -7.49
CA SER D 177 -38.65 6.49 -7.69
C SER D 177 -37.26 6.20 -7.15
N VAL D 178 -37.15 5.30 -6.16
CA VAL D 178 -35.85 4.82 -5.71
C VAL D 178 -35.81 3.33 -6.00
N GLN D 179 -35.24 2.96 -7.14
CA GLN D 179 -35.24 1.57 -7.54
C GLN D 179 -34.00 0.86 -7.04
N VAL D 180 -34.13 -0.44 -6.87
CA VAL D 180 -33.02 -1.32 -6.50
C VAL D 180 -32.84 -2.25 -7.69
N ALA D 181 -31.58 -2.42 -8.13
CA ALA D 181 -31.25 -3.37 -9.20
C ALA D 181 -31.60 -4.77 -8.74
N PRO D 182 -32.21 -5.60 -9.62
CA PRO D 182 -32.73 -6.92 -9.21
C PRO D 182 -31.67 -7.87 -8.68
N ASP D 183 -30.48 -7.84 -9.27
CA ASP D 183 -29.37 -8.67 -8.81
C ASP D 183 -28.39 -7.91 -7.92
N GLY D 184 -28.57 -6.61 -7.75
CA GLY D 184 -27.61 -5.84 -6.96
C GLY D 184 -27.95 -5.79 -5.49
N SER D 185 -27.33 -6.69 -4.72
CA SER D 185 -27.46 -6.69 -3.26
C SER D 185 -26.26 -7.38 -2.65
N ARG D 186 -25.30 -6.61 -2.14
CA ARG D 186 -24.12 -7.18 -1.51
C ARG D 186 -24.28 -7.33 -0.01
N LEU D 187 -25.51 -7.45 0.47
CA LEU D 187 -25.76 -7.68 1.88
C LEU D 187 -25.49 -9.13 2.24
N ASN D 188 -24.64 -9.35 3.23
CA ASN D 188 -24.39 -10.69 3.76
C ASN D 188 -25.01 -10.91 5.14
N GLN D 189 -25.03 -9.88 5.97
CA GLN D 189 -25.71 -9.99 7.26
C GLN D 189 -27.22 -9.87 7.12
N TYR D 190 -27.68 -8.84 6.43
CA TYR D 190 -29.08 -8.46 6.37
C TYR D 190 -29.70 -8.94 5.07
N ASP D 191 -30.95 -8.52 4.85
CA ASP D 191 -31.59 -8.62 3.55
C ASP D 191 -32.59 -7.47 3.42
N LEU D 192 -32.62 -6.87 2.24
CA LEU D 192 -33.43 -5.69 2.01
C LEU D 192 -34.90 -6.08 1.89
N LEU D 193 -35.72 -5.59 2.81
CA LEU D 193 -37.15 -5.84 2.77
C LEU D 193 -37.86 -4.88 1.81
N GLY D 194 -37.61 -3.59 1.97
CA GLY D 194 -38.23 -2.61 1.09
C GLY D 194 -37.70 -1.22 1.40
N GLN D 195 -38.14 -0.26 0.60
CA GLN D 195 -37.74 1.12 0.74
C GLN D 195 -38.96 2.01 0.90
N SER D 196 -38.85 3.01 1.76
CA SER D 196 -39.90 4.01 1.95
C SER D 196 -39.27 5.38 1.92
N ILE D 197 -39.88 6.30 1.18
CA ILE D 197 -39.32 7.62 0.95
C ILE D 197 -40.29 8.69 1.44
N GLY D 198 -39.76 9.90 1.59
CA GLY D 198 -40.57 11.03 2.02
C GLY D 198 -39.80 12.32 1.86
N LYS D 199 -40.55 13.43 1.85
CA LYS D 199 -39.98 14.75 1.65
C LYS D 199 -40.33 15.63 2.84
N GLU D 200 -39.31 16.21 3.47
CA GLU D 200 -39.52 17.01 4.68
C GLU D 200 -39.06 18.44 4.43
N THR D 201 -39.02 19.24 5.50
CA THR D 201 -38.47 20.59 5.46
C THR D 201 -37.84 20.84 6.84
N ILE D 202 -36.50 20.74 6.86
CA ILE D 202 -35.74 20.95 8.13
C ILE D 202 -35.30 22.40 8.15
N LYS D 203 -35.22 22.99 9.35
CA LYS D 203 -34.81 24.41 9.48
C LYS D 203 -33.55 24.49 10.34
N SER D 204 -32.48 25.07 9.81
CA SER D 204 -31.26 25.28 10.61
C SER D 204 -31.11 26.78 10.84
N SER D 205 -29.93 27.24 11.25
CA SER D 205 -29.79 28.66 11.64
C SER D 205 -29.48 29.52 10.42
N THR D 206 -29.80 29.05 9.22
CA THR D 206 -29.60 29.88 8.02
C THR D 206 -30.93 30.07 7.29
N GLY D 207 -31.81 29.07 7.32
CA GLY D 207 -33.11 29.13 6.61
C GLY D 207 -33.80 27.78 6.61
N GLU D 208 -34.80 27.59 5.76
CA GLU D 208 -35.56 26.31 5.70
C GLU D 208 -35.07 25.50 4.51
N TYR D 209 -34.80 24.21 4.66
CA TYR D 209 -34.19 23.46 3.53
C TYR D 209 -35.10 22.32 3.10
N THR D 210 -34.83 21.63 1.98
CA THR D 210 -35.61 20.48 1.54
C THR D 210 -34.78 19.21 1.66
N VAL D 211 -35.26 18.31 2.51
CA VAL D 211 -34.47 17.19 3.04
C VAL D 211 -35.18 15.88 2.70
N MET D 212 -35.44 15.63 1.41
CA MET D 212 -35.83 14.29 0.97
C MET D 212 -35.00 13.19 1.63
N THR D 213 -35.68 12.16 2.09
CA THR D 213 -35.06 11.01 2.72
C THR D 213 -35.53 9.72 2.07
N ALA D 214 -34.70 8.68 2.20
CA ALA D 214 -35.06 7.34 1.79
C ALA D 214 -34.65 6.37 2.88
N HIS D 215 -35.60 5.60 3.38
CA HIS D 215 -35.35 4.64 4.44
C HIS D 215 -35.31 3.24 3.86
N PHE D 216 -34.22 2.52 4.14
CA PHE D 216 -34.05 1.14 3.68
C PHE D 216 -34.24 0.25 4.90
N HIS D 217 -35.37 -0.44 4.97
CA HIS D 217 -35.63 -1.34 6.08
C HIS D 217 -34.78 -2.59 5.93
N LEU D 218 -34.07 -2.95 7.01
CA LEU D 218 -33.22 -4.12 7.01
C LEU D 218 -33.70 -5.07 8.11
N LYS D 219 -33.25 -6.33 8.01
CA LYS D 219 -33.60 -7.35 8.99
C LYS D 219 -32.41 -8.30 9.08
N ARG D 220 -31.91 -8.53 10.29
CA ARG D 220 -30.69 -9.31 10.44
C ARG D 220 -31.00 -10.80 10.35
N LYS D 221 -30.20 -11.52 9.57
CA LYS D 221 -30.34 -12.97 9.50
C LYS D 221 -29.73 -13.64 10.73
N ILE D 222 -30.45 -14.63 11.26
CA ILE D 222 -30.04 -15.30 12.49
C ILE D 222 -28.97 -16.36 12.20
N GLY D 223 -28.89 -16.84 10.96
CA GLY D 223 -28.17 -18.06 10.63
C GLY D 223 -26.68 -18.05 10.89
N TYR D 224 -26.05 -16.88 10.90
CA TYR D 224 -24.64 -16.83 11.32
C TYR D 224 -24.53 -17.06 12.82
N PHE D 225 -25.34 -16.36 13.60
CA PHE D 225 -25.21 -16.37 15.05
C PHE D 225 -25.78 -17.63 15.69
N VAL D 226 -26.47 -18.47 14.92
CA VAL D 226 -26.83 -19.80 15.42
C VAL D 226 -25.58 -20.64 15.59
N ILE D 227 -24.87 -20.90 14.49
CA ILE D 227 -23.73 -21.82 14.52
C ILE D 227 -22.51 -21.22 15.20
N GLN D 228 -22.37 -19.90 15.21
CA GLN D 228 -21.23 -19.25 15.85
C GLN D 228 -21.39 -19.11 17.36
N THR D 229 -22.53 -18.60 17.82
CA THR D 229 -22.70 -18.24 19.22
C THR D 229 -23.80 -19.03 19.92
N TYR D 230 -24.97 -19.19 19.27
CA TYR D 230 -26.10 -19.83 19.94
C TYR D 230 -25.86 -21.32 20.14
N LEU D 231 -25.53 -22.03 19.05
CA LEU D 231 -25.34 -23.48 19.13
C LEU D 231 -24.15 -23.91 20.00
N PRO D 232 -22.94 -23.30 19.91
CA PRO D 232 -21.88 -23.72 20.86
C PRO D 232 -22.16 -23.38 22.31
N CYS D 233 -23.00 -22.38 22.57
CA CYS D 233 -23.42 -22.12 23.95
C CYS D 233 -24.35 -23.22 24.45
N ILE D 234 -25.15 -23.79 23.56
CA ILE D 234 -26.06 -24.87 23.94
C ILE D 234 -25.30 -26.14 24.26
N MET D 235 -24.28 -26.46 23.46
CA MET D 235 -23.58 -27.74 23.59
C MET D 235 -22.73 -27.79 24.86
N THR D 236 -22.10 -26.66 25.23
CA THR D 236 -21.30 -26.65 26.45
C THR D 236 -22.16 -26.66 27.71
N VAL D 237 -23.43 -26.28 27.63
CA VAL D 237 -24.36 -26.49 28.73
C VAL D 237 -24.69 -27.97 28.89
N ILE D 238 -24.96 -28.65 27.78
CA ILE D 238 -25.21 -30.10 27.81
C ILE D 238 -23.95 -30.85 28.19
N LEU D 239 -22.78 -30.36 27.74
CA LEU D 239 -21.51 -30.97 28.13
C LEU D 239 -21.25 -30.79 29.62
N SER D 240 -21.69 -29.67 30.19
CA SER D 240 -21.62 -29.48 31.63
C SER D 240 -22.61 -30.35 32.38
N GLN D 241 -23.67 -30.81 31.71
CA GLN D 241 -24.64 -31.70 32.33
C GLN D 241 -24.24 -33.17 32.26
N VAL D 242 -23.12 -33.48 31.61
CA VAL D 242 -22.57 -34.84 31.64
C VAL D 242 -22.06 -35.17 33.03
N SER D 243 -21.61 -34.15 33.79
CA SER D 243 -20.99 -34.35 35.09
C SER D 243 -21.94 -34.90 36.15
N PHE D 244 -23.26 -34.79 35.93
CA PHE D 244 -24.22 -35.39 36.85
C PHE D 244 -24.39 -36.88 36.64
N TRP D 245 -23.85 -37.43 35.54
CA TRP D 245 -24.02 -38.84 35.21
C TRP D 245 -22.80 -39.68 35.56
N LEU D 246 -21.84 -39.12 36.28
CA LEU D 246 -20.62 -39.83 36.63
C LEU D 246 -20.69 -40.34 38.07
N ASN D 247 -19.60 -40.96 38.52
CA ASN D 247 -19.50 -41.44 39.89
C ASN D 247 -19.31 -40.27 40.85
N ARG D 248 -19.84 -40.43 42.07
CA ARG D 248 -19.66 -39.42 43.11
C ARG D 248 -18.19 -39.30 43.51
N GLU D 249 -17.50 -40.43 43.65
CA GLU D 249 -16.12 -40.45 44.13
C GLU D 249 -15.12 -39.99 43.09
N SER D 250 -15.53 -39.78 41.84
CA SER D 250 -14.63 -39.30 40.78
C SER D 250 -14.45 -37.80 40.96
N VAL D 251 -13.59 -37.44 41.91
CA VAL D 251 -13.34 -36.02 42.21
C VAL D 251 -12.64 -35.26 41.08
N PRO D 252 -11.50 -35.72 40.52
CA PRO D 252 -10.83 -34.86 39.53
C PRO D 252 -11.51 -34.80 38.17
N ALA D 253 -12.24 -35.85 37.77
CA ALA D 253 -12.86 -35.85 36.45
C ALA D 253 -14.02 -34.86 36.38
N ARG D 254 -14.83 -34.78 37.43
CA ARG D 254 -15.90 -33.78 37.47
C ARG D 254 -15.36 -32.38 37.75
N THR D 255 -14.17 -32.28 38.35
CA THR D 255 -13.54 -30.98 38.55
C THR D 255 -13.09 -30.38 37.23
N VAL D 256 -12.58 -31.22 36.32
CA VAL D 256 -12.19 -30.74 34.99
C VAL D 256 -13.42 -30.32 34.19
N PHE D 257 -14.54 -31.02 34.37
CA PHE D 257 -15.81 -30.58 33.78
C PHE D 257 -16.24 -29.22 34.31
N GLY D 258 -15.94 -28.95 35.58
CA GLY D 258 -16.28 -27.64 36.14
C GLY D 258 -15.40 -26.52 35.62
N VAL D 259 -14.10 -26.77 35.50
CA VAL D 259 -13.16 -25.71 35.15
C VAL D 259 -12.95 -25.53 33.66
N THR D 260 -13.47 -26.44 32.83
CA THR D 260 -13.35 -26.25 31.39
C THR D 260 -14.59 -25.60 30.79
N THR D 261 -15.77 -26.02 31.24
CA THR D 261 -17.01 -25.43 30.70
C THR D 261 -17.21 -24.00 31.20
N VAL D 262 -16.71 -23.68 32.38
CA VAL D 262 -16.71 -22.29 32.84
C VAL D 262 -15.73 -21.46 32.02
N LEU D 263 -14.53 -22.00 31.79
CA LEU D 263 -13.50 -21.27 31.05
C LEU D 263 -13.87 -21.08 29.59
N THR D 264 -14.45 -22.09 28.95
CA THR D 264 -14.84 -21.95 27.55
C THR D 264 -16.10 -21.11 27.39
N MET D 265 -16.87 -20.90 28.46
CA MET D 265 -17.97 -19.95 28.40
C MET D 265 -17.46 -18.52 28.48
N THR D 266 -16.44 -18.28 29.31
CA THR D 266 -15.82 -16.97 29.40
C THR D 266 -15.11 -16.59 28.11
N THR D 267 -14.49 -17.59 27.46
CA THR D 267 -13.90 -17.36 26.14
C THR D 267 -14.98 -17.04 25.11
N LEU D 268 -16.10 -17.76 25.16
CA LEU D 268 -17.19 -17.50 24.21
C LEU D 268 -17.92 -16.21 24.53
N SER D 269 -17.91 -15.77 25.78
CA SER D 269 -18.51 -14.48 26.13
C SER D 269 -17.70 -13.32 25.56
N ILE D 270 -16.37 -13.50 25.52
CA ILE D 270 -15.47 -12.43 24.98
C ILE D 270 -15.27 -12.64 23.48
N SER D 271 -15.00 -13.88 23.04
CA SER D 271 -14.72 -14.13 21.60
C SER D 271 -15.90 -13.70 20.73
N ALA D 272 -17.13 -14.05 21.15
CA ALA D 272 -18.34 -13.64 20.39
C ALA D 272 -18.56 -12.13 20.56
N ARG D 273 -18.09 -11.58 21.69
CA ARG D 273 -18.33 -10.13 21.98
C ARG D 273 -17.48 -9.25 21.07
N ASN D 274 -16.20 -9.59 20.87
CA ASN D 274 -15.36 -8.68 20.10
C ASN D 274 -15.93 -8.27 18.74
N SER D 275 -17.04 -8.86 18.29
CA SER D 275 -17.61 -8.49 17.01
C SER D 275 -18.44 -7.22 17.16
N LEU D 276 -19.36 -7.24 18.10
CA LEU D 276 -20.20 -6.10 18.41
C LEU D 276 -19.35 -4.99 19.02
N PRO D 277 -19.65 -3.71 18.74
CA PRO D 277 -18.96 -2.61 19.42
C PRO D 277 -19.15 -2.63 20.93
N LYS D 278 -18.44 -1.74 21.63
CA LYS D 278 -18.65 -1.63 23.10
C LYS D 278 -19.80 -0.65 23.39
N VAL D 279 -21.04 -1.14 23.47
CA VAL D 279 -22.23 -0.30 23.79
C VAL D 279 -22.42 -0.24 25.31
N ALA D 280 -23.46 0.44 25.80
CA ALA D 280 -23.59 0.57 27.25
C ALA D 280 -24.62 -0.39 27.84
N TYR D 281 -25.55 -0.89 27.03
CA TYR D 281 -26.60 -1.78 27.50
C TYR D 281 -26.20 -3.22 27.24
N ALA D 282 -27.06 -4.14 27.67
CA ALA D 282 -26.88 -5.57 27.44
C ALA D 282 -27.81 -6.00 26.32
N THR D 283 -27.25 -6.63 25.29
CA THR D 283 -28.01 -7.07 24.15
C THR D 283 -28.81 -8.33 24.50
N ALA D 284 -29.66 -8.76 23.56
CA ALA D 284 -30.33 -10.04 23.73
C ALA D 284 -29.38 -11.22 23.54
N MET D 285 -28.23 -10.98 22.92
CA MET D 285 -27.19 -12.00 22.89
C MET D 285 -26.58 -12.21 24.27
N ASP D 286 -26.34 -11.11 25.00
CA ASP D 286 -25.76 -11.22 26.34
C ASP D 286 -26.74 -11.79 27.35
N TRP D 287 -28.03 -11.71 27.09
CA TRP D 287 -29.03 -12.32 27.96
C TRP D 287 -29.20 -13.82 27.70
N PHE D 288 -28.49 -14.37 26.72
CA PHE D 288 -28.41 -15.81 26.53
C PHE D 288 -27.13 -16.40 27.07
N ILE D 289 -26.01 -15.69 26.95
CA ILE D 289 -24.73 -16.20 27.45
C ILE D 289 -24.71 -16.19 28.97
N ALA D 290 -25.26 -15.14 29.58
CA ALA D 290 -25.24 -15.01 31.03
C ALA D 290 -26.11 -16.07 31.70
N VAL D 291 -27.25 -16.40 31.10
CA VAL D 291 -28.08 -17.47 31.63
C VAL D 291 -27.41 -18.82 31.40
N CYS D 292 -26.78 -19.00 30.23
CA CYS D 292 -26.04 -20.23 29.95
C CYS D 292 -24.82 -20.35 30.86
N TYR D 293 -24.21 -19.23 31.24
CA TYR D 293 -23.15 -19.28 32.24
C TYR D 293 -23.70 -19.64 33.61
N ALA D 294 -24.91 -19.18 33.94
CA ALA D 294 -25.50 -19.46 35.24
C ALA D 294 -25.88 -20.93 35.39
N PHE D 295 -26.30 -21.58 34.30
CA PHE D 295 -26.53 -23.02 34.33
C PHE D 295 -25.23 -23.79 34.55
N VAL D 296 -24.15 -23.35 33.90
CA VAL D 296 -22.86 -24.02 34.03
C VAL D 296 -22.26 -23.75 35.41
N PHE D 297 -22.35 -22.51 35.89
CA PHE D 297 -21.78 -22.15 37.19
C PHE D 297 -22.52 -22.83 38.34
N SER D 298 -23.83 -23.04 38.21
CA SER D 298 -24.57 -23.76 39.24
C SER D 298 -24.28 -25.26 39.20
N ALA D 299 -23.80 -25.78 38.06
CA ALA D 299 -23.44 -27.18 37.97
C ALA D 299 -22.20 -27.50 38.80
N LEU D 300 -21.21 -26.61 38.77
CA LEU D 300 -20.03 -26.78 39.62
C LEU D 300 -20.37 -26.57 41.09
N ILE D 301 -21.34 -25.70 41.38
CA ILE D 301 -21.83 -25.53 42.74
C ILE D 301 -22.53 -26.81 43.21
N GLU D 302 -23.25 -27.47 42.31
CA GLU D 302 -23.91 -28.73 42.65
C GLU D 302 -22.91 -29.83 42.94
N PHE D 303 -21.81 -29.87 42.18
CA PHE D 303 -20.76 -30.87 42.44
C PHE D 303 -20.03 -30.58 43.73
N ALA D 304 -19.83 -29.30 44.07
CA ALA D 304 -19.17 -28.95 45.32
C ALA D 304 -20.01 -29.30 46.53
N THR D 305 -21.34 -29.21 46.41
CA THR D 305 -22.20 -29.65 47.50
C THR D 305 -22.23 -31.17 47.60
N VAL D 306 -22.08 -31.87 46.46
CA VAL D 306 -21.98 -33.32 46.49
C VAL D 306 -20.66 -33.75 47.12
N ASN D 307 -19.57 -33.08 46.74
CA ASN D 307 -18.24 -33.38 47.28
C ASN D 307 -18.13 -33.00 48.76
N TYR D 308 -18.93 -32.04 49.23
CA TYR D 308 -18.95 -31.72 50.64
C TYR D 308 -19.71 -32.76 51.45
N PHE D 309 -20.67 -33.45 50.83
CA PHE D 309 -21.48 -34.46 51.51
C PHE D 309 -21.05 -35.88 51.16
N THR D 310 -19.76 -36.09 50.91
CA THR D 310 -19.26 -37.43 50.60
C THR D 310 -18.55 -38.03 51.80
N VAL D 386 -25.35 -43.47 45.54
CA VAL D 386 -25.75 -42.41 44.63
C VAL D 386 -26.48 -41.31 45.40
N SER D 387 -26.02 -40.06 45.22
CA SER D 387 -26.62 -38.95 45.94
C SER D 387 -27.99 -38.61 45.36
N LYS D 388 -28.96 -38.32 46.24
CA LYS D 388 -30.28 -37.92 45.79
C LYS D 388 -30.29 -36.53 45.18
N ILE D 389 -29.34 -35.67 45.56
CA ILE D 389 -29.22 -34.37 44.93
C ILE D 389 -28.72 -34.52 43.48
N ASP D 390 -27.84 -35.48 43.24
CA ASP D 390 -27.31 -35.69 41.88
C ASP D 390 -28.36 -36.31 40.97
N ARG D 391 -29.18 -37.22 41.51
CA ARG D 391 -30.25 -37.82 40.71
C ARG D 391 -31.34 -36.81 40.37
N MET D 392 -31.65 -35.91 41.30
CA MET D 392 -32.61 -34.84 40.99
C MET D 392 -31.99 -33.80 40.08
N SER D 393 -30.65 -33.70 40.04
CA SER D 393 -29.99 -32.77 39.14
C SER D 393 -29.99 -33.27 37.70
N ARG D 394 -30.25 -34.55 37.47
CA ARG D 394 -30.33 -35.07 36.11
C ARG D 394 -31.67 -34.82 35.45
N ILE D 395 -32.67 -34.37 36.20
CA ILE D 395 -34.01 -34.13 35.67
C ILE D 395 -34.34 -32.63 35.67
N VAL D 396 -34.07 -31.95 36.78
CA VAL D 396 -34.45 -30.54 36.92
C VAL D 396 -33.59 -29.66 36.01
N PHE D 397 -32.29 -29.91 35.98
CA PHE D 397 -31.38 -29.11 35.16
C PHE D 397 -31.63 -29.18 33.64
N PRO D 398 -31.90 -30.34 33.01
CA PRO D 398 -32.23 -30.28 31.57
C PRO D 398 -33.57 -29.63 31.26
N VAL D 399 -34.61 -29.87 32.07
CA VAL D 399 -35.92 -29.32 31.74
C VAL D 399 -36.01 -27.84 32.09
N LEU D 400 -35.13 -27.32 32.96
CA LEU D 400 -35.08 -25.88 33.18
C LEU D 400 -34.46 -25.17 32.00
N PHE D 401 -33.43 -25.78 31.40
CA PHE D 401 -32.82 -25.21 30.19
C PHE D 401 -33.74 -25.35 28.99
N GLY D 402 -34.52 -26.43 28.93
CA GLY D 402 -35.46 -26.59 27.83
C GLY D 402 -36.59 -25.58 27.88
N THR D 403 -37.08 -25.28 29.09
CA THR D 403 -38.12 -24.26 29.23
C THR D 403 -37.55 -22.87 29.01
N PHE D 404 -36.26 -22.66 29.31
CA PHE D 404 -35.65 -21.36 29.05
C PHE D 404 -35.51 -21.11 27.56
N ASN D 405 -35.19 -22.15 26.78
CA ASN D 405 -35.09 -21.99 25.33
C ASN D 405 -36.44 -21.78 24.68
N LEU D 406 -37.51 -22.24 25.32
CA LEU D 406 -38.85 -21.99 24.79
C LEU D 406 -39.26 -20.54 25.03
N VAL D 407 -38.91 -19.99 26.19
CA VAL D 407 -39.24 -18.61 26.51
C VAL D 407 -38.43 -17.64 25.65
N TYR D 408 -37.13 -17.92 25.50
CA TYR D 408 -36.23 -16.98 24.83
C TYR D 408 -36.46 -16.94 23.32
N TRP D 409 -36.76 -18.08 22.72
CA TRP D 409 -36.95 -18.16 21.27
C TRP D 409 -38.40 -17.96 20.84
N ALA D 410 -39.29 -17.64 21.77
CA ALA D 410 -40.65 -17.21 21.42
C ALA D 410 -40.89 -15.74 21.67
N THR D 411 -40.17 -15.12 22.62
CA THR D 411 -40.32 -13.70 22.87
C THR D 411 -39.69 -12.87 21.76
N TYR D 412 -38.49 -13.26 21.32
CA TYR D 412 -37.75 -12.52 20.30
C TYR D 412 -38.05 -12.98 18.89
N LEU D 413 -38.91 -13.99 18.73
CA LEU D 413 -39.25 -14.49 17.39
C LEU D 413 -40.75 -14.55 17.20
N GLY E 25 -27.81 40.28 -16.53
CA GLY E 25 -29.05 40.76 -15.95
C GLY E 25 -28.84 41.75 -14.82
N ASP E 26 -29.25 41.37 -13.62
CA ASP E 26 -29.12 42.21 -12.44
C ASP E 26 -28.03 41.74 -11.50
N VAL E 27 -27.98 40.45 -11.18
CA VAL E 27 -26.99 39.95 -10.24
C VAL E 27 -25.64 39.75 -10.95
N THR E 28 -25.67 39.52 -12.27
CA THR E 28 -24.44 39.30 -13.03
C THR E 28 -23.58 40.56 -13.07
N VAL E 29 -24.20 41.71 -13.37
CA VAL E 29 -23.45 42.96 -13.41
C VAL E 29 -23.01 43.38 -12.00
N ILE E 30 -23.78 43.02 -10.98
CA ILE E 30 -23.41 43.30 -9.59
C ILE E 30 -22.16 42.53 -9.21
N LEU E 31 -22.13 41.23 -9.54
CA LEU E 31 -20.97 40.40 -9.22
C LEU E 31 -19.74 40.80 -10.04
N ASN E 32 -19.95 41.13 -11.32
CA ASN E 32 -18.83 41.54 -12.16
C ASN E 32 -18.28 42.91 -11.77
N ASN E 33 -19.10 43.80 -11.21
CA ASN E 33 -18.60 45.04 -10.67
C ASN E 33 -17.93 44.85 -9.31
N LEU E 34 -18.40 43.88 -8.53
CA LEU E 34 -17.75 43.59 -7.25
C LEU E 34 -16.36 43.00 -7.45
N LEU E 35 -16.20 42.10 -8.40
CA LEU E 35 -14.97 41.33 -8.51
C LEU E 35 -13.93 41.93 -9.45
N GLU E 36 -14.18 43.11 -10.01
CA GLU E 36 -13.17 43.77 -10.83
C GLU E 36 -12.29 44.66 -9.95
N GLY E 37 -10.98 44.62 -10.20
CA GLY E 37 -10.06 45.32 -9.34
C GLY E 37 -9.94 44.75 -7.96
N TYR E 38 -10.25 43.47 -7.79
CA TYR E 38 -10.26 42.81 -6.50
C TYR E 38 -9.06 41.87 -6.40
N ASP E 39 -8.33 41.97 -5.29
CA ASP E 39 -7.25 41.04 -4.98
C ASP E 39 -7.66 40.21 -3.77
N ASN E 40 -7.77 38.90 -3.97
CA ASN E 40 -8.06 38.00 -2.87
C ASN E 40 -6.86 37.73 -1.98
N LYS E 41 -5.68 38.18 -2.38
CA LYS E 41 -4.47 37.96 -1.58
C LYS E 41 -4.40 38.92 -0.40
N LEU E 42 -5.19 39.99 -0.41
CA LEU E 42 -5.16 40.98 0.66
C LEU E 42 -6.43 40.90 1.50
N ARG E 43 -6.26 40.84 2.81
CA ARG E 43 -7.40 40.84 3.73
C ARG E 43 -8.05 42.22 3.74
N PRO E 44 -9.32 42.31 4.15
CA PRO E 44 -9.95 43.63 4.29
C PRO E 44 -9.29 44.45 5.38
N ASP E 45 -9.04 45.73 5.05
CA ASP E 45 -8.31 46.68 5.89
C ASP E 45 -6.92 46.15 6.26
N ILE E 46 -6.10 45.99 5.22
CA ILE E 46 -4.76 45.41 5.38
C ILE E 46 -3.86 46.33 6.21
N GLY E 47 -4.01 47.64 6.06
CA GLY E 47 -3.18 48.56 6.81
C GLY E 47 -3.99 49.53 7.65
N VAL E 48 -5.15 49.09 8.13
CA VAL E 48 -6.03 49.95 8.90
C VAL E 48 -6.28 49.37 10.29
N LYS E 49 -6.87 48.19 10.35
CA LYS E 49 -7.33 47.60 11.60
C LYS E 49 -7.42 46.09 11.43
N PRO E 50 -7.37 45.33 12.51
CA PRO E 50 -7.57 43.88 12.39
C PRO E 50 -8.99 43.52 11.98
N THR E 51 -9.09 42.44 11.22
CA THR E 51 -10.38 41.95 10.74
C THR E 51 -11.04 41.12 11.82
N LEU E 52 -12.23 41.56 12.27
CA LEU E 52 -12.96 40.88 13.32
C LEU E 52 -13.82 39.79 12.70
N ILE E 53 -13.59 38.55 13.10
CA ILE E 53 -14.30 37.40 12.53
C ILE E 53 -15.14 36.77 13.62
N HIS E 54 -16.45 36.67 13.38
CA HIS E 54 -17.38 36.03 14.30
C HIS E 54 -17.59 34.60 13.84
N THR E 55 -17.18 33.65 14.67
CA THR E 55 -17.35 32.24 14.34
C THR E 55 -18.55 31.65 15.06
N ASP E 56 -18.91 30.42 14.72
CA ASP E 56 -20.03 29.70 15.37
C ASP E 56 -20.03 28.28 14.80
N MET E 57 -20.22 27.25 15.61
CA MET E 57 -20.08 25.87 15.11
C MET E 57 -21.30 25.05 15.52
N TYR E 58 -21.96 24.36 14.62
CA TYR E 58 -23.15 23.54 14.83
C TYR E 58 -22.72 22.08 14.69
N VAL E 59 -22.67 21.37 15.82
CA VAL E 59 -22.20 19.99 15.83
C VAL E 59 -23.30 19.09 15.28
N ASN E 60 -23.01 18.38 14.18
CA ASN E 60 -23.94 17.37 13.70
C ASN E 60 -23.86 16.11 14.55
N SER E 61 -22.64 15.62 14.78
CA SER E 61 -22.44 14.40 15.56
C SER E 61 -21.01 14.35 16.05
N ILE E 62 -20.83 14.00 17.32
CA ILE E 62 -19.52 13.65 17.85
C ILE E 62 -19.33 12.17 17.65
N GLY E 63 -18.27 11.79 16.95
CA GLY E 63 -18.03 10.40 16.63
C GLY E 63 -17.41 9.65 17.79
N PRO E 64 -16.85 8.48 17.51
CA PRO E 64 -16.31 7.64 18.59
C PRO E 64 -15.06 8.24 19.19
N VAL E 65 -14.89 8.02 20.49
CA VAL E 65 -13.72 8.48 21.22
C VAL E 65 -12.74 7.31 21.28
N ASN E 66 -11.68 7.39 20.48
CA ASN E 66 -10.70 6.32 20.42
C ASN E 66 -9.67 6.51 21.53
N ALA E 67 -9.54 5.50 22.38
CA ALA E 67 -8.69 5.59 23.57
C ALA E 67 -7.26 5.13 23.33
N ILE E 68 -7.06 4.10 22.50
CA ILE E 68 -5.71 3.61 22.25
C ILE E 68 -4.96 4.55 21.31
N ASN E 69 -5.67 5.38 20.57
CA ASN E 69 -5.06 6.31 19.63
C ASN E 69 -5.17 7.77 20.07
N MET E 70 -6.04 8.06 21.05
CA MET E 70 -6.18 9.37 21.69
C MET E 70 -6.59 10.47 20.70
N GLU E 71 -7.76 10.26 20.08
CA GLU E 71 -8.45 11.34 19.38
C GLU E 71 -9.94 11.04 19.37
N TYR E 72 -10.72 12.02 18.93
CA TYR E 72 -12.14 11.88 18.74
C TYR E 72 -12.53 12.50 17.40
N THR E 73 -13.61 11.99 16.83
CA THR E 73 -14.12 12.48 15.55
C THR E 73 -15.32 13.38 15.80
N ILE E 74 -15.37 14.52 15.11
CA ILE E 74 -16.46 15.46 15.26
C ILE E 74 -16.85 15.97 13.87
N ASP E 75 -18.16 16.11 13.66
CA ASP E 75 -18.73 16.51 12.37
C ASP E 75 -19.56 17.76 12.60
N ILE E 76 -19.13 18.89 12.05
CA ILE E 76 -19.69 20.18 12.37
C ILE E 76 -20.12 20.92 11.12
N PHE E 77 -20.79 22.06 11.33
CA PHE E 77 -21.11 23.05 10.32
C PHE E 77 -20.39 24.33 10.72
N PHE E 78 -19.13 24.45 10.34
CA PHE E 78 -18.32 25.59 10.78
C PHE E 78 -18.70 26.83 9.99
N ALA E 79 -19.11 27.89 10.70
CA ALA E 79 -19.59 29.11 10.08
C ALA E 79 -18.78 30.31 10.55
N GLN E 80 -18.40 31.18 9.61
CA GLN E 80 -17.61 32.37 9.91
C GLN E 80 -18.27 33.58 9.30
N THR E 81 -18.09 34.73 9.96
CA THR E 81 -18.70 35.97 9.52
C THR E 81 -17.73 37.12 9.72
N TRP E 82 -17.48 37.89 8.66
CA TRP E 82 -16.58 39.04 8.76
C TRP E 82 -17.13 40.14 7.85
N TYR E 83 -16.46 41.30 7.89
CA TYR E 83 -16.85 42.45 7.10
C TYR E 83 -15.82 42.68 6.00
N ASP E 84 -16.30 42.99 4.79
CA ASP E 84 -15.42 43.32 3.67
C ASP E 84 -16.00 44.54 2.98
N ARG E 85 -15.28 45.66 3.02
CA ARG E 85 -15.79 46.89 2.46
C ARG E 85 -15.76 46.90 0.93
N ARG E 86 -14.96 46.03 0.31
CA ARG E 86 -14.95 45.96 -1.14
C ARG E 86 -16.19 45.27 -1.69
N LEU E 87 -16.78 44.37 -0.93
CA LEU E 87 -17.97 43.63 -1.36
C LEU E 87 -19.25 44.34 -0.91
N LYS E 88 -19.32 45.62 -1.26
CA LYS E 88 -20.46 46.47 -0.93
C LYS E 88 -21.16 46.87 -2.21
N PHE E 89 -22.47 46.63 -2.27
CA PHE E 89 -23.26 46.93 -3.45
C PHE E 89 -24.54 47.65 -3.05
N ASN E 90 -25.02 48.49 -3.96
CA ASN E 90 -26.27 49.24 -3.70
C ASN E 90 -27.31 48.86 -4.73
N SER E 91 -27.93 47.68 -4.59
CA SER E 91 -29.02 47.30 -5.52
C SER E 91 -30.27 46.87 -4.74
N THR E 92 -31.40 46.70 -5.44
CA THR E 92 -32.64 46.23 -4.77
C THR E 92 -32.35 44.89 -4.10
N ILE E 93 -31.59 44.02 -4.78
CA ILE E 93 -31.21 42.71 -4.18
C ILE E 93 -30.45 43.01 -2.88
N LYS E 94 -30.97 42.53 -1.73
CA LYS E 94 -30.33 42.84 -0.43
C LYS E 94 -29.26 41.79 -0.12
N VAL E 95 -29.50 40.53 -0.51
CA VAL E 95 -28.52 39.45 -0.20
C VAL E 95 -28.21 38.74 -1.52
N LEU E 96 -27.03 38.14 -1.63
CA LEU E 96 -26.64 37.35 -2.80
C LEU E 96 -26.29 35.96 -2.32
N ARG E 97 -27.27 35.06 -2.30
CA ARG E 97 -27.04 33.69 -1.83
C ARG E 97 -26.40 32.90 -2.97
N LEU E 98 -25.12 32.61 -2.84
CA LEU E 98 -24.34 31.98 -3.90
C LEU E 98 -23.87 30.60 -3.46
N ASN E 99 -23.12 29.95 -4.35
CA ASN E 99 -22.61 28.60 -4.14
C ASN E 99 -21.11 28.65 -3.93
N SER E 100 -20.49 27.47 -3.93
CA SER E 100 -19.09 27.35 -3.55
C SER E 100 -18.13 27.87 -4.63
N ASN E 101 -18.65 28.22 -5.81
CA ASN E 101 -17.81 28.75 -6.87
C ASN E 101 -17.23 30.12 -6.52
N MET E 102 -17.95 30.87 -5.70
CA MET E 102 -17.51 32.21 -5.33
C MET E 102 -16.58 32.20 -4.13
N VAL E 103 -16.34 31.03 -3.53
CA VAL E 103 -15.49 30.91 -2.35
C VAL E 103 -14.04 31.20 -2.70
N GLY E 104 -13.54 30.61 -3.78
CA GLY E 104 -12.16 30.80 -4.19
C GLY E 104 -11.95 32.00 -5.09
N LYS E 105 -12.77 33.03 -4.93
CA LYS E 105 -12.59 34.28 -5.65
C LYS E 105 -12.55 35.50 -4.75
N ILE E 106 -12.99 35.38 -3.49
CA ILE E 106 -12.91 36.47 -2.53
C ILE E 106 -11.93 36.06 -1.44
N TRP E 107 -11.58 36.99 -0.56
CA TRP E 107 -10.70 36.69 0.56
C TRP E 107 -11.47 35.87 1.58
N ILE E 108 -10.91 34.74 1.97
CA ILE E 108 -11.45 33.93 3.05
C ILE E 108 -10.36 33.77 4.10
N PRO E 109 -10.68 33.72 5.39
CA PRO E 109 -9.64 33.57 6.40
C PRO E 109 -9.07 32.17 6.41
N ASP E 110 -7.82 32.05 6.83
CA ASP E 110 -7.11 30.78 6.83
C ASP E 110 -7.23 30.09 8.20
N THR E 111 -8.48 29.77 8.55
CA THR E 111 -8.77 29.13 9.82
C THR E 111 -8.35 27.67 9.77
N PHE E 112 -7.57 27.25 10.75
CA PHE E 112 -7.13 25.87 10.86
C PHE E 112 -7.29 25.41 12.30
N PHE E 113 -7.47 24.11 12.48
CA PHE E 113 -7.74 23.53 13.79
C PHE E 113 -6.43 23.04 14.40
N ARG E 114 -6.03 23.65 15.51
CA ARG E 114 -4.67 23.50 16.02
C ARG E 114 -4.41 22.15 16.67
N ASN E 115 -5.45 21.41 17.05
CA ASN E 115 -5.26 20.12 17.68
C ASN E 115 -5.90 19.00 16.85
N SER E 116 -6.02 19.21 15.55
CA SER E 116 -6.60 18.22 14.66
C SER E 116 -5.49 17.36 14.06
N LYS E 117 -5.61 16.03 14.21
CA LYS E 117 -4.63 15.16 13.60
C LYS E 117 -4.79 15.09 12.09
N LYS E 118 -6.02 14.91 11.61
CA LYS E 118 -6.32 15.02 10.19
C LYS E 118 -7.80 15.33 10.04
N ALA E 119 -8.12 16.12 9.02
CA ALA E 119 -9.50 16.53 8.79
C ALA E 119 -9.71 16.75 7.31
N ASP E 120 -10.98 16.77 6.91
CA ASP E 120 -11.32 17.01 5.51
C ASP E 120 -12.72 17.59 5.44
N ALA E 121 -12.96 18.40 4.41
CA ALA E 121 -14.31 18.83 4.11
C ALA E 121 -15.02 17.77 3.28
N HIS E 122 -16.22 18.07 2.81
CA HIS E 122 -17.00 17.17 1.99
C HIS E 122 -17.24 17.80 0.63
N TRP E 123 -17.15 16.98 -0.43
CA TRP E 123 -17.14 17.50 -1.79
C TRP E 123 -18.21 16.86 -2.68
N ILE E 124 -19.12 16.08 -2.10
CA ILE E 124 -20.09 15.32 -2.88
C ILE E 124 -21.48 15.86 -2.58
N THR E 125 -22.24 16.20 -3.62
CA THR E 125 -21.94 16.06 -5.05
C THR E 125 -21.26 17.30 -5.62
N THR E 126 -21.19 18.32 -4.79
CA THR E 126 -20.57 19.61 -5.07
C THR E 126 -19.89 19.99 -3.77
N PRO E 127 -18.81 20.81 -3.82
CA PRO E 127 -18.20 21.34 -2.58
C PRO E 127 -19.17 21.94 -1.58
N ASN E 128 -19.26 21.32 -0.41
CA ASN E 128 -20.24 21.66 0.62
C ASN E 128 -19.82 22.96 1.30
N ARG E 129 -20.03 24.06 0.59
CA ARG E 129 -19.71 25.39 1.08
C ARG E 129 -20.85 26.35 0.75
N MET E 130 -20.95 27.39 1.56
CA MET E 130 -22.01 28.39 1.43
C MET E 130 -21.38 29.77 1.50
N LEU E 131 -21.90 30.69 0.70
CA LEU E 131 -21.41 32.06 0.71
C LEU E 131 -22.59 33.00 0.50
N ARG E 132 -22.80 33.90 1.46
CA ARG E 132 -23.87 34.89 1.38
C ARG E 132 -23.29 36.26 1.67
N ILE E 133 -23.53 37.20 0.77
CA ILE E 133 -22.97 38.55 0.84
C ILE E 133 -24.11 39.53 0.99
N TRP E 134 -24.17 40.20 2.13
CA TRP E 134 -25.19 41.22 2.36
C TRP E 134 -24.79 42.52 1.67
N ASN E 135 -25.72 43.48 1.66
CA ASN E 135 -25.50 44.71 0.93
C ASN E 135 -24.60 45.70 1.67
N ASP E 136 -24.35 45.50 2.96
CA ASP E 136 -23.43 46.35 3.70
C ASP E 136 -22.01 45.81 3.71
N GLY E 137 -21.76 44.69 3.05
CA GLY E 137 -20.45 44.08 3.00
C GLY E 137 -20.26 42.90 3.91
N ARG E 138 -21.27 42.51 4.67
CA ARG E 138 -21.16 41.37 5.57
C ARG E 138 -21.11 40.08 4.76
N VAL E 139 -20.15 39.22 5.07
CA VAL E 139 -19.95 37.97 4.34
C VAL E 139 -20.10 36.82 5.34
N LEU E 140 -20.92 35.84 4.99
CA LEU E 140 -21.10 34.63 5.78
C LEU E 140 -20.56 33.46 4.98
N TYR E 141 -19.72 32.63 5.61
CA TYR E 141 -19.04 31.54 4.93
C TYR E 141 -19.15 30.30 5.81
N THR E 142 -19.91 29.31 5.33
CA THR E 142 -20.20 28.11 6.09
C THR E 142 -19.73 26.88 5.32
N LEU E 143 -18.99 26.01 5.99
CA LEU E 143 -18.51 24.78 5.38
C LEU E 143 -18.70 23.62 6.36
N ARG E 144 -18.77 22.43 5.80
CA ARG E 144 -19.00 21.21 6.57
C ARG E 144 -17.68 20.45 6.73
N LEU E 145 -17.33 20.11 7.96
CA LEU E 145 -16.03 19.53 8.27
C LEU E 145 -16.17 18.28 9.11
N THR E 146 -15.21 17.38 8.97
CA THR E 146 -15.08 16.19 9.80
C THR E 146 -13.66 16.17 10.35
N ILE E 147 -13.51 16.31 11.66
CA ILE E 147 -12.24 16.61 12.29
C ILE E 147 -11.88 15.50 13.26
N ASP E 148 -10.67 14.93 13.11
CA ASP E 148 -10.12 13.99 14.08
C ASP E 148 -9.21 14.75 15.02
N ALA E 149 -9.80 15.42 16.00
CA ALA E 149 -9.08 16.31 16.88
C ALA E 149 -8.47 15.56 18.06
N GLU E 150 -7.30 16.02 18.51
CA GLU E 150 -6.64 15.41 19.64
C GLU E 150 -7.35 15.76 20.94
N CYS E 151 -7.56 14.76 21.78
CA CYS E 151 -8.10 14.95 23.12
C CYS E 151 -7.28 14.09 24.06
N GLN E 152 -6.52 14.71 24.95
CA GLN E 152 -5.71 13.97 25.90
C GLN E 152 -6.62 13.32 26.95
N LEU E 153 -6.45 12.02 27.13
CA LEU E 153 -7.30 11.24 28.03
C LEU E 153 -6.43 10.74 29.17
N GLN E 154 -6.72 11.19 30.39
CA GLN E 154 -6.02 10.68 31.55
C GLN E 154 -6.54 9.28 31.88
N LEU E 155 -5.64 8.31 31.95
CA LEU E 155 -5.99 6.92 32.15
C LEU E 155 -5.95 6.51 33.62
N HIS E 156 -5.71 7.46 34.52
CA HIS E 156 -5.91 7.19 35.94
C HIS E 156 -7.40 7.00 36.21
N ASN E 157 -7.69 6.17 37.22
CA ASN E 157 -9.05 5.78 37.62
C ASN E 157 -9.83 5.17 36.45
N PHE E 158 -9.16 4.33 35.67
CA PHE E 158 -9.80 3.66 34.55
C PHE E 158 -10.72 2.55 35.07
N PRO E 159 -11.97 2.46 34.59
CA PRO E 159 -12.63 3.32 33.60
C PRO E 159 -13.65 4.30 34.17
N MET E 160 -13.41 4.90 35.34
CA MET E 160 -14.24 6.01 35.82
C MET E 160 -13.50 7.31 35.54
N ASP E 161 -13.57 7.75 34.28
CA ASP E 161 -12.81 8.90 33.82
C ASP E 161 -13.74 9.92 33.16
N GLU E 162 -13.59 11.18 33.54
CA GLU E 162 -14.31 12.28 32.93
C GLU E 162 -13.31 13.20 32.25
N HIS E 163 -13.53 13.47 30.95
CA HIS E 163 -12.60 14.26 30.16
C HIS E 163 -13.26 15.53 29.63
N SER E 164 -12.44 16.55 29.44
CA SER E 164 -12.83 17.78 28.76
C SER E 164 -12.06 17.79 27.43
N CYS E 165 -12.66 17.21 26.40
CA CYS E 165 -12.02 17.12 25.11
C CYS E 165 -12.01 18.50 24.44
N PRO E 166 -10.86 19.01 24.02
CA PRO E 166 -10.81 20.35 23.44
C PRO E 166 -10.91 20.34 21.91
N LEU E 167 -11.15 21.54 21.37
CA LEU E 167 -11.13 21.79 19.93
C LEU E 167 -10.66 23.23 19.75
N GLU E 168 -9.39 23.41 19.41
CA GLU E 168 -8.78 24.73 19.31
C GLU E 168 -8.59 25.09 17.85
N PHE E 169 -9.02 26.28 17.46
CA PHE E 169 -8.78 26.75 16.10
C PHE E 169 -8.39 28.22 16.12
N SER E 170 -7.63 28.61 15.11
CA SER E 170 -7.11 29.96 14.98
C SER E 170 -6.74 30.19 13.53
N SER E 171 -6.26 31.39 13.23
CA SER E 171 -5.69 31.65 11.92
C SER E 171 -4.26 31.15 11.88
N TYR E 172 -3.79 30.82 10.67
CA TYR E 172 -2.43 30.31 10.55
C TYR E 172 -1.42 31.42 10.33
N GLY E 173 -1.68 32.29 9.37
CA GLY E 173 -0.70 33.29 8.99
C GLY E 173 -0.88 34.65 9.60
N TYR E 174 -2.11 35.02 9.92
CA TYR E 174 -2.42 36.37 10.36
C TYR E 174 -2.32 36.43 11.88
N PRO E 175 -1.51 37.34 12.44
CA PRO E 175 -1.40 37.42 13.90
C PRO E 175 -2.56 38.17 14.55
N ARG E 176 -2.42 38.46 15.85
CA ARG E 176 -3.45 39.17 16.59
C ARG E 176 -3.65 40.59 16.08
N GLU E 177 -2.62 41.18 15.49
CA GLU E 177 -2.75 42.53 14.94
C GLU E 177 -3.43 42.55 13.58
N GLU E 178 -3.80 41.41 13.02
CA GLU E 178 -4.41 41.35 11.70
C GLU E 178 -5.74 40.61 11.66
N ILE E 179 -5.90 39.54 12.43
CA ILE E 179 -7.20 38.91 12.65
C ILE E 179 -7.40 38.70 14.14
N VAL E 180 -8.49 39.26 14.66
CA VAL E 180 -8.95 39.02 16.02
C VAL E 180 -10.20 38.15 15.92
N TYR E 181 -10.15 36.96 16.50
CA TYR E 181 -11.30 36.08 16.52
C TYR E 181 -12.20 36.41 17.71
N GLN E 182 -13.50 36.20 17.53
CA GLN E 182 -14.48 36.59 18.54
C GLN E 182 -15.74 35.74 18.44
N TRP E 183 -16.14 35.15 19.58
CA TRP E 183 -17.30 34.22 19.59
C TRP E 183 -18.62 34.99 19.48
N LYS E 184 -19.73 34.27 19.29
CA LYS E 184 -21.07 34.90 19.24
C LYS E 184 -21.91 34.27 20.36
N ARG E 185 -22.84 35.02 20.93
CA ARG E 185 -23.64 34.49 22.08
C ARG E 185 -24.16 33.10 21.70
N SER E 186 -24.65 32.93 20.47
CA SER E 186 -25.08 31.58 20.01
C SER E 186 -23.85 30.83 19.50
N SER E 187 -23.14 30.14 20.40
CA SER E 187 -21.88 29.44 19.99
C SER E 187 -22.20 27.97 19.69
N VAL E 188 -21.39 27.04 20.22
CA VAL E 188 -21.57 25.58 19.94
C VAL E 188 -23.04 25.20 20.18
N GLU E 189 -23.62 24.43 19.26
CA GLU E 189 -25.04 24.02 19.38
C GLU E 189 -25.11 22.55 19.03
N VAL E 190 -25.53 21.71 19.94
CA VAL E 190 -25.52 20.26 19.74
C VAL E 190 -26.81 19.84 19.05
N GLY E 191 -26.80 18.61 18.52
CA GLY E 191 -27.96 18.09 17.84
C GLY E 191 -28.96 17.44 18.78
N ASP E 192 -29.46 16.27 18.40
CA ASP E 192 -30.43 15.56 19.22
C ASP E 192 -29.78 14.82 20.38
N THR E 193 -28.46 14.64 20.33
CA THR E 193 -27.63 13.94 21.33
C THR E 193 -28.08 12.50 21.57
N ARG E 194 -28.73 11.87 20.59
CA ARG E 194 -29.15 10.49 20.69
C ARG E 194 -28.83 9.67 19.45
N SER E 195 -28.64 10.30 18.29
CA SER E 195 -28.16 9.64 17.09
C SER E 195 -26.65 9.68 16.98
N TRP E 196 -25.96 10.15 18.01
CA TRP E 196 -24.52 10.31 17.99
C TRP E 196 -23.84 8.96 18.10
N ARG E 197 -22.52 8.95 17.88
CA ARG E 197 -21.73 7.73 17.89
C ARG E 197 -21.06 7.46 19.22
N LEU E 198 -21.37 8.23 20.26
CA LEU E 198 -20.80 7.98 21.58
C LEU E 198 -21.45 6.75 22.18
N TYR E 199 -20.68 5.67 22.34
CA TYR E 199 -21.20 4.45 22.93
C TYR E 199 -20.96 4.42 24.44
N GLN E 200 -19.70 4.49 24.86
CA GLN E 200 -19.36 4.36 26.27
C GLN E 200 -19.34 5.69 27.01
N PHE E 201 -19.43 6.80 26.29
CA PHE E 201 -19.42 8.13 26.91
C PHE E 201 -20.80 8.74 26.87
N SER E 202 -20.96 9.85 27.58
CA SER E 202 -22.19 10.61 27.57
C SER E 202 -21.85 12.09 27.59
N PHE E 203 -22.52 12.85 26.73
CA PHE E 203 -22.23 14.29 26.59
C PHE E 203 -22.81 15.03 27.79
N VAL E 204 -21.97 15.80 28.47
CA VAL E 204 -22.41 16.49 29.67
C VAL E 204 -22.68 17.97 29.38
N GLY E 205 -21.73 18.65 28.78
CA GLY E 205 -21.90 20.06 28.48
C GLY E 205 -20.74 20.60 27.69
N LEU E 206 -20.87 21.85 27.23
CA LEU E 206 -19.84 22.51 26.39
C LEU E 206 -19.60 23.94 26.90
N ARG E 207 -18.37 24.45 26.87
CA ARG E 207 -18.01 25.80 27.29
C ARG E 207 -17.08 26.41 26.26
N ASN E 208 -17.32 27.68 25.92
CA ASN E 208 -16.51 28.40 24.92
C ASN E 208 -15.50 29.33 25.60
N THR E 209 -14.21 29.25 25.25
CA THR E 209 -13.16 30.11 25.78
C THR E 209 -12.35 30.69 24.63
N THR E 210 -11.71 31.82 24.89
CA THR E 210 -10.78 32.45 23.96
C THR E 210 -9.53 32.89 24.71
N GLU E 211 -8.41 32.94 23.98
CA GLU E 211 -7.12 33.25 24.59
C GLU E 211 -6.15 33.70 23.51
N VAL E 212 -4.96 34.10 23.94
CA VAL E 212 -3.88 34.51 23.04
C VAL E 212 -2.68 33.61 23.31
N VAL E 213 -2.16 32.98 22.27
CA VAL E 213 -0.98 32.14 22.39
C VAL E 213 0.18 32.91 21.75
N LYS E 214 1.39 32.61 22.20
CA LYS E 214 2.61 33.20 21.63
C LYS E 214 3.40 32.09 20.96
N THR E 215 3.67 32.26 19.67
CA THR E 215 4.49 31.33 18.90
C THR E 215 5.72 32.07 18.40
N THR E 216 6.48 31.42 17.52
CA THR E 216 7.69 32.02 16.96
C THR E 216 7.40 32.99 15.83
N SER E 217 6.13 33.13 15.41
CA SER E 217 5.78 34.03 14.33
C SER E 217 4.92 35.20 14.78
N GLY E 218 4.41 35.20 16.00
CA GLY E 218 3.61 36.29 16.50
C GLY E 218 2.62 35.80 17.54
N ASP E 219 1.63 36.64 17.81
CA ASP E 219 0.57 36.34 18.77
C ASP E 219 -0.70 35.99 18.01
N TYR E 220 -1.31 34.87 18.36
CA TYR E 220 -2.51 34.40 17.67
C TYR E 220 -3.66 34.23 18.64
N VAL E 221 -4.86 34.59 18.20
CA VAL E 221 -6.06 34.43 19.02
C VAL E 221 -6.61 33.03 18.79
N VAL E 222 -6.68 32.24 19.86
CA VAL E 222 -7.07 30.84 19.79
C VAL E 222 -8.41 30.70 20.49
N MET E 223 -9.39 30.12 19.79
CA MET E 223 -10.70 29.85 20.35
C MET E 223 -10.80 28.36 20.63
N SER E 224 -11.14 28.01 21.86
CA SER E 224 -11.23 26.62 22.25
C SER E 224 -12.64 26.30 22.72
N VAL E 225 -13.09 25.10 22.38
CA VAL E 225 -14.37 24.57 22.84
C VAL E 225 -14.08 23.28 23.59
N TYR E 226 -14.51 23.22 24.84
CA TYR E 226 -14.31 22.05 25.67
C TYR E 226 -15.58 21.21 25.68
N PHE E 227 -15.48 19.95 25.28
CA PHE E 227 -16.59 19.01 25.31
C PHE E 227 -16.41 18.11 26.52
N ASP E 228 -17.35 18.17 27.46
CA ASP E 228 -17.28 17.37 28.66
C ASP E 228 -17.92 16.01 28.41
N LEU E 229 -17.12 14.95 28.52
CA LEU E 229 -17.58 13.58 28.31
C LEU E 229 -17.33 12.79 29.58
N SER E 230 -18.36 12.07 30.04
CA SER E 230 -18.26 11.20 31.20
C SER E 230 -18.55 9.78 30.76
N ARG E 231 -17.68 8.85 31.14
CA ARG E 231 -17.83 7.47 30.73
C ARG E 231 -18.94 6.79 31.52
N ARG E 232 -19.73 5.97 30.84
CA ARG E 232 -20.82 5.23 31.48
C ARG E 232 -20.34 3.87 31.96
N ASN F 1 37.68 -8.64 -12.35
CA ASN F 1 37.46 -8.48 -13.78
C ASN F 1 36.65 -9.65 -14.34
N ILE F 2 36.27 -9.53 -15.60
CA ILE F 2 35.46 -10.55 -16.28
C ILE F 2 36.37 -11.27 -17.27
N VAL F 3 36.38 -12.60 -17.21
CA VAL F 3 37.29 -13.41 -18.00
C VAL F 3 36.51 -14.08 -19.12
N MET F 4 36.94 -13.83 -20.37
CA MET F 4 36.35 -14.44 -21.55
C MET F 4 37.21 -15.62 -21.98
N THR F 5 36.58 -16.79 -22.10
CA THR F 5 37.26 -18.05 -22.34
C THR F 5 36.72 -18.75 -23.58
N GLN F 6 36.66 -18.02 -24.69
CA GLN F 6 36.15 -18.60 -25.94
C GLN F 6 37.04 -19.71 -26.48
N SER F 7 36.40 -20.75 -26.99
CA SER F 7 37.03 -21.98 -27.43
C SER F 7 36.43 -22.40 -28.76
N PRO F 8 37.21 -23.06 -29.63
CA PRO F 8 38.63 -23.42 -29.55
C PRO F 8 39.53 -22.37 -30.16
N LYS F 9 40.81 -22.68 -30.38
CA LYS F 9 41.72 -21.68 -30.96
C LYS F 9 41.47 -21.51 -32.45
N SER F 10 41.24 -22.59 -33.18
CA SER F 10 40.98 -22.51 -34.61
C SER F 10 40.21 -23.75 -35.05
N MET F 11 39.49 -23.60 -36.17
CA MET F 11 38.80 -24.71 -36.81
C MET F 11 39.12 -24.70 -38.29
N SER F 12 39.23 -25.89 -38.88
CA SER F 12 39.67 -26.06 -40.27
C SER F 12 38.67 -26.94 -41.01
N MET F 13 37.71 -26.33 -41.70
CA MET F 13 36.73 -27.06 -42.49
C MET F 13 36.55 -26.37 -43.84
N SER F 14 35.60 -26.88 -44.62
CA SER F 14 35.42 -26.49 -46.01
C SER F 14 34.44 -25.32 -46.13
N VAL F 15 33.98 -25.07 -47.35
CA VAL F 15 33.11 -23.94 -47.67
C VAL F 15 31.70 -24.47 -47.90
N GLY F 16 30.74 -23.95 -47.13
CA GLY F 16 29.35 -24.24 -47.38
C GLY F 16 28.68 -25.15 -46.38
N GLU F 17 29.05 -25.03 -45.10
CA GLU F 17 28.45 -25.85 -44.05
C GLU F 17 28.34 -25.01 -42.78
N ARG F 18 27.73 -25.59 -41.76
CA ARG F 18 27.47 -24.89 -40.50
C ARG F 18 28.67 -25.05 -39.58
N VAL F 19 29.15 -23.93 -39.04
CA VAL F 19 30.17 -23.91 -38.00
C VAL F 19 29.66 -23.03 -36.86
N THR F 20 29.88 -23.49 -35.62
CA THR F 20 29.47 -22.76 -34.44
C THR F 20 30.68 -22.41 -33.59
N LEU F 21 30.52 -21.37 -32.79
CA LEU F 21 31.52 -20.91 -31.84
C LEU F 21 30.97 -21.00 -30.43
N SER F 22 31.79 -20.60 -29.47
CA SER F 22 31.36 -20.61 -28.08
C SER F 22 32.16 -19.56 -27.32
N CYS F 23 31.49 -18.84 -26.42
CA CYS F 23 32.13 -17.85 -25.57
C CYS F 23 31.61 -18.03 -24.16
N LYS F 24 32.45 -18.52 -23.27
CA LYS F 24 32.07 -18.85 -21.90
C LYS F 24 32.59 -17.77 -20.97
N ALA F 25 31.71 -17.28 -20.10
CA ALA F 25 32.02 -16.18 -19.20
C ALA F 25 32.30 -16.71 -17.80
N SER F 26 33.28 -16.10 -17.12
CA SER F 26 33.59 -16.51 -15.75
C SER F 26 32.53 -16.02 -14.77
N GLU F 27 32.05 -14.79 -14.97
CA GLU F 27 31.05 -14.18 -14.11
C GLU F 27 29.86 -13.81 -14.99
N TYR F 28 28.79 -13.34 -14.36
CA TYR F 28 27.57 -12.98 -15.09
C TYR F 28 27.79 -11.74 -15.95
N VAL F 29 27.57 -11.88 -17.26
CA VAL F 29 27.36 -10.75 -18.15
C VAL F 29 26.02 -10.97 -18.86
N GLY F 30 25.10 -10.04 -18.70
CA GLY F 30 23.76 -10.32 -19.19
C GLY F 30 23.42 -9.70 -20.52
N THR F 31 23.55 -10.50 -21.59
CA THR F 31 23.27 -10.09 -22.98
C THR F 31 24.00 -8.82 -23.37
N TYR F 32 25.27 -8.72 -23.00
CA TYR F 32 26.09 -7.56 -23.33
C TYR F 32 27.38 -7.93 -24.05
N VAL F 33 27.41 -9.08 -24.72
CA VAL F 33 28.60 -9.51 -25.44
C VAL F 33 28.67 -8.84 -26.79
N SER F 34 29.81 -8.98 -27.47
CA SER F 34 29.96 -8.45 -28.81
C SER F 34 30.91 -9.34 -29.59
N TRP F 35 30.64 -9.49 -30.87
CA TRP F 35 31.43 -10.34 -31.76
C TRP F 35 32.03 -9.50 -32.87
N TYR F 36 33.32 -9.66 -33.11
CA TYR F 36 34.03 -8.93 -34.15
C TYR F 36 34.80 -9.89 -35.03
N GLN F 37 35.00 -9.50 -36.29
CA GLN F 37 35.83 -10.25 -37.21
C GLN F 37 37.17 -9.54 -37.39
N GLN F 38 38.21 -10.33 -37.65
CA GLN F 38 39.57 -9.82 -37.76
C GLN F 38 40.21 -10.45 -39.00
N LYS F 39 40.15 -9.74 -40.12
CA LYS F 39 40.92 -10.13 -41.29
C LYS F 39 42.38 -9.79 -41.04
N PRO F 40 43.31 -10.48 -41.70
CA PRO F 40 44.71 -10.05 -41.66
C PRO F 40 44.88 -8.66 -42.28
N GLU F 41 45.72 -7.84 -41.63
CA GLU F 41 46.00 -6.45 -42.01
C GLU F 41 44.72 -5.62 -42.10
N GLN F 42 43.86 -5.77 -41.10
CA GLN F 42 42.56 -5.10 -41.11
C GLN F 42 42.09 -4.82 -39.69
N SER F 43 41.43 -3.69 -39.51
CA SER F 43 40.83 -3.35 -38.22
C SER F 43 39.60 -4.21 -37.98
N PRO F 44 39.25 -4.45 -36.71
CA PRO F 44 38.01 -5.19 -36.42
C PRO F 44 36.77 -4.41 -36.80
N LYS F 45 35.71 -5.15 -37.13
CA LYS F 45 34.40 -4.60 -37.44
C LYS F 45 33.36 -5.26 -36.57
N LEU F 46 32.31 -4.52 -36.22
CA LEU F 46 31.26 -5.07 -35.38
C LEU F 46 30.39 -6.03 -36.18
N LEU F 47 29.97 -7.13 -35.54
CA LEU F 47 29.01 -8.03 -36.15
C LEU F 47 27.74 -8.15 -35.33
N ILE F 48 27.84 -8.52 -34.06
CA ILE F 48 26.69 -8.75 -33.19
C ILE F 48 26.84 -7.90 -31.95
N TYR F 49 25.81 -7.16 -31.60
CA TYR F 49 25.75 -6.47 -30.32
C TYR F 49 24.64 -7.07 -29.47
N GLY F 50 24.60 -6.67 -28.20
CA GLY F 50 23.67 -7.27 -27.26
C GLY F 50 24.00 -8.72 -27.01
N ALA F 51 23.06 -9.62 -27.29
CA ALA F 51 23.34 -11.04 -27.34
C ALA F 51 23.20 -11.58 -28.76
N SER F 52 22.03 -11.37 -29.39
CA SER F 52 21.82 -11.70 -30.79
C SER F 52 21.10 -10.53 -31.44
N ASN F 53 21.87 -9.53 -31.88
CA ASN F 53 21.36 -8.41 -32.65
C ASN F 53 22.29 -8.23 -33.83
N ARG F 54 21.76 -8.35 -35.04
CA ARG F 54 22.56 -8.23 -36.25
C ARG F 54 22.74 -6.76 -36.61
N TYR F 55 23.99 -6.34 -36.75
CA TYR F 55 24.31 -4.97 -37.12
C TYR F 55 23.98 -4.71 -38.58
N THR F 56 23.89 -3.44 -38.94
CA THR F 56 23.66 -3.05 -40.32
C THR F 56 24.87 -3.41 -41.18
N GLY F 57 24.61 -4.04 -42.33
CA GLY F 57 25.66 -4.54 -43.18
C GLY F 57 26.09 -5.96 -42.91
N VAL F 58 25.55 -6.59 -41.86
CA VAL F 58 25.84 -7.99 -41.59
C VAL F 58 24.90 -8.86 -42.43
N PRO F 59 25.42 -9.83 -43.18
CA PRO F 59 24.53 -10.75 -43.90
C PRO F 59 23.76 -11.65 -42.95
N ASP F 60 22.64 -12.18 -43.47
CA ASP F 60 21.70 -12.96 -42.68
C ASP F 60 22.24 -14.32 -42.25
N ARG F 61 23.34 -14.79 -42.85
CA ARG F 61 23.93 -16.06 -42.47
C ARG F 61 24.57 -16.02 -41.09
N PHE F 62 24.89 -14.83 -40.57
CA PHE F 62 25.53 -14.67 -39.28
C PHE F 62 24.44 -14.59 -38.21
N THR F 63 24.35 -15.60 -37.36
CA THR F 63 23.33 -15.66 -36.33
C THR F 63 23.98 -15.96 -34.99
N GLY F 64 23.80 -15.05 -34.04
CA GLY F 64 24.29 -15.25 -32.69
C GLY F 64 23.20 -15.77 -31.76
N SER F 65 23.62 -16.06 -30.54
CA SER F 65 22.71 -16.47 -29.48
C SER F 65 23.37 -16.16 -28.14
N GLY F 66 22.54 -16.04 -27.11
CA GLY F 66 23.07 -15.61 -25.83
C GLY F 66 22.22 -16.08 -24.68
N SER F 67 22.79 -15.92 -23.48
CA SER F 67 22.17 -16.32 -22.23
C SER F 67 22.82 -15.51 -21.12
N ALA F 68 22.63 -15.94 -19.87
CA ALA F 68 23.27 -15.24 -18.76
C ALA F 68 24.76 -15.52 -18.71
N THR F 69 25.19 -16.71 -19.07
CA THR F 69 26.61 -17.04 -18.99
C THR F 69 27.18 -17.60 -20.28
N ASP F 70 26.44 -18.46 -20.98
CA ASP F 70 26.96 -19.13 -22.16
C ASP F 70 26.52 -18.41 -23.43
N PHE F 71 27.48 -18.19 -24.33
CA PHE F 71 27.24 -17.45 -25.56
C PHE F 71 27.82 -18.23 -26.73
N THR F 72 27.28 -17.95 -27.92
CA THR F 72 27.71 -18.66 -29.12
C THR F 72 27.45 -17.79 -30.35
N LEU F 73 28.13 -18.12 -31.44
CA LEU F 73 27.94 -17.45 -32.73
C LEU F 73 27.88 -18.52 -33.81
N THR F 74 26.71 -18.70 -34.40
CA THR F 74 26.48 -19.74 -35.39
C THR F 74 26.59 -19.17 -36.79
N ILE F 75 27.33 -19.86 -37.66
CA ILE F 75 27.53 -19.43 -39.03
C ILE F 75 26.88 -20.47 -39.94
N GLY F 76 26.04 -20.00 -40.86
CA GLY F 76 25.40 -20.91 -41.79
C GLY F 76 25.93 -20.79 -43.20
N SER F 77 26.55 -21.87 -43.69
CA SER F 77 27.16 -21.97 -45.02
C SER F 77 28.21 -20.88 -45.23
N VAL F 78 29.29 -21.01 -44.44
CA VAL F 78 30.38 -20.04 -44.47
C VAL F 78 31.09 -20.08 -45.82
N GLN F 79 31.47 -18.91 -46.33
CA GLN F 79 32.07 -18.77 -47.65
C GLN F 79 33.56 -18.47 -47.54
N ALA F 80 34.18 -18.24 -48.69
CA ALA F 80 35.61 -18.03 -48.77
C ALA F 80 36.03 -16.65 -48.27
N GLU F 81 35.15 -15.66 -48.37
CA GLU F 81 35.48 -14.31 -47.93
C GLU F 81 35.34 -14.13 -46.42
N ASP F 82 34.83 -15.13 -45.71
CA ASP F 82 34.66 -15.06 -44.26
C ASP F 82 35.79 -15.73 -43.49
N LEU F 83 36.87 -16.10 -44.16
CA LEU F 83 38.03 -16.67 -43.48
C LEU F 83 38.78 -15.56 -42.74
N ALA F 84 38.41 -15.34 -41.48
CA ALA F 84 39.03 -14.33 -40.64
C ALA F 84 39.09 -14.87 -39.23
N ASP F 85 39.42 -14.00 -38.28
CA ASP F 85 39.50 -14.37 -36.88
C ASP F 85 38.38 -13.69 -36.10
N TYR F 86 37.77 -14.43 -35.18
CA TYR F 86 36.60 -13.96 -34.44
C TYR F 86 36.93 -13.74 -32.98
N HIS F 87 36.48 -12.61 -32.44
CA HIS F 87 36.74 -12.20 -31.07
C HIS F 87 35.42 -12.00 -30.34
N CYS F 88 35.39 -12.42 -29.08
CA CYS F 88 34.21 -12.25 -28.23
C CYS F 88 34.56 -11.32 -27.08
N GLY F 89 33.76 -10.25 -26.92
CA GLY F 89 33.96 -9.30 -25.86
C GLY F 89 32.77 -9.30 -24.91
N GLN F 90 32.87 -8.42 -23.91
CA GLN F 90 31.79 -8.20 -22.96
C GLN F 90 31.83 -6.73 -22.55
N SER F 91 30.68 -6.21 -22.15
CA SER F 91 30.66 -4.83 -21.68
C SER F 91 29.68 -4.61 -20.54
N TYR F 92 29.31 -5.66 -19.81
CA TYR F 92 28.51 -5.47 -18.61
C TYR F 92 29.32 -4.81 -17.52
N SER F 93 30.63 -5.06 -17.51
CA SER F 93 31.60 -4.40 -16.64
C SER F 93 32.56 -3.64 -17.53
N TYR F 94 33.71 -3.24 -16.99
CA TYR F 94 34.80 -2.74 -17.82
C TYR F 94 35.17 -3.79 -18.86
N PRO F 95 35.36 -3.41 -20.12
CA PRO F 95 35.35 -4.40 -21.21
C PRO F 95 36.63 -5.23 -21.26
N THR F 96 36.45 -6.54 -21.48
CA THR F 96 37.54 -7.48 -21.71
C THR F 96 37.25 -8.24 -22.99
N PHE F 97 38.17 -9.14 -23.35
CA PHE F 97 38.10 -9.84 -24.61
C PHE F 97 38.59 -11.27 -24.45
N GLY F 98 38.24 -12.12 -25.42
CA GLY F 98 38.69 -13.49 -25.45
C GLY F 98 39.99 -13.64 -26.22
N ALA F 99 40.38 -14.90 -26.42
CA ALA F 99 41.64 -15.19 -27.11
C ALA F 99 41.50 -14.96 -28.61
N GLY F 100 40.61 -15.72 -29.26
CA GLY F 100 40.39 -15.56 -30.68
C GLY F 100 40.25 -16.88 -31.41
N THR F 101 39.18 -17.04 -32.17
CA THR F 101 38.91 -18.25 -32.93
C THR F 101 39.20 -17.98 -34.41
N LYS F 102 40.07 -18.79 -34.99
CA LYS F 102 40.45 -18.64 -36.39
C LYS F 102 39.70 -19.65 -37.26
N LEU F 103 39.66 -19.36 -38.55
CA LEU F 103 39.05 -20.23 -39.54
C LEU F 103 40.09 -20.64 -40.58
N GLU F 104 40.04 -21.90 -40.99
CA GLU F 104 41.00 -22.44 -41.95
C GLU F 104 40.26 -23.34 -42.93
N LEU F 105 40.93 -23.65 -44.04
CA LEU F 105 40.36 -24.53 -45.05
C LEU F 105 40.47 -25.99 -44.62
N VAL G 2 31.74 9.68 -38.55
CA VAL G 2 31.55 8.29 -38.92
C VAL G 2 32.89 7.65 -39.27
N GLN G 3 33.94 8.46 -39.32
CA GLN G 3 35.27 8.02 -39.70
C GLN G 3 36.27 8.42 -38.61
N LEU G 4 37.08 7.47 -38.18
CA LEU G 4 38.09 7.69 -37.15
C LEU G 4 39.47 7.50 -37.78
N GLN G 5 40.18 8.61 -37.98
CA GLN G 5 41.49 8.59 -38.61
C GLN G 5 42.57 8.71 -37.54
N GLN G 6 43.50 7.77 -37.54
CA GLN G 6 44.58 7.74 -36.57
C GLN G 6 45.85 8.35 -37.17
N SER G 7 46.95 8.25 -36.42
CA SER G 7 48.23 8.80 -36.85
C SER G 7 48.98 7.77 -37.69
N GLY G 8 50.26 8.04 -37.95
CA GLY G 8 51.10 7.12 -38.67
C GLY G 8 51.82 6.13 -37.76
N ALA G 9 52.60 5.26 -38.38
CA ALA G 9 53.37 4.27 -37.63
C ALA G 9 54.52 4.92 -36.89
N GLU G 10 54.85 4.37 -35.74
CA GLU G 10 55.87 4.91 -34.85
C GLU G 10 56.99 3.90 -34.63
N LEU G 11 58.21 4.41 -34.49
CA LEU G 11 59.38 3.57 -34.27
C LEU G 11 60.39 4.40 -33.48
N VAL G 12 60.52 4.11 -32.18
CA VAL G 12 61.43 4.82 -31.30
C VAL G 12 62.22 3.79 -30.48
N LYS G 13 63.21 4.30 -29.76
CA LYS G 13 64.03 3.45 -28.91
C LYS G 13 63.25 3.08 -27.64
N PRO G 14 63.55 1.91 -27.06
CA PRO G 14 62.91 1.55 -25.78
C PRO G 14 63.33 2.48 -24.65
N GLY G 15 62.41 2.70 -23.72
CA GLY G 15 62.60 3.64 -22.64
C GLY G 15 62.22 5.07 -22.96
N ALA G 16 61.85 5.37 -24.19
CA ALA G 16 61.49 6.72 -24.60
C ALA G 16 59.98 6.91 -24.45
N SER G 17 59.47 8.02 -25.00
CA SER G 17 58.05 8.33 -24.95
C SER G 17 57.55 8.60 -26.37
N VAL G 18 56.31 8.22 -26.63
CA VAL G 18 55.70 8.36 -27.94
C VAL G 18 54.32 9.02 -27.80
N LYS G 19 54.05 9.99 -28.68
CA LYS G 19 52.76 10.64 -28.73
C LYS G 19 51.90 9.97 -29.80
N LEU G 20 50.72 9.50 -29.40
CA LEU G 20 49.84 8.78 -30.30
C LEU G 20 48.45 9.42 -30.22
N SER G 21 47.77 9.50 -31.36
CA SER G 21 46.55 10.28 -31.44
C SER G 21 45.66 9.73 -32.54
N CYS G 22 44.35 10.03 -32.43
CA CYS G 22 43.39 9.71 -33.47
C CYS G 22 42.27 10.74 -33.44
N THR G 23 41.81 11.13 -34.63
CA THR G 23 40.85 12.20 -34.79
C THR G 23 39.53 11.62 -35.27
N ALA G 24 38.43 11.97 -34.59
CA ALA G 24 37.09 11.54 -34.95
C ALA G 24 36.40 12.62 -35.77
N SER G 25 35.72 12.19 -36.83
CA SER G 25 35.01 13.10 -37.72
C SER G 25 33.58 12.62 -37.91
N GLY G 26 32.71 13.56 -38.28
CA GLY G 26 31.31 13.27 -38.53
C GLY G 26 30.41 13.31 -37.31
N PHE G 27 30.98 13.46 -36.12
CA PHE G 27 30.20 13.52 -34.88
C PHE G 27 31.04 14.27 -33.85
N ASN G 28 30.58 14.26 -32.61
CA ASN G 28 31.32 14.83 -31.49
C ASN G 28 31.62 13.75 -30.46
N ILE G 29 32.77 13.89 -29.80
CA ILE G 29 33.20 12.90 -28.81
C ILE G 29 32.61 13.17 -27.43
N LYS G 30 31.89 14.28 -27.25
CA LYS G 30 31.28 14.57 -25.97
C LYS G 30 30.05 13.71 -25.70
N ASP G 31 29.52 13.03 -26.73
CA ASP G 31 28.33 12.22 -26.56
C ASP G 31 28.67 10.79 -26.15
N THR G 32 29.53 10.13 -26.91
CA THR G 32 29.89 8.74 -26.68
C THR G 32 31.29 8.64 -26.06
N TYR G 33 31.50 7.55 -25.34
CA TYR G 33 32.81 7.28 -24.75
C TYR G 33 33.81 6.89 -25.84
N MET G 34 35.09 7.06 -25.52
CA MET G 34 36.18 6.67 -26.41
C MET G 34 37.00 5.59 -25.72
N TYR G 35 37.24 4.50 -26.43
CA TYR G 35 37.91 3.32 -25.89
C TYR G 35 39.23 3.10 -26.63
N TRP G 36 40.27 2.77 -25.88
CA TRP G 36 41.56 2.42 -26.44
C TRP G 36 41.84 0.94 -26.21
N VAL G 37 42.43 0.29 -27.21
CA VAL G 37 42.63 -1.16 -27.18
C VAL G 37 44.03 -1.48 -27.70
N LYS G 38 44.60 -2.58 -27.20
CA LYS G 38 45.91 -3.06 -27.63
C LYS G 38 45.75 -4.39 -28.33
N GLN G 39 46.28 -4.49 -29.55
CA GLN G 39 46.28 -5.74 -30.31
C GLN G 39 47.73 -6.13 -30.58
N ARG G 40 48.23 -7.06 -29.79
CA ARG G 40 49.52 -7.67 -30.09
C ARG G 40 49.40 -8.54 -31.32
N PRO G 41 50.45 -8.63 -32.16
CA PRO G 41 50.38 -9.50 -33.34
C PRO G 41 50.22 -10.98 -32.97
N GLU G 42 49.30 -11.64 -33.67
CA GLU G 42 48.89 -13.03 -33.44
C GLU G 42 48.43 -13.27 -32.00
N GLN G 43 47.77 -12.28 -31.41
CA GLN G 43 47.25 -12.38 -30.05
C GLN G 43 45.86 -11.75 -30.01
N GLY G 44 45.22 -11.86 -28.85
CA GLY G 44 43.91 -11.29 -28.67
C GLY G 44 43.95 -9.80 -28.37
N LEU G 45 42.76 -9.21 -28.32
CA LEU G 45 42.64 -7.79 -28.01
C LEU G 45 42.76 -7.55 -26.52
N GLU G 46 43.42 -6.45 -26.15
CA GLU G 46 43.63 -6.07 -24.76
C GLU G 46 43.15 -4.64 -24.57
N TRP G 47 42.22 -4.45 -23.64
CA TRP G 47 41.63 -3.13 -23.43
C TRP G 47 42.59 -2.24 -22.64
N ILE G 48 42.86 -1.05 -23.17
CA ILE G 48 43.81 -0.14 -22.54
C ILE G 48 43.09 0.68 -21.48
N GLY G 49 42.09 1.46 -21.89
CA GLY G 49 41.43 2.34 -20.94
C GLY G 49 40.20 2.98 -21.54
N ARG G 50 39.56 3.81 -20.72
CA ARG G 50 38.32 4.49 -21.04
C ARG G 50 38.51 5.98 -20.76
N ILE G 51 37.86 6.81 -21.58
CA ILE G 51 37.82 8.25 -21.32
C ILE G 51 36.41 8.76 -21.63
N ASP G 52 35.92 9.65 -20.76
CA ASP G 52 34.68 10.38 -20.98
C ASP G 52 35.04 11.82 -21.29
N PRO G 53 34.98 12.25 -22.57
CA PRO G 53 35.45 13.59 -22.92
C PRO G 53 34.58 14.72 -22.40
N ALA G 54 33.29 14.48 -22.16
CA ALA G 54 32.44 15.52 -21.60
C ALA G 54 32.79 15.79 -20.14
N ASN G 55 33.14 14.74 -19.40
CA ASN G 55 33.48 14.87 -17.99
C ASN G 55 34.97 14.99 -17.74
N GLY G 56 35.81 14.43 -18.61
CA GLY G 56 37.23 14.34 -18.34
C GLY G 56 37.63 13.15 -17.50
N ASP G 57 36.67 12.36 -17.04
CA ASP G 57 36.98 11.18 -16.21
C ASP G 57 37.60 10.08 -17.06
N THR G 58 38.68 9.52 -16.56
CA THR G 58 39.39 8.45 -17.24
C THR G 58 39.46 7.23 -16.34
N LYS G 59 39.23 6.06 -16.91
CA LYS G 59 39.35 4.80 -16.20
C LYS G 59 40.29 3.90 -17.01
N TYR G 60 41.19 3.22 -16.32
CA TYR G 60 42.22 2.42 -16.96
C TYR G 60 42.20 1.00 -16.44
N ASP G 61 42.82 0.11 -17.20
CA ASP G 61 43.06 -1.24 -16.74
C ASP G 61 44.08 -1.21 -15.61
N PRO G 62 43.96 -2.09 -14.61
CA PRO G 62 44.96 -2.14 -13.53
C PRO G 62 46.37 -2.45 -13.98
N LYS G 63 46.55 -3.22 -15.07
CA LYS G 63 47.88 -3.51 -15.55
C LYS G 63 48.45 -2.41 -16.44
N PHE G 64 47.64 -1.44 -16.86
CA PHE G 64 48.11 -0.33 -17.68
C PHE G 64 48.11 1.00 -16.92
N GLN G 65 47.90 0.98 -15.62
CA GLN G 65 47.88 2.20 -14.83
C GLN G 65 49.29 2.74 -14.65
N GLY G 66 49.47 4.03 -14.88
CA GLY G 66 50.77 4.68 -14.75
C GLY G 66 51.57 4.81 -16.02
N LYS G 67 51.74 3.69 -16.74
CA LYS G 67 52.49 3.71 -17.99
C LYS G 67 51.70 4.33 -19.14
N ALA G 68 50.38 4.41 -19.02
CA ALA G 68 49.54 4.95 -20.08
C ALA G 68 48.48 5.85 -19.49
N THR G 69 48.20 6.96 -20.16
CA THR G 69 47.10 7.84 -19.80
C THR G 69 46.49 8.42 -21.05
N ILE G 70 45.20 8.74 -20.97
CA ILE G 70 44.43 9.22 -22.11
C ILE G 70 43.94 10.63 -21.82
N THR G 71 44.21 11.54 -22.75
CA THR G 71 43.76 12.92 -22.68
C THR G 71 42.93 13.25 -23.92
N THR G 72 42.27 14.40 -23.90
CA THR G 72 41.40 14.81 -24.99
C THR G 72 41.28 16.33 -25.01
N ASP G 73 40.72 16.84 -26.10
CA ASP G 73 40.39 18.25 -26.24
C ASP G 73 39.05 18.39 -26.93
N THR G 74 38.47 19.59 -26.85
CA THR G 74 37.12 19.86 -27.34
C THR G 74 37.10 20.47 -28.73
N PHE G 75 38.00 21.44 -29.00
CA PHE G 75 37.96 22.16 -30.28
C PHE G 75 38.38 21.27 -31.44
N SER G 76 39.45 20.50 -31.28
CA SER G 76 39.96 19.68 -32.38
C SER G 76 39.24 18.35 -32.51
N ASN G 77 38.42 17.98 -31.50
CA ASN G 77 37.65 16.72 -31.48
C ASN G 77 38.56 15.51 -31.63
N THR G 78 39.56 15.43 -30.75
CA THR G 78 40.67 14.51 -30.92
C THR G 78 40.97 13.83 -29.57
N ALA G 79 41.39 12.57 -29.63
CA ALA G 79 41.82 11.82 -28.46
C ALA G 79 43.32 11.56 -28.55
N TYR G 80 43.98 11.53 -27.40
CA TYR G 80 45.43 11.40 -27.34
C TYR G 80 45.85 10.29 -26.39
N LEU G 81 46.93 9.61 -26.76
CA LEU G 81 47.59 8.63 -25.90
C LEU G 81 48.95 9.14 -25.47
N GLN G 82 49.35 8.76 -24.26
CA GLN G 82 50.68 9.02 -23.74
C GLN G 82 51.27 7.71 -23.25
N LEU G 83 52.35 7.27 -23.90
CA LEU G 83 53.02 6.03 -23.54
C LEU G 83 54.41 6.35 -23.03
N SER G 84 54.76 5.79 -21.87
CA SER G 84 56.06 6.04 -21.24
C SER G 84 56.70 4.71 -20.89
N SER G 85 58.05 4.73 -20.89
CA SER G 85 58.90 3.57 -20.60
C SER G 85 58.59 2.39 -21.53
N LEU G 86 58.84 2.62 -22.82
CA LEU G 86 58.53 1.63 -23.84
C LEU G 86 59.47 0.43 -23.73
N THR G 87 58.91 -0.76 -23.92
CA THR G 87 59.68 -2.00 -23.85
C THR G 87 59.40 -2.89 -25.05
N SER G 88 59.92 -4.12 -25.02
CA SER G 88 59.73 -5.04 -26.13
C SER G 88 58.30 -5.58 -26.20
N GLU G 89 57.66 -5.75 -25.05
CA GLU G 89 56.29 -6.28 -25.01
C GLU G 89 55.24 -5.25 -25.39
N ASP G 90 55.61 -3.97 -25.53
CA ASP G 90 54.68 -2.94 -25.95
C ASP G 90 54.59 -2.80 -27.45
N THR G 91 55.30 -3.63 -28.22
CA THR G 91 55.21 -3.62 -29.66
C THR G 91 53.89 -4.24 -30.10
N ALA G 92 52.96 -3.41 -30.56
CA ALA G 92 51.62 -3.85 -30.93
C ALA G 92 51.03 -2.82 -31.89
N VAL G 93 49.74 -2.99 -32.20
CA VAL G 93 49.00 -2.04 -33.00
C VAL G 93 47.79 -1.56 -32.19
N TYR G 94 47.52 -0.26 -32.25
CA TYR G 94 46.55 0.37 -31.36
C TYR G 94 45.39 0.93 -32.16
N TYR G 95 44.16 0.69 -31.69
CA TYR G 95 42.96 1.24 -32.25
C TYR G 95 42.23 2.07 -31.19
N CYS G 96 41.54 3.11 -31.63
CA CYS G 96 40.61 3.84 -30.77
C CYS G 96 39.20 3.50 -31.19
N ALA G 97 38.38 3.09 -30.22
CA ALA G 97 37.05 2.55 -30.49
C ALA G 97 35.98 3.47 -29.92
N ARG G 98 35.00 3.81 -30.74
CA ARG G 98 33.85 4.56 -30.28
C ARG G 98 32.85 3.62 -29.63
N LYS G 99 32.33 4.04 -28.47
CA LYS G 99 31.24 3.31 -27.84
C LYS G 99 29.97 3.48 -28.66
N GLY G 100 29.31 2.37 -28.96
CA GLY G 100 28.14 2.39 -29.82
C GLY G 100 26.88 1.94 -29.13
N LEU G 101 25.99 1.31 -29.88
CA LEU G 101 24.69 0.90 -29.34
C LEU G 101 24.87 -0.33 -28.46
N ARG G 102 24.35 -0.23 -27.23
CA ARG G 102 24.39 -1.29 -26.21
C ARG G 102 25.84 -1.68 -25.86
N TRP G 103 26.73 -0.69 -25.84
CA TRP G 103 28.11 -0.79 -25.39
C TRP G 103 28.89 -1.85 -26.17
N ALA G 104 29.10 -1.57 -27.46
CA ALA G 104 29.54 -2.61 -28.36
C ALA G 104 30.77 -2.31 -29.19
N MET G 105 31.45 -1.18 -28.96
CA MET G 105 32.66 -0.75 -29.68
C MET G 105 32.41 -0.66 -31.18
N ASP G 106 31.56 0.30 -31.55
CA ASP G 106 31.01 0.45 -32.89
C ASP G 106 32.06 0.70 -33.97
N TYR G 107 32.74 1.84 -33.91
CA TYR G 107 33.69 2.24 -34.94
C TYR G 107 35.12 1.99 -34.47
N TRP G 108 36.00 1.74 -35.42
CA TRP G 108 37.40 1.45 -35.14
C TRP G 108 38.29 2.25 -36.07
N GLY G 109 39.46 2.65 -35.55
CA GLY G 109 40.45 3.32 -36.36
C GLY G 109 41.26 2.34 -37.18
N GLN G 110 42.05 2.89 -38.10
CA GLN G 110 42.84 2.05 -39.01
C GLN G 110 44.01 1.37 -38.32
N GLY G 111 44.52 1.93 -37.23
CA GLY G 111 45.59 1.28 -36.49
C GLY G 111 46.97 1.87 -36.71
N THR G 112 47.68 2.12 -35.62
CA THR G 112 49.05 2.59 -35.66
C THR G 112 49.94 1.52 -35.05
N SER G 113 50.93 1.06 -35.81
CA SER G 113 51.85 0.02 -35.37
C SER G 113 53.07 0.67 -34.72
N VAL G 114 53.28 0.39 -33.44
CA VAL G 114 54.45 0.88 -32.72
C VAL G 114 55.49 -0.22 -32.69
N THR G 115 56.76 0.17 -32.73
CA THR G 115 57.87 -0.77 -32.73
C THR G 115 59.02 -0.17 -31.93
N VAL G 116 59.67 -1.00 -31.12
CA VAL G 116 60.88 -0.59 -30.41
C VAL G 116 62.06 -1.34 -31.00
N SER G 117 63.27 -0.85 -30.68
CA SER G 117 64.49 -1.43 -31.20
C SER G 117 65.61 -1.40 -30.17
#